data_1CYW
# 
_entry.id   1CYW 
# 
_audit_conform.dict_name       mmcif_pdbx.dic 
_audit_conform.dict_version    5.385 
_audit_conform.dict_location   http://mmcif.pdb.org/dictionaries/ascii/mmcif_pdbx.dic 
# 
loop_
_database_2.database_id 
_database_2.database_code 
_database_2.pdbx_database_accession 
_database_2.pdbx_DOI 
PDB   1CYW         pdb_00001cyw 10.2210/pdb1cyw/pdb 
WWPDB D_1000172610 ?            ?                   
# 
loop_
_pdbx_audit_revision_history.ordinal 
_pdbx_audit_revision_history.data_content_type 
_pdbx_audit_revision_history.major_revision 
_pdbx_audit_revision_history.minor_revision 
_pdbx_audit_revision_history.revision_date 
1 'Structure model' 1 0 1996-03-08 
2 'Structure model' 1 1 2008-03-24 
3 'Structure model' 1 2 2011-07-13 
4 'Structure model' 1 3 2018-04-18 
5 'Structure model' 1 4 2022-08-17 
6 'Structure model' 1 5 2024-02-07 
# 
_pdbx_audit_revision_details.ordinal             1 
_pdbx_audit_revision_details.revision_ordinal    1 
_pdbx_audit_revision_details.data_content_type   'Structure model' 
_pdbx_audit_revision_details.provider            repository 
_pdbx_audit_revision_details.type                'Initial release' 
_pdbx_audit_revision_details.description         ? 
_pdbx_audit_revision_details.details             ? 
# 
loop_
_pdbx_audit_revision_group.ordinal 
_pdbx_audit_revision_group.revision_ordinal 
_pdbx_audit_revision_group.data_content_type 
_pdbx_audit_revision_group.group 
1 2 'Structure model' 'Version format compliance' 
2 3 'Structure model' 'Derived calculations'      
3 3 'Structure model' 'Version format compliance' 
4 4 'Structure model' 'Data collection'           
5 4 'Structure model' Other                       
6 5 'Structure model' 'Data collection'           
7 5 'Structure model' 'Database references'       
8 5 'Structure model' 'Experimental preparation'  
9 6 'Structure model' 'Data collection'           
# 
loop_
_pdbx_audit_revision_category.ordinal 
_pdbx_audit_revision_category.revision_ordinal 
_pdbx_audit_revision_category.data_content_type 
_pdbx_audit_revision_category.category 
1 4 'Structure model' diffrn_detector      
2 4 'Structure model' pdbx_database_status 
3 5 'Structure model' database_2           
4 5 'Structure model' diffrn_detector      
5 5 'Structure model' diffrn_radiation     
6 5 'Structure model' exptl_crystal        
7 6 'Structure model' chem_comp_atom       
8 6 'Structure model' chem_comp_bond       
# 
loop_
_pdbx_audit_revision_item.ordinal 
_pdbx_audit_revision_item.revision_ordinal 
_pdbx_audit_revision_item.data_content_type 
_pdbx_audit_revision_item.item 
1 4 'Structure model' '_diffrn_detector.detector'              
2 4 'Structure model' '_pdbx_database_status.process_site'     
3 5 'Structure model' '_database_2.pdbx_DOI'                   
4 5 'Structure model' '_database_2.pdbx_database_accession'    
5 5 'Structure model' '_diffrn_detector.pdbx_collection_date'  
6 5 'Structure model' '_diffrn_radiation.pdbx_diffrn_protocol' 
7 5 'Structure model' '_exptl_crystal.description'             
# 
_pdbx_database_status.status_code                     REL 
_pdbx_database_status.entry_id                        1CYW 
_pdbx_database_status.recvd_initial_deposition_date   1995-08-22 
_pdbx_database_status.deposit_site                    ? 
_pdbx_database_status.process_site                    BNL 
_pdbx_database_status.SG_entry                        . 
_pdbx_database_status.pdb_format_compatible           Y 
_pdbx_database_status.status_code_mr                  ? 
_pdbx_database_status.status_code_sf                  ? 
_pdbx_database_status.status_code_cs                  ? 
_pdbx_database_status.methods_development_category    ? 
_pdbx_database_status.status_code_nmr_data            ? 
# 
loop_
_audit_author.name 
_audit_author.pdbx_ordinal 
'Wilmanns, M.'       1 
'Lappalainen, P.'    2 
'Kelly, M.'          3 
'Sauer-Eriksson, E.' 4 
'Saraste, M.'        5 
# 
loop_
_citation.id 
_citation.title 
_citation.journal_abbrev 
_citation.journal_volume 
_citation.page_first 
_citation.page_last 
_citation.year 
_citation.journal_id_ASTM 
_citation.country 
_citation.journal_id_ISSN 
_citation.journal_id_CSD 
_citation.book_publisher 
_citation.pdbx_database_id_PubMed 
_citation.pdbx_database_id_DOI 
primary 
;Crystal structure of the membrane-exposed domain from a respiratory quinol oxidase complex with an engineered dinuclear copper center.
;
Proc.Natl.Acad.Sci.USA 92  11955 11959 1995 PNASA6 US 0027-8424 0040 ? 8618822 10.1073/pnas.92.26.11955 
1       
;Crystallization and Preliminary X-Ray Analysis of the Periplasmic Fragment of Cyoa-A Subunit of the Escherichia Coli Cytochrome O Complex
;
J.Mol.Biol.            229 794   ?     1993 JMOBAK UK 0022-2836 0070 ? ?       ?                        
2       
;Restoration of a Lost Metal-Binding Site: Construction of Two Different Copper Sites Into a Subunit of the E. Coli Cytochrome O Quinol Oxidase Complex
;
'Embo J.'              11  3209  ?     1992 EMJODG UK 0261-4189 0897 ? ?       ?                        
# 
loop_
_citation_author.citation_id 
_citation_author.name 
_citation_author.ordinal 
_citation_author.identifier_ORCID 
primary 'Wilmanns, M.'       1  ? 
primary 'Lappalainen, P.'    2  ? 
primary 'Kelly, M.'          3  ? 
primary 'Sauer-Eriksson, E.' 4  ? 
primary 'Saraste, M.'        5  ? 
1       'Van Der Oost, J.'   6  ? 
1       'Musacchio, A.'      7  ? 
1       'Pauptit, R.A.'      8  ? 
1       'Ceska, T.A.'        9  ? 
1       'Wierenga, R.K.'     10 ? 
1       'Saraste, M.'        11 ? 
2       'Van Der Oost, J.'   12 ? 
2       'Lappalainen, P.'    13 ? 
2       'Musacchio, A.'      14 ? 
2       'Warne, A.'          15 ? 
2       'Lemieux, L.'        16 ? 
2       'Rumbley, J.'        17 ? 
2       'Gennis, R.B.'       18 ? 
2       'Aasa, R.'           19 ? 
2       'Pascher, T.'        20 ? 
2       'Malmstrom, B.M.'    21 ? 
2       'Saraste, M.'        22 ? 
# 
loop_
_entity.id 
_entity.type 
_entity.src_method 
_entity.pdbx_description 
_entity.formula_weight 
_entity.pdbx_number_of_molecules 
_entity.pdbx_ec 
_entity.pdbx_mutation 
_entity.pdbx_fragment 
_entity.details 
1 polymer man CYOA  22703.582 1  1.10.3.- ? 'PERIPLASMIC FRAGMENT (RESIDUES 111 - 315)' ? 
2 water   nat water 18.015    46 ?        ? ?                                           ? 
# 
_entity_poly.entity_id                      1 
_entity_poly.type                           'polypeptide(L)' 
_entity_poly.nstd_linkage                   no 
_entity_poly.nstd_monomer                   no 
_entity_poly.pdbx_seq_one_letter_code       
;THALEPSKPLAHDEKPITIEVVSMDWKWFFIYPEQGIATVNEIAFPANTPVYFKVTSNSVMNSFFIPRLGSQIYAMAGMQ
TRLHLIANEPGTYDGISASYSGPGFSGMKFKAIATPDRAAFDQWVAKAKQSPNTMSDMAAFEKLAAPSEYNQVEYFSNVK
PDLFADVINKFMAHGKSMDMTQPEGEHSAHEGMEGMDMSHAESAH
;
_entity_poly.pdbx_seq_one_letter_code_can   
;THALEPSKPLAHDEKPITIEVVSMDWKWFFIYPEQGIATVNEIAFPANTPVYFKVTSNSVMNSFFIPRLGSQIYAMAGMQ
TRLHLIANEPGTYDGISASYSGPGFSGMKFKAIATPDRAAFDQWVAKAKQSPNTMSDMAAFEKLAAPSEYNQVEYFSNVK
PDLFADVINKFMAHGKSMDMTQPEGEHSAHEGMEGMDMSHAESAH
;
_entity_poly.pdbx_strand_id                 A 
_entity_poly.pdbx_target_identifier         ? 
# 
_pdbx_entity_nonpoly.entity_id   2 
_pdbx_entity_nonpoly.name        water 
_pdbx_entity_nonpoly.comp_id     HOH 
# 
loop_
_entity_poly_seq.entity_id 
_entity_poly_seq.num 
_entity_poly_seq.mon_id 
_entity_poly_seq.hetero 
1 1   THR n 
1 2   HIS n 
1 3   ALA n 
1 4   LEU n 
1 5   GLU n 
1 6   PRO n 
1 7   SER n 
1 8   LYS n 
1 9   PRO n 
1 10  LEU n 
1 11  ALA n 
1 12  HIS n 
1 13  ASP n 
1 14  GLU n 
1 15  LYS n 
1 16  PRO n 
1 17  ILE n 
1 18  THR n 
1 19  ILE n 
1 20  GLU n 
1 21  VAL n 
1 22  VAL n 
1 23  SER n 
1 24  MET n 
1 25  ASP n 
1 26  TRP n 
1 27  LYS n 
1 28  TRP n 
1 29  PHE n 
1 30  PHE n 
1 31  ILE n 
1 32  TYR n 
1 33  PRO n 
1 34  GLU n 
1 35  GLN n 
1 36  GLY n 
1 37  ILE n 
1 38  ALA n 
1 39  THR n 
1 40  VAL n 
1 41  ASN n 
1 42  GLU n 
1 43  ILE n 
1 44  ALA n 
1 45  PHE n 
1 46  PRO n 
1 47  ALA n 
1 48  ASN n 
1 49  THR n 
1 50  PRO n 
1 51  VAL n 
1 52  TYR n 
1 53  PHE n 
1 54  LYS n 
1 55  VAL n 
1 56  THR n 
1 57  SER n 
1 58  ASN n 
1 59  SER n 
1 60  VAL n 
1 61  MET n 
1 62  ASN n 
1 63  SER n 
1 64  PHE n 
1 65  PHE n 
1 66  ILE n 
1 67  PRO n 
1 68  ARG n 
1 69  LEU n 
1 70  GLY n 
1 71  SER n 
1 72  GLN n 
1 73  ILE n 
1 74  TYR n 
1 75  ALA n 
1 76  MET n 
1 77  ALA n 
1 78  GLY n 
1 79  MET n 
1 80  GLN n 
1 81  THR n 
1 82  ARG n 
1 83  LEU n 
1 84  HIS n 
1 85  LEU n 
1 86  ILE n 
1 87  ALA n 
1 88  ASN n 
1 89  GLU n 
1 90  PRO n 
1 91  GLY n 
1 92  THR n 
1 93  TYR n 
1 94  ASP n 
1 95  GLY n 
1 96  ILE n 
1 97  SER n 
1 98  ALA n 
1 99  SER n 
1 100 TYR n 
1 101 SER n 
1 102 GLY n 
1 103 PRO n 
1 104 GLY n 
1 105 PHE n 
1 106 SER n 
1 107 GLY n 
1 108 MET n 
1 109 LYS n 
1 110 PHE n 
1 111 LYS n 
1 112 ALA n 
1 113 ILE n 
1 114 ALA n 
1 115 THR n 
1 116 PRO n 
1 117 ASP n 
1 118 ARG n 
1 119 ALA n 
1 120 ALA n 
1 121 PHE n 
1 122 ASP n 
1 123 GLN n 
1 124 TRP n 
1 125 VAL n 
1 126 ALA n 
1 127 LYS n 
1 128 ALA n 
1 129 LYS n 
1 130 GLN n 
1 131 SER n 
1 132 PRO n 
1 133 ASN n 
1 134 THR n 
1 135 MET n 
1 136 SER n 
1 137 ASP n 
1 138 MET n 
1 139 ALA n 
1 140 ALA n 
1 141 PHE n 
1 142 GLU n 
1 143 LYS n 
1 144 LEU n 
1 145 ALA n 
1 146 ALA n 
1 147 PRO n 
1 148 SER n 
1 149 GLU n 
1 150 TYR n 
1 151 ASN n 
1 152 GLN n 
1 153 VAL n 
1 154 GLU n 
1 155 TYR n 
1 156 PHE n 
1 157 SER n 
1 158 ASN n 
1 159 VAL n 
1 160 LYS n 
1 161 PRO n 
1 162 ASP n 
1 163 LEU n 
1 164 PHE n 
1 165 ALA n 
1 166 ASP n 
1 167 VAL n 
1 168 ILE n 
1 169 ASN n 
1 170 LYS n 
1 171 PHE n 
1 172 MET n 
1 173 ALA n 
1 174 HIS n 
1 175 GLY n 
1 176 LYS n 
1 177 SER n 
1 178 MET n 
1 179 ASP n 
1 180 MET n 
1 181 THR n 
1 182 GLN n 
1 183 PRO n 
1 184 GLU n 
1 185 GLY n 
1 186 GLU n 
1 187 HIS n 
1 188 SER n 
1 189 ALA n 
1 190 HIS n 
1 191 GLU n 
1 192 GLY n 
1 193 MET n 
1 194 GLU n 
1 195 GLY n 
1 196 MET n 
1 197 ASP n 
1 198 MET n 
1 199 SER n 
1 200 HIS n 
1 201 ALA n 
1 202 GLU n 
1 203 SER n 
1 204 ALA n 
1 205 HIS n 
# 
_entity_src_gen.entity_id                          1 
_entity_src_gen.pdbx_src_id                        1 
_entity_src_gen.pdbx_alt_source_flag               sample 
_entity_src_gen.pdbx_seq_type                      ? 
_entity_src_gen.pdbx_beg_seq_num                   ? 
_entity_src_gen.pdbx_end_seq_num                   ? 
_entity_src_gen.gene_src_common_name               ? 
_entity_src_gen.gene_src_genus                     Escherichia 
_entity_src_gen.pdbx_gene_src_gene                 ? 
_entity_src_gen.gene_src_species                   ? 
_entity_src_gen.gene_src_strain                    ? 
_entity_src_gen.gene_src_tissue                    ? 
_entity_src_gen.gene_src_tissue_fraction           ? 
_entity_src_gen.gene_src_details                   ? 
_entity_src_gen.pdbx_gene_src_fragment             ? 
_entity_src_gen.pdbx_gene_src_scientific_name      'Escherichia coli' 
_entity_src_gen.pdbx_gene_src_ncbi_taxonomy_id     562 
_entity_src_gen.pdbx_gene_src_variant              ? 
_entity_src_gen.pdbx_gene_src_cell_line            ? 
_entity_src_gen.pdbx_gene_src_atcc                 ? 
_entity_src_gen.pdbx_gene_src_organ                ? 
_entity_src_gen.pdbx_gene_src_organelle            ? 
_entity_src_gen.pdbx_gene_src_cell                 ? 
_entity_src_gen.pdbx_gene_src_cellular_location    ? 
_entity_src_gen.host_org_common_name               ? 
_entity_src_gen.pdbx_host_org_scientific_name      'Escherichia coli BL21' 
_entity_src_gen.pdbx_host_org_ncbi_taxonomy_id     511693 
_entity_src_gen.host_org_genus                     Escherichia 
_entity_src_gen.pdbx_host_org_gene                 CYOA 
_entity_src_gen.pdbx_host_org_organ                ? 
_entity_src_gen.host_org_species                   'Escherichia coli' 
_entity_src_gen.pdbx_host_org_tissue               ? 
_entity_src_gen.pdbx_host_org_tissue_fraction      ? 
_entity_src_gen.pdbx_host_org_strain               BL21 
_entity_src_gen.pdbx_host_org_variant              ? 
_entity_src_gen.pdbx_host_org_cell_line            ? 
_entity_src_gen.pdbx_host_org_atcc                 ? 
_entity_src_gen.pdbx_host_org_culture_collection   ? 
_entity_src_gen.pdbx_host_org_cell                 ? 
_entity_src_gen.pdbx_host_org_organelle            ? 
_entity_src_gen.pdbx_host_org_cellular_location    ? 
_entity_src_gen.pdbx_host_org_vector_type          ? 
_entity_src_gen.pdbx_host_org_vector               ? 
_entity_src_gen.host_org_details                   ? 
_entity_src_gen.expression_system_id               ? 
_entity_src_gen.plasmid_name                       PET.E2 
_entity_src_gen.plasmid_details                    ? 
_entity_src_gen.pdbx_description                   ? 
# 
loop_
_chem_comp.id 
_chem_comp.type 
_chem_comp.mon_nstd_flag 
_chem_comp.name 
_chem_comp.pdbx_synonyms 
_chem_comp.formula 
_chem_comp.formula_weight 
ALA 'L-peptide linking' y ALANINE         ? 'C3 H7 N O2'     89.093  
ARG 'L-peptide linking' y ARGININE        ? 'C6 H15 N4 O2 1' 175.209 
ASN 'L-peptide linking' y ASPARAGINE      ? 'C4 H8 N2 O3'    132.118 
ASP 'L-peptide linking' y 'ASPARTIC ACID' ? 'C4 H7 N O4'     133.103 
GLN 'L-peptide linking' y GLUTAMINE       ? 'C5 H10 N2 O3'   146.144 
GLU 'L-peptide linking' y 'GLUTAMIC ACID' ? 'C5 H9 N O4'     147.129 
GLY 'peptide linking'   y GLYCINE         ? 'C2 H5 N O2'     75.067  
HIS 'L-peptide linking' y HISTIDINE       ? 'C6 H10 N3 O2 1' 156.162 
HOH non-polymer         . WATER           ? 'H2 O'           18.015  
ILE 'L-peptide linking' y ISOLEUCINE      ? 'C6 H13 N O2'    131.173 
LEU 'L-peptide linking' y LEUCINE         ? 'C6 H13 N O2'    131.173 
LYS 'L-peptide linking' y LYSINE          ? 'C6 H15 N2 O2 1' 147.195 
MET 'L-peptide linking' y METHIONINE      ? 'C5 H11 N O2 S'  149.211 
PHE 'L-peptide linking' y PHENYLALANINE   ? 'C9 H11 N O2'    165.189 
PRO 'L-peptide linking' y PROLINE         ? 'C5 H9 N O2'     115.130 
SER 'L-peptide linking' y SERINE          ? 'C3 H7 N O3'     105.093 
THR 'L-peptide linking' y THREONINE       ? 'C4 H9 N O3'     119.119 
TRP 'L-peptide linking' y TRYPTOPHAN      ? 'C11 H12 N2 O2'  204.225 
TYR 'L-peptide linking' y TYROSINE        ? 'C9 H11 N O3'    181.189 
VAL 'L-peptide linking' y VALINE          ? 'C5 H11 N O2'    117.146 
# 
loop_
_pdbx_poly_seq_scheme.asym_id 
_pdbx_poly_seq_scheme.entity_id 
_pdbx_poly_seq_scheme.seq_id 
_pdbx_poly_seq_scheme.mon_id 
_pdbx_poly_seq_scheme.ndb_seq_num 
_pdbx_poly_seq_scheme.pdb_seq_num 
_pdbx_poly_seq_scheme.auth_seq_num 
_pdbx_poly_seq_scheme.pdb_mon_id 
_pdbx_poly_seq_scheme.auth_mon_id 
_pdbx_poly_seq_scheme.pdb_strand_id 
_pdbx_poly_seq_scheme.pdb_ins_code 
_pdbx_poly_seq_scheme.hetero 
A 1 1   THR 1   111 ?   ?   ?   A . n 
A 1 2   HIS 2   112 ?   ?   ?   A . n 
A 1 3   ALA 3   113 ?   ?   ?   A . n 
A 1 4   LEU 4   114 ?   ?   ?   A . n 
A 1 5   GLU 5   115 ?   ?   ?   A . n 
A 1 6   PRO 6   116 ?   ?   ?   A . n 
A 1 7   SER 7   117 ?   ?   ?   A . n 
A 1 8   LYS 8   118 ?   ?   ?   A . n 
A 1 9   PRO 9   119 ?   ?   ?   A . n 
A 1 10  LEU 10  120 ?   ?   ?   A . n 
A 1 11  ALA 11  121 ?   ?   ?   A . n 
A 1 12  HIS 12  122 ?   ?   ?   A . n 
A 1 13  ASP 13  123 ?   ?   ?   A . n 
A 1 14  GLU 14  124 ?   ?   ?   A . n 
A 1 15  LYS 15  125 125 LYS LYS A . n 
A 1 16  PRO 16  126 126 PRO PRO A . n 
A 1 17  ILE 17  127 127 ILE ILE A . n 
A 1 18  THR 18  128 128 THR THR A . n 
A 1 19  ILE 19  129 129 ILE ILE A . n 
A 1 20  GLU 20  130 130 GLU GLU A . n 
A 1 21  VAL 21  131 131 VAL VAL A . n 
A 1 22  VAL 22  132 132 VAL VAL A . n 
A 1 23  SER 23  133 133 SER SER A . n 
A 1 24  MET 24  134 134 MET MET A . n 
A 1 25  ASP 25  135 135 ASP ASP A . n 
A 1 26  TRP 26  136 136 TRP TRP A . n 
A 1 27  LYS 27  137 137 LYS LYS A . n 
A 1 28  TRP 28  138 138 TRP TRP A . n 
A 1 29  PHE 29  139 139 PHE PHE A . n 
A 1 30  PHE 30  140 140 PHE PHE A . n 
A 1 31  ILE 31  141 141 ILE ILE A . n 
A 1 32  TYR 32  142 142 TYR TYR A . n 
A 1 33  PRO 33  143 143 PRO PRO A . n 
A 1 34  GLU 34  144 144 GLU GLU A . n 
A 1 35  GLN 35  145 145 GLN GLN A . n 
A 1 36  GLY 36  146 146 GLY GLY A . n 
A 1 37  ILE 37  147 147 ILE ILE A . n 
A 1 38  ALA 38  148 148 ALA ALA A . n 
A 1 39  THR 39  149 149 THR THR A . n 
A 1 40  VAL 40  150 150 VAL VAL A . n 
A 1 41  ASN 41  151 151 ASN ASN A . n 
A 1 42  GLU 42  152 152 GLU GLU A . n 
A 1 43  ILE 43  153 153 ILE ILE A . n 
A 1 44  ALA 44  154 154 ALA ALA A . n 
A 1 45  PHE 45  155 155 PHE PHE A . n 
A 1 46  PRO 46  156 156 PRO PRO A . n 
A 1 47  ALA 47  157 157 ALA ALA A . n 
A 1 48  ASN 48  158 158 ASN ASN A . n 
A 1 49  THR 49  159 159 THR THR A . n 
A 1 50  PRO 50  160 160 PRO PRO A . n 
A 1 51  VAL 51  161 161 VAL VAL A . n 
A 1 52  TYR 52  162 162 TYR TYR A . n 
A 1 53  PHE 53  163 163 PHE PHE A . n 
A 1 54  LYS 54  164 164 LYS LYS A . n 
A 1 55  VAL 55  165 165 VAL VAL A . n 
A 1 56  THR 56  166 166 THR THR A . n 
A 1 57  SER 57  167 167 SER SER A . n 
A 1 58  ASN 58  168 168 ASN ASN A . n 
A 1 59  SER 59  169 169 SER SER A . n 
A 1 60  VAL 60  170 170 VAL VAL A . n 
A 1 61  MET 61  171 171 MET MET A . n 
A 1 62  ASN 62  172 172 ASN ASN A . n 
A 1 63  SER 63  173 173 SER SER A . n 
A 1 64  PHE 64  174 174 PHE PHE A . n 
A 1 65  PHE 65  175 175 PHE PHE A . n 
A 1 66  ILE 66  176 176 ILE ILE A . n 
A 1 67  PRO 67  177 177 PRO PRO A . n 
A 1 68  ARG 68  178 178 ARG ARG A . n 
A 1 69  LEU 69  179 179 LEU LEU A . n 
A 1 70  GLY 70  180 180 GLY GLY A . n 
A 1 71  SER 71  181 181 SER SER A . n 
A 1 72  GLN 72  182 182 GLN GLN A . n 
A 1 73  ILE 73  183 183 ILE ILE A . n 
A 1 74  TYR 74  184 184 TYR TYR A . n 
A 1 75  ALA 75  185 185 ALA ALA A . n 
A 1 76  MET 76  186 186 MET MET A . n 
A 1 77  ALA 77  187 187 ALA ALA A . n 
A 1 78  GLY 78  188 188 GLY GLY A . n 
A 1 79  MET 79  189 189 MET MET A . n 
A 1 80  GLN 80  190 190 GLN GLN A . n 
A 1 81  THR 81  191 191 THR THR A . n 
A 1 82  ARG 82  192 192 ARG ARG A . n 
A 1 83  LEU 83  193 193 LEU LEU A . n 
A 1 84  HIS 84  194 194 HIS HIS A . n 
A 1 85  LEU 85  195 195 LEU LEU A . n 
A 1 86  ILE 86  196 196 ILE ILE A . n 
A 1 87  ALA 87  197 197 ALA ALA A . n 
A 1 88  ASN 88  198 198 ASN ASN A . n 
A 1 89  GLU 89  199 199 GLU GLU A . n 
A 1 90  PRO 90  200 200 PRO PRO A . n 
A 1 91  GLY 91  201 201 GLY GLY A . n 
A 1 92  THR 92  202 202 THR THR A . n 
A 1 93  TYR 93  203 203 TYR TYR A . n 
A 1 94  ASP 94  204 204 ASP ASP A . n 
A 1 95  GLY 95  205 205 GLY GLY A . n 
A 1 96  ILE 96  206 206 ILE ILE A . n 
A 1 97  SER 97  207 207 SER SER A . n 
A 1 98  ALA 98  208 208 ALA ALA A . n 
A 1 99  SER 99  209 209 SER SER A . n 
A 1 100 TYR 100 210 210 TYR TYR A . n 
A 1 101 SER 101 211 211 SER SER A . n 
A 1 102 GLY 102 212 212 GLY GLY A . n 
A 1 103 PRO 103 213 213 PRO PRO A . n 
A 1 104 GLY 104 214 214 GLY GLY A . n 
A 1 105 PHE 105 215 215 PHE PHE A . n 
A 1 106 SER 106 216 216 SER SER A . n 
A 1 107 GLY 107 217 217 GLY GLY A . n 
A 1 108 MET 108 218 218 MET MET A . n 
A 1 109 LYS 109 219 219 LYS LYS A . n 
A 1 110 PHE 110 220 220 PHE PHE A . n 
A 1 111 LYS 111 221 221 LYS LYS A . n 
A 1 112 ALA 112 222 222 ALA ALA A . n 
A 1 113 ILE 113 223 223 ILE ILE A . n 
A 1 114 ALA 114 224 224 ALA ALA A . n 
A 1 115 THR 115 225 225 THR THR A . n 
A 1 116 PRO 116 226 226 PRO PRO A . n 
A 1 117 ASP 117 227 227 ASP ASP A . n 
A 1 118 ARG 118 228 228 ARG ARG A . n 
A 1 119 ALA 119 229 229 ALA ALA A . n 
A 1 120 ALA 120 230 230 ALA ALA A . n 
A 1 121 PHE 121 231 231 PHE PHE A . n 
A 1 122 ASP 122 232 232 ASP ASP A . n 
A 1 123 GLN 123 233 233 GLN GLN A . n 
A 1 124 TRP 124 234 234 TRP TRP A . n 
A 1 125 VAL 125 235 235 VAL VAL A . n 
A 1 126 ALA 126 236 236 ALA ALA A . n 
A 1 127 LYS 127 237 237 LYS LYS A . n 
A 1 128 ALA 128 238 238 ALA ALA A . n 
A 1 129 LYS 129 239 239 LYS LYS A . n 
A 1 130 GLN 130 240 240 GLN GLN A . n 
A 1 131 SER 131 241 241 SER SER A . n 
A 1 132 PRO 132 242 242 PRO PRO A . n 
A 1 133 ASN 133 243 243 ASN ASN A . n 
A 1 134 THR 134 244 244 THR THR A . n 
A 1 135 MET 135 245 245 MET MET A . n 
A 1 136 SER 136 246 246 SER SER A . n 
A 1 137 ASP 137 247 247 ASP ASP A . n 
A 1 138 MET 138 248 248 MET MET A . n 
A 1 139 ALA 139 249 249 ALA ALA A . n 
A 1 140 ALA 140 250 250 ALA ALA A . n 
A 1 141 PHE 141 251 251 PHE PHE A . n 
A 1 142 GLU 142 252 252 GLU GLU A . n 
A 1 143 LYS 143 253 253 LYS LYS A . n 
A 1 144 LEU 144 254 254 LEU LEU A . n 
A 1 145 ALA 145 255 255 ALA ALA A . n 
A 1 146 ALA 146 256 256 ALA ALA A . n 
A 1 147 PRO 147 257 257 PRO PRO A . n 
A 1 148 SER 148 258 258 SER SER A . n 
A 1 149 GLU 149 259 259 GLU GLU A . n 
A 1 150 TYR 150 260 260 TYR TYR A . n 
A 1 151 ASN 151 261 261 ASN ASN A . n 
A 1 152 GLN 152 262 262 GLN GLN A . n 
A 1 153 VAL 153 263 263 VAL VAL A . n 
A 1 154 GLU 154 264 264 GLU GLU A . n 
A 1 155 TYR 155 265 265 TYR TYR A . n 
A 1 156 PHE 156 266 266 PHE PHE A . n 
A 1 157 SER 157 267 267 SER SER A . n 
A 1 158 ASN 158 268 268 ASN ASN A . n 
A 1 159 VAL 159 269 269 VAL VAL A . n 
A 1 160 LYS 160 270 270 LYS LYS A . n 
A 1 161 PRO 161 271 271 PRO PRO A . n 
A 1 162 ASP 162 272 272 ASP ASP A . n 
A 1 163 LEU 163 273 273 LEU LEU A . n 
A 1 164 PHE 164 274 274 PHE PHE A . n 
A 1 165 ALA 165 275 275 ALA ALA A . n 
A 1 166 ASP 166 276 276 ASP ASP A . n 
A 1 167 VAL 167 277 277 VAL VAL A . n 
A 1 168 ILE 168 278 278 ILE ILE A . n 
A 1 169 ASN 169 279 279 ASN ASN A . n 
A 1 170 LYS 170 280 280 LYS LYS A . n 
A 1 171 PHE 171 281 281 PHE PHE A . n 
A 1 172 MET 172 282 282 MET MET A . n 
A 1 173 ALA 173 283 283 ALA ALA A . n 
A 1 174 HIS 174 284 ?   ?   ?   A . n 
A 1 175 GLY 175 285 ?   ?   ?   A . n 
A 1 176 LYS 176 286 ?   ?   ?   A . n 
A 1 177 SER 177 287 ?   ?   ?   A . n 
A 1 178 MET 178 288 ?   ?   ?   A . n 
A 1 179 ASP 179 289 ?   ?   ?   A . n 
A 1 180 MET 180 290 ?   ?   ?   A . n 
A 1 181 THR 181 291 ?   ?   ?   A . n 
A 1 182 GLN 182 292 ?   ?   ?   A . n 
A 1 183 PRO 183 293 ?   ?   ?   A . n 
A 1 184 GLU 184 294 ?   ?   ?   A . n 
A 1 185 GLY 185 295 ?   ?   ?   A . n 
A 1 186 GLU 186 296 ?   ?   ?   A . n 
A 1 187 HIS 187 297 ?   ?   ?   A . n 
A 1 188 SER 188 298 ?   ?   ?   A . n 
A 1 189 ALA 189 299 ?   ?   ?   A . n 
A 1 190 HIS 190 300 ?   ?   ?   A . n 
A 1 191 GLU 191 301 ?   ?   ?   A . n 
A 1 192 GLY 192 302 ?   ?   ?   A . n 
A 1 193 MET 193 303 ?   ?   ?   A . n 
A 1 194 GLU 194 304 ?   ?   ?   A . n 
A 1 195 GLY 195 305 ?   ?   ?   A . n 
A 1 196 MET 196 306 ?   ?   ?   A . n 
A 1 197 ASP 197 307 ?   ?   ?   A . n 
A 1 198 MET 198 308 ?   ?   ?   A . n 
A 1 199 SER 199 309 ?   ?   ?   A . n 
A 1 200 HIS 200 310 ?   ?   ?   A . n 
A 1 201 ALA 201 311 ?   ?   ?   A . n 
A 1 202 GLU 202 312 ?   ?   ?   A . n 
A 1 203 SER 203 313 ?   ?   ?   A . n 
A 1 204 ALA 204 314 ?   ?   ?   A . n 
A 1 205 HIS 205 315 ?   ?   ?   A . n 
# 
loop_
_pdbx_nonpoly_scheme.asym_id 
_pdbx_nonpoly_scheme.entity_id 
_pdbx_nonpoly_scheme.mon_id 
_pdbx_nonpoly_scheme.ndb_seq_num 
_pdbx_nonpoly_scheme.pdb_seq_num 
_pdbx_nonpoly_scheme.auth_seq_num 
_pdbx_nonpoly_scheme.pdb_mon_id 
_pdbx_nonpoly_scheme.auth_mon_id 
_pdbx_nonpoly_scheme.pdb_strand_id 
_pdbx_nonpoly_scheme.pdb_ins_code 
B 2 HOH 1  1  1  HOH HOH A . 
B 2 HOH 2  2  2  HOH HOH A . 
B 2 HOH 3  3  3  HOH HOH A . 
B 2 HOH 4  4  4  HOH HOH A . 
B 2 HOH 5  5  5  HOH HOH A . 
B 2 HOH 6  6  6  HOH HOH A . 
B 2 HOH 7  7  7  HOH HOH A . 
B 2 HOH 8  8  8  HOH HOH A . 
B 2 HOH 9  9  9  HOH HOH A . 
B 2 HOH 10 10 10 HOH HOH A . 
B 2 HOH 11 11 11 HOH HOH A . 
B 2 HOH 12 12 12 HOH HOH A . 
B 2 HOH 13 13 13 HOH HOH A . 
B 2 HOH 14 14 14 HOH HOH A . 
B 2 HOH 15 15 15 HOH HOH A . 
B 2 HOH 16 16 16 HOH HOH A . 
B 2 HOH 17 17 17 HOH HOH A . 
B 2 HOH 18 18 18 HOH HOH A . 
B 2 HOH 19 19 19 HOH HOH A . 
B 2 HOH 20 20 20 HOH HOH A . 
B 2 HOH 21 21 21 HOH HOH A . 
B 2 HOH 22 22 22 HOH HOH A . 
B 2 HOH 23 23 23 HOH HOH A . 
B 2 HOH 24 24 24 HOH HOH A . 
B 2 HOH 25 25 25 HOH HOH A . 
B 2 HOH 26 26 26 HOH HOH A . 
B 2 HOH 27 27 27 HOH HOH A . 
B 2 HOH 28 28 28 HOH HOH A . 
B 2 HOH 29 29 29 HOH HOH A . 
B 2 HOH 30 30 30 HOH HOH A . 
B 2 HOH 31 31 31 HOH HOH A . 
B 2 HOH 32 32 32 HOH HOH A . 
B 2 HOH 33 33 33 HOH HOH A . 
B 2 HOH 34 34 34 HOH HOH A . 
B 2 HOH 35 35 35 HOH HOH A . 
B 2 HOH 36 36 36 HOH HOH A . 
B 2 HOH 37 37 37 HOH HOH A . 
B 2 HOH 38 38 38 HOH HOH A . 
B 2 HOH 39 39 39 HOH HOH A . 
B 2 HOH 40 40 40 HOH HOH A . 
B 2 HOH 41 41 41 HOH HOH A . 
B 2 HOH 42 42 42 HOH HOH A . 
B 2 HOH 43 43 43 HOH HOH A . 
B 2 HOH 44 44 44 HOH HOH A . 
B 2 HOH 45 45 45 HOH HOH A . 
B 2 HOH 46 46 46 HOH HOH A . 
# 
loop_
_pdbx_unobs_or_zero_occ_atoms.id 
_pdbx_unobs_or_zero_occ_atoms.PDB_model_num 
_pdbx_unobs_or_zero_occ_atoms.polymer_flag 
_pdbx_unobs_or_zero_occ_atoms.occupancy_flag 
_pdbx_unobs_or_zero_occ_atoms.auth_asym_id 
_pdbx_unobs_or_zero_occ_atoms.auth_comp_id 
_pdbx_unobs_or_zero_occ_atoms.auth_seq_id 
_pdbx_unobs_or_zero_occ_atoms.PDB_ins_code 
_pdbx_unobs_or_zero_occ_atoms.auth_atom_id 
_pdbx_unobs_or_zero_occ_atoms.label_alt_id 
_pdbx_unobs_or_zero_occ_atoms.label_asym_id 
_pdbx_unobs_or_zero_occ_atoms.label_comp_id 
_pdbx_unobs_or_zero_occ_atoms.label_seq_id 
_pdbx_unobs_or_zero_occ_atoms.label_atom_id 
1 1 Y 1 A LYS 125 ? CG  ? A LYS 15  CG  
2 1 Y 1 A LYS 125 ? CD  ? A LYS 15  CD  
3 1 Y 1 A LYS 125 ? CE  ? A LYS 15  CE  
4 1 Y 1 A LYS 125 ? NZ  ? A LYS 15  NZ  
5 1 Y 1 A GLN 262 ? CG  ? A GLN 152 CG  
6 1 Y 1 A GLN 262 ? CD  ? A GLN 152 CD  
7 1 Y 1 A GLN 262 ? OE1 ? A GLN 152 OE1 
8 1 Y 1 A GLN 262 ? NE2 ? A GLN 152 NE2 
# 
loop_
_software.name 
_software.classification 
_software.version 
_software.citation_id 
_software.pdbx_ordinal 
_software.date 
_software.type 
_software.location 
_software.language 
X-PLOR 'model building' 3.1 ? 1 ? ? ? ? 
X-PLOR refinement       3.1 ? 2 ? ? ? ? 
XDS    'data reduction' .   ? 3 ? ? ? ? 
X-PLOR phasing          3.1 ? 4 ? ? ? ? 
# 
_cell.entry_id           1CYW 
_cell.length_a           47.600 
_cell.length_b           84.100 
_cell.length_c           94.700 
_cell.angle_alpha        90.00 
_cell.angle_beta         90.00 
_cell.angle_gamma        90.00 
_cell.Z_PDB              8 
_cell.pdbx_unique_axis   ? 
# 
_symmetry.entry_id                         1CYW 
_symmetry.space_group_name_H-M             'I 2 2 2' 
_symmetry.pdbx_full_space_group_name_H-M   ? 
_symmetry.cell_setting                     ? 
_symmetry.Int_Tables_number                23 
# 
_exptl.entry_id          1CYW 
_exptl.method            'X-RAY DIFFRACTION' 
_exptl.crystals_number   ? 
# 
_exptl_crystal.id                    1 
_exptl_crystal.density_meas          ? 
_exptl_crystal.density_Matthews      2.09 
_exptl_crystal.density_percent_sol   41.03 
_exptl_crystal.description           'Authors state that several data sets were collected from 1992 to 1994' 
_exptl_crystal.preparation           ? 
# 
_diffrn.id                               1 
_diffrn.ambient_temp                     ? 
_diffrn.ambient_temp_details             ? 
_diffrn.crystal_id                       1 
_diffrn.pdbx_serial_crystal_experiment   ? 
# 
_diffrn_detector.diffrn_id              1 
_diffrn_detector.detector               DIFFRACTOMETER 
_diffrn_detector.type                   'ENRAF-NONIUS FAST' 
_diffrn_detector.pdbx_collection_date   1994 
_diffrn_detector.details                ? 
# 
_diffrn_radiation.diffrn_id                        1 
_diffrn_radiation.wavelength_id                    1 
_diffrn_radiation.pdbx_monochromatic_or_laue_m_l   M 
_diffrn_radiation.monochromator                    ? 
_diffrn_radiation.pdbx_diffrn_protocol             'SINGLE WAVELENGTH' 
_diffrn_radiation.pdbx_scattering_type             x-ray 
# 
_diffrn_radiation_wavelength.id           1 
_diffrn_radiation_wavelength.wavelength   1.5418 
_diffrn_radiation_wavelength.wt           1.0 
# 
_diffrn_source.diffrn_id                   1 
_diffrn_source.source                      ? 
_diffrn_source.type                        ? 
_diffrn_source.pdbx_synchrotron_site       ? 
_diffrn_source.pdbx_synchrotron_beamline   ? 
_diffrn_source.pdbx_wavelength             1.5418 
_diffrn_source.pdbx_wavelength_list        ? 
# 
_reflns.entry_id                     1CYW 
_reflns.observed_criterion_sigma_I   0.0 
_reflns.observed_criterion_sigma_F   ? 
_reflns.d_resolution_low             1000.0 
_reflns.d_resolution_high            2.5 
_reflns.number_obs                   5943 
_reflns.number_all                   ? 
_reflns.percent_possible_obs         86.3 
_reflns.pdbx_Rmerge_I_obs            ? 
_reflns.pdbx_Rsym_value              ? 
_reflns.pdbx_netI_over_sigmaI        ? 
_reflns.B_iso_Wilson_estimate        ? 
_reflns.pdbx_redundancy              ? 
_reflns.pdbx_ordinal                 1 
_reflns.pdbx_diffrn_id               1 
# 
_refine.entry_id                                 1CYW 
_refine.ls_number_reflns_obs                     5180 
_refine.ls_number_reflns_all                     ? 
_refine.pdbx_ls_sigma_I                          ? 
_refine.pdbx_ls_sigma_F                          1.0 
_refine.pdbx_data_cutoff_high_absF               ? 
_refine.pdbx_data_cutoff_low_absF                ? 
_refine.pdbx_data_cutoff_high_rms_absF           ? 
_refine.ls_d_res_low                             6.0 
_refine.ls_d_res_high                            2.5 
_refine.ls_percent_reflns_obs                    81.6 
_refine.ls_R_factor_obs                          0.1920000 
_refine.ls_R_factor_all                          ? 
_refine.ls_R_factor_R_work                       0.1920000 
_refine.ls_R_factor_R_free                       0.3260000 
_refine.ls_R_factor_R_free_error                 ? 
_refine.ls_R_factor_R_free_error_details         ? 
_refine.ls_percent_reflns_R_free                 ? 
_refine.ls_number_reflns_R_free                  ? 
_refine.ls_number_parameters                     ? 
_refine.ls_number_restraints                     ? 
_refine.occupancy_min                            ? 
_refine.occupancy_max                            ? 
_refine.B_iso_mean                               32.7 
_refine.aniso_B[1][1]                            ? 
_refine.aniso_B[2][2]                            ? 
_refine.aniso_B[3][3]                            ? 
_refine.aniso_B[1][2]                            ? 
_refine.aniso_B[1][3]                            ? 
_refine.aniso_B[2][3]                            ? 
_refine.solvent_model_details                    ? 
_refine.solvent_model_param_ksol                 ? 
_refine.solvent_model_param_bsol                 ? 
_refine.pdbx_ls_cross_valid_method               ? 
_refine.details                                  ? 
_refine.pdbx_starting_model                      ? 
_refine.pdbx_method_to_determine_struct          ? 
_refine.pdbx_isotropic_thermal_model             ? 
_refine.pdbx_stereochemistry_target_values       ? 
_refine.pdbx_stereochem_target_val_spec_case     ? 
_refine.pdbx_R_Free_selection_details            ? 
_refine.pdbx_overall_ESU_R                       ? 
_refine.pdbx_overall_ESU_R_Free                  ? 
_refine.overall_SU_ML                            ? 
_refine.overall_SU_B                             ? 
_refine.pdbx_refine_id                           'X-RAY DIFFRACTION' 
_refine.pdbx_diffrn_id                           1 
_refine.pdbx_TLS_residual_ADP_flag               ? 
_refine.correlation_coeff_Fo_to_Fc               ? 
_refine.correlation_coeff_Fo_to_Fc_free          ? 
_refine.pdbx_solvent_vdw_probe_radii             ? 
_refine.pdbx_solvent_ion_probe_radii             ? 
_refine.pdbx_solvent_shrinkage_radii             ? 
_refine.pdbx_overall_phase_error                 ? 
_refine.overall_SU_R_Cruickshank_DPI             ? 
_refine.pdbx_overall_SU_R_free_Cruickshank_DPI   ? 
_refine.pdbx_overall_SU_R_Blow_DPI               ? 
_refine.pdbx_overall_SU_R_free_Blow_DPI          ? 
# 
_refine_analyze.entry_id                        1CYW 
_refine_analyze.Luzzati_coordinate_error_obs    0.30 
_refine_analyze.Luzzati_sigma_a_obs             ? 
_refine_analyze.Luzzati_d_res_low_obs           ? 
_refine_analyze.Luzzati_coordinate_error_free   ? 
_refine_analyze.Luzzati_sigma_a_free            ? 
_refine_analyze.Luzzati_d_res_low_free          ? 
_refine_analyze.number_disordered_residues      ? 
_refine_analyze.occupancy_sum_hydrogen          ? 
_refine_analyze.occupancy_sum_non_hydrogen      ? 
_refine_analyze.pdbx_refine_id                  'X-RAY DIFFRACTION' 
# 
_refine_hist.pdbx_refine_id                   'X-RAY DIFFRACTION' 
_refine_hist.cycle_id                         LAST 
_refine_hist.pdbx_number_atoms_protein        1239 
_refine_hist.pdbx_number_atoms_nucleic_acid   0 
_refine_hist.pdbx_number_atoms_ligand         0 
_refine_hist.number_atoms_solvent             46 
_refine_hist.number_atoms_total               1285 
_refine_hist.d_res_high                       2.5 
_refine_hist.d_res_low                        6.0 
# 
loop_
_refine_ls_restr.type 
_refine_ls_restr.dev_ideal 
_refine_ls_restr.dev_ideal_target 
_refine_ls_restr.weight 
_refine_ls_restr.number 
_refine_ls_restr.pdbx_refine_id 
_refine_ls_restr.pdbx_restraint_function 
x_bond_d                0.015 ? ? ? 'X-RAY DIFFRACTION' ? 
x_bond_d_na             ?     ? ? ? 'X-RAY DIFFRACTION' ? 
x_bond_d_prot           ?     ? ? ? 'X-RAY DIFFRACTION' ? 
x_angle_d               ?     ? ? ? 'X-RAY DIFFRACTION' ? 
x_angle_d_na            ?     ? ? ? 'X-RAY DIFFRACTION' ? 
x_angle_d_prot          ?     ? ? ? 'X-RAY DIFFRACTION' ? 
x_angle_deg             1.964 ? ? ? 'X-RAY DIFFRACTION' ? 
x_angle_deg_na          ?     ? ? ? 'X-RAY DIFFRACTION' ? 
x_angle_deg_prot        ?     ? ? ? 'X-RAY DIFFRACTION' ? 
x_dihedral_angle_d      27.09 ? ? ? 'X-RAY DIFFRACTION' ? 
x_dihedral_angle_d_na   ?     ? ? ? 'X-RAY DIFFRACTION' ? 
x_dihedral_angle_d_prot ?     ? ? ? 'X-RAY DIFFRACTION' ? 
x_improper_angle_d      1.680 ? ? ? 'X-RAY DIFFRACTION' ? 
x_improper_angle_d_na   ?     ? ? ? 'X-RAY DIFFRACTION' ? 
x_improper_angle_d_prot ?     ? ? ? 'X-RAY DIFFRACTION' ? 
x_mcbond_it             ?     ? ? ? 'X-RAY DIFFRACTION' ? 
x_mcangle_it            ?     ? ? ? 'X-RAY DIFFRACTION' ? 
x_scbond_it             ?     ? ? ? 'X-RAY DIFFRACTION' ? 
x_scangle_it            ?     ? ? ? 'X-RAY DIFFRACTION' ? 
# 
_struct.entry_id                  1CYW 
_struct.title                     'QUINOL OXIDASE (PERIPLASMIC FRAGMENT OF SUBUNIT II) (CYOA)' 
_struct.pdbx_model_details        ? 
_struct.pdbx_CASP_flag            ? 
_struct.pdbx_model_type_details   ? 
# 
_struct_keywords.entry_id        1CYW 
_struct_keywords.pdbx_keywords   'ELECTRON TRANSPORT' 
_struct_keywords.text            'ELECTRON TRANSPORT' 
# 
loop_
_struct_asym.id 
_struct_asym.pdbx_blank_PDB_chainid_flag 
_struct_asym.pdbx_modified 
_struct_asym.entity_id 
_struct_asym.details 
A N N 1 ? 
B N N 2 ? 
# 
_struct_ref.id                         1 
_struct_ref.db_name                    UNP 
_struct_ref.db_code                    CYOA_ECOLI 
_struct_ref.entity_id                  1 
_struct_ref.pdbx_db_accession          P0ABJ1 
_struct_ref.pdbx_align_begin           1 
_struct_ref.pdbx_seq_one_letter_code   
;MRLRKYNKSLGWLSLFAGTVLLSGCNSALLDPKGQIGLEQRSLILTAFGLMLIVVIPAILMAVGFAWKYRASNKDAKYSP
NWSHSNKVEAVVWTVPILIIIFLAVLTWKTTHALEPSKPLAHDEKPITIEVVSMDWKWFFIYPEQGIATVNEIAFPANTP
VYFKVTSNSVMNSFFIPRLGSQIYAMAGMQTRLHLIANEPGTYDGISASYSGPGFSGMKFKAIATPDRAAFDQWVAKAKQ
SPNTMSDMAAFEKLAAPSEYNQVEYFSNVKPDLFADVINKFMAHGKSMDMTQPEGEHSAHEGMEGMDMSHAESAH
;
_struct_ref.pdbx_db_isoform            ? 
# 
_struct_ref_seq.align_id                      1 
_struct_ref_seq.ref_id                        1 
_struct_ref_seq.pdbx_PDB_id_code              1CYW 
_struct_ref_seq.pdbx_strand_id                A 
_struct_ref_seq.seq_align_beg                 1 
_struct_ref_seq.pdbx_seq_align_beg_ins_code   ? 
_struct_ref_seq.seq_align_end                 205 
_struct_ref_seq.pdbx_seq_align_end_ins_code   ? 
_struct_ref_seq.pdbx_db_accession             P0ABJ1 
_struct_ref_seq.db_align_beg                  111 
_struct_ref_seq.pdbx_db_align_beg_ins_code    ? 
_struct_ref_seq.db_align_end                  315 
_struct_ref_seq.pdbx_db_align_end_ins_code    ? 
_struct_ref_seq.pdbx_auth_seq_align_beg       111 
_struct_ref_seq.pdbx_auth_seq_align_end       315 
# 
loop_
_pdbx_struct_assembly.id 
_pdbx_struct_assembly.details 
_pdbx_struct_assembly.method_details 
_pdbx_struct_assembly.oligomeric_details 
_pdbx_struct_assembly.oligomeric_count 
1 author_and_software_defined_assembly PISA,PQS dimeric    2 
2 software_defined_assembly            PISA     tetrameric 4 
# 
loop_
_pdbx_struct_assembly_prop.biol_id 
_pdbx_struct_assembly_prop.type 
_pdbx_struct_assembly_prop.value 
_pdbx_struct_assembly_prop.details 
1 'ABSA (A^2)' 1230  ? 
1 MORE         -10   ? 
1 'SSA (A^2)'  13690 ? 
2 'ABSA (A^2)' 5200  ? 
2 MORE         -43   ? 
2 'SSA (A^2)'  24640 ? 
# 
loop_
_pdbx_struct_assembly_gen.assembly_id 
_pdbx_struct_assembly_gen.oper_expression 
_pdbx_struct_assembly_gen.asym_id_list 
1 1,2     A,B 
2 1,2,3,4 A,B 
# 
loop_
_pdbx_struct_oper_list.id 
_pdbx_struct_oper_list.type 
_pdbx_struct_oper_list.name 
_pdbx_struct_oper_list.symmetry_operation 
_pdbx_struct_oper_list.matrix[1][1] 
_pdbx_struct_oper_list.matrix[1][2] 
_pdbx_struct_oper_list.matrix[1][3] 
_pdbx_struct_oper_list.vector[1] 
_pdbx_struct_oper_list.matrix[2][1] 
_pdbx_struct_oper_list.matrix[2][2] 
_pdbx_struct_oper_list.matrix[2][3] 
_pdbx_struct_oper_list.vector[2] 
_pdbx_struct_oper_list.matrix[3][1] 
_pdbx_struct_oper_list.matrix[3][2] 
_pdbx_struct_oper_list.matrix[3][3] 
_pdbx_struct_oper_list.vector[3] 
1 'identity operation'         1_555 x,y,z   1.0000000000  0.0000000000  0.0000000000  0.0000000000  0.0000000000  1.0000000000  0.0000000000  0.0000000000   0.0000000000  0.0000000000  1.0000000000  0.0000000000   
2 'crystal symmetry operation' 2_555 -x,-y,z 0.5632024912  -0.3530978359 0.7470775544  -1.4995978376 -0.3530978359 -0.9202418865 -0.1687506700 -32.3617484462 0.7470775544  -0.1687506700 -0.6429606047 -12.1576243489 
3 'crystal symmetry operation' 3_555 -x,y,-z -0.8141790008 0.5680026039  -0.1203561238 29.8290727117 0.5680026039  0.7362244285  -0.3678948666 -11.2129138538 -0.1203561238 -0.3678948666 -0.9220454276 -6.8637651771  
4 'crystal symmetry operation' 4_555 x,-y,-z -0.7490234903 -0.2149047681 -0.6267214306 14.1317009366 -0.2149047681 -0.8159825419 0.5366455366  -31.4174714962 -0.6267214306 0.5366455366  0.5650060323  16.4323236751 
# 
loop_
_struct_conf.conf_type_id 
_struct_conf.id 
_struct_conf.pdbx_PDB_helix_id 
_struct_conf.beg_label_comp_id 
_struct_conf.beg_label_asym_id 
_struct_conf.beg_label_seq_id 
_struct_conf.pdbx_beg_PDB_ins_code 
_struct_conf.end_label_comp_id 
_struct_conf.end_label_asym_id 
_struct_conf.end_label_seq_id 
_struct_conf.pdbx_end_PDB_ins_code 
_struct_conf.beg_auth_comp_id 
_struct_conf.beg_auth_asym_id 
_struct_conf.beg_auth_seq_id 
_struct_conf.end_auth_comp_id 
_struct_conf.end_auth_asym_id 
_struct_conf.end_auth_seq_id 
_struct_conf.pdbx_PDB_helix_class 
_struct_conf.details 
_struct_conf.pdbx_PDB_helix_length 
HELX_P HELX_P1 1 PRO A 67  ? LEU A 69  ? PRO A 177 LEU A 179 5 ? 3  
HELX_P HELX_P2 2 ARG A 118 ? LYS A 129 ? ARG A 228 LYS A 239 1 ? 12 
HELX_P HELX_P3 3 MET A 138 ? ALA A 145 ? MET A 248 ALA A 255 1 ? 8  
HELX_P HELX_P4 4 LEU A 163 ? PHE A 171 ? LEU A 273 PHE A 281 1 ? 9  
# 
_struct_conf_type.id          HELX_P 
_struct_conf_type.criteria    ? 
_struct_conf_type.reference   ? 
# 
loop_
_struct_sheet.id 
_struct_sheet.type 
_struct_sheet.number_strands 
_struct_sheet.details 
A ? 6 ? 
B ? 3 ? 
C ? 2 ? 
# 
loop_
_struct_sheet_order.sheet_id 
_struct_sheet_order.range_id_1 
_struct_sheet_order.range_id_2 
_struct_sheet_order.offset 
_struct_sheet_order.sense 
A 1 2 ? anti-parallel 
A 2 3 ? anti-parallel 
A 3 4 ? anti-parallel 
A 4 5 ? parallel      
A 5 6 ? anti-parallel 
B 1 2 ? parallel      
B 2 3 ? anti-parallel 
C 1 2 ? anti-parallel 
# 
loop_
_struct_sheet_range.sheet_id 
_struct_sheet_range.id 
_struct_sheet_range.beg_label_comp_id 
_struct_sheet_range.beg_label_asym_id 
_struct_sheet_range.beg_label_seq_id 
_struct_sheet_range.pdbx_beg_PDB_ins_code 
_struct_sheet_range.end_label_comp_id 
_struct_sheet_range.end_label_asym_id 
_struct_sheet_range.end_label_seq_id 
_struct_sheet_range.pdbx_end_PDB_ins_code 
_struct_sheet_range.beg_auth_comp_id 
_struct_sheet_range.beg_auth_asym_id 
_struct_sheet_range.beg_auth_seq_id 
_struct_sheet_range.end_auth_comp_id 
_struct_sheet_range.end_auth_asym_id 
_struct_sheet_range.end_auth_seq_id 
A 1 GLU A 154 ? PHE A 156 ? GLU A 264 PHE A 266 
A 2 ILE A 37  ? VAL A 40  ? ILE A 147 VAL A 150 
A 3 LYS A 27  ? TYR A 32  ? LYS A 137 TYR A 142 
A 4 ILE A 17  ? MET A 24  ? ILE A 127 MET A 134 
A 5 PRO A 50  ? SER A 57  ? PRO A 160 SER A 167 
A 6 THR A 81  ? ILE A 86  ? THR A 191 ILE A 196 
B 1 GLU A 42  ? PRO A 46  ? GLU A 152 PRO A 156 
B 2 PHE A 110 ? THR A 115 ? PHE A 220 THR A 225 
B 3 GLY A 91  ? GLY A 95  ? GLY A 201 GLY A 205 
C 1 ASN A 62  ? ILE A 66  ? ASN A 172 ILE A 176 
C 2 SER A 71  ? ALA A 75  ? SER A 181 ALA A 185 
# 
loop_
_pdbx_struct_sheet_hbond.sheet_id 
_pdbx_struct_sheet_hbond.range_id_1 
_pdbx_struct_sheet_hbond.range_id_2 
_pdbx_struct_sheet_hbond.range_1_label_atom_id 
_pdbx_struct_sheet_hbond.range_1_label_comp_id 
_pdbx_struct_sheet_hbond.range_1_label_asym_id 
_pdbx_struct_sheet_hbond.range_1_label_seq_id 
_pdbx_struct_sheet_hbond.range_1_PDB_ins_code 
_pdbx_struct_sheet_hbond.range_1_auth_atom_id 
_pdbx_struct_sheet_hbond.range_1_auth_comp_id 
_pdbx_struct_sheet_hbond.range_1_auth_asym_id 
_pdbx_struct_sheet_hbond.range_1_auth_seq_id 
_pdbx_struct_sheet_hbond.range_2_label_atom_id 
_pdbx_struct_sheet_hbond.range_2_label_comp_id 
_pdbx_struct_sheet_hbond.range_2_label_asym_id 
_pdbx_struct_sheet_hbond.range_2_label_seq_id 
_pdbx_struct_sheet_hbond.range_2_PDB_ins_code 
_pdbx_struct_sheet_hbond.range_2_auth_atom_id 
_pdbx_struct_sheet_hbond.range_2_auth_comp_id 
_pdbx_struct_sheet_hbond.range_2_auth_asym_id 
_pdbx_struct_sheet_hbond.range_2_auth_seq_id 
A 1 2 O GLU A 154 ? O GLU A 264 N VAL A 40  ? N VAL A 150 
A 2 3 O ILE A 37  ? O ILE A 147 N TYR A 32  ? N TYR A 142 
A 3 4 O LYS A 27  ? O LYS A 137 N MET A 24  ? N MET A 134 
A 4 5 O ILE A 17  ? O ILE A 127 N TYR A 52  ? N TYR A 162 
A 5 6 O VAL A 51  ? O VAL A 161 N LEU A 85  ? N LEU A 195 
B 1 2 O ILE A 43  ? O ILE A 153 N LYS A 111 ? N LYS A 221 
B 2 3 O PHE A 110 ? O PHE A 220 N GLY A 95  ? N GLY A 205 
C 1 2 O ASN A 62  ? O ASN A 172 N ALA A 75  ? N ALA A 185 
# 
loop_
_pdbx_validate_rmsd_angle.id 
_pdbx_validate_rmsd_angle.PDB_model_num 
_pdbx_validate_rmsd_angle.auth_atom_id_1 
_pdbx_validate_rmsd_angle.auth_asym_id_1 
_pdbx_validate_rmsd_angle.auth_comp_id_1 
_pdbx_validate_rmsd_angle.auth_seq_id_1 
_pdbx_validate_rmsd_angle.PDB_ins_code_1 
_pdbx_validate_rmsd_angle.label_alt_id_1 
_pdbx_validate_rmsd_angle.auth_atom_id_2 
_pdbx_validate_rmsd_angle.auth_asym_id_2 
_pdbx_validate_rmsd_angle.auth_comp_id_2 
_pdbx_validate_rmsd_angle.auth_seq_id_2 
_pdbx_validate_rmsd_angle.PDB_ins_code_2 
_pdbx_validate_rmsd_angle.label_alt_id_2 
_pdbx_validate_rmsd_angle.auth_atom_id_3 
_pdbx_validate_rmsd_angle.auth_asym_id_3 
_pdbx_validate_rmsd_angle.auth_comp_id_3 
_pdbx_validate_rmsd_angle.auth_seq_id_3 
_pdbx_validate_rmsd_angle.PDB_ins_code_3 
_pdbx_validate_rmsd_angle.label_alt_id_3 
_pdbx_validate_rmsd_angle.angle_value 
_pdbx_validate_rmsd_angle.angle_target_value 
_pdbx_validate_rmsd_angle.angle_deviation 
_pdbx_validate_rmsd_angle.angle_standard_deviation 
_pdbx_validate_rmsd_angle.linker_flag 
1 1 C A ILE 176 ? ? N A PRO 177 ? ? CA A PRO 177 ? ? 128.60 119.30 9.30  1.50 Y 
2 1 C A LYS 270 ? ? N A PRO 271 ? ? CA A PRO 271 ? ? 129.51 119.30 10.21 1.50 Y 
# 
loop_
_pdbx_validate_torsion.id 
_pdbx_validate_torsion.PDB_model_num 
_pdbx_validate_torsion.auth_comp_id 
_pdbx_validate_torsion.auth_asym_id 
_pdbx_validate_torsion.auth_seq_id 
_pdbx_validate_torsion.PDB_ins_code 
_pdbx_validate_torsion.label_alt_id 
_pdbx_validate_torsion.phi 
_pdbx_validate_torsion.psi 
1 1 TRP A 136 ? ? 84.89   23.59   
2 1 SER A 169 ? ? -157.31 -145.60 
3 1 SER A 207 ? ? -120.56 -163.20 
4 1 TYR A 260 ? ? 38.07   65.81   
# 
loop_
_pdbx_unobs_or_zero_occ_residues.id 
_pdbx_unobs_or_zero_occ_residues.PDB_model_num 
_pdbx_unobs_or_zero_occ_residues.polymer_flag 
_pdbx_unobs_or_zero_occ_residues.occupancy_flag 
_pdbx_unobs_or_zero_occ_residues.auth_asym_id 
_pdbx_unobs_or_zero_occ_residues.auth_comp_id 
_pdbx_unobs_or_zero_occ_residues.auth_seq_id 
_pdbx_unobs_or_zero_occ_residues.PDB_ins_code 
_pdbx_unobs_or_zero_occ_residues.label_asym_id 
_pdbx_unobs_or_zero_occ_residues.label_comp_id 
_pdbx_unobs_or_zero_occ_residues.label_seq_id 
1  1 Y 1 A THR 111 ? A THR 1   
2  1 Y 1 A HIS 112 ? A HIS 2   
3  1 Y 1 A ALA 113 ? A ALA 3   
4  1 Y 1 A LEU 114 ? A LEU 4   
5  1 Y 1 A GLU 115 ? A GLU 5   
6  1 Y 1 A PRO 116 ? A PRO 6   
7  1 Y 1 A SER 117 ? A SER 7   
8  1 Y 1 A LYS 118 ? A LYS 8   
9  1 Y 1 A PRO 119 ? A PRO 9   
10 1 Y 1 A LEU 120 ? A LEU 10  
11 1 Y 1 A ALA 121 ? A ALA 11  
12 1 Y 1 A HIS 122 ? A HIS 12  
13 1 Y 1 A ASP 123 ? A ASP 13  
14 1 Y 1 A GLU 124 ? A GLU 14  
15 1 Y 1 A HIS 284 ? A HIS 174 
16 1 Y 1 A GLY 285 ? A GLY 175 
17 1 Y 1 A LYS 286 ? A LYS 176 
18 1 Y 1 A SER 287 ? A SER 177 
19 1 Y 1 A MET 288 ? A MET 178 
20 1 Y 1 A ASP 289 ? A ASP 179 
21 1 Y 1 A MET 290 ? A MET 180 
22 1 Y 1 A THR 291 ? A THR 181 
23 1 Y 1 A GLN 292 ? A GLN 182 
24 1 Y 1 A PRO 293 ? A PRO 183 
25 1 Y 1 A GLU 294 ? A GLU 184 
26 1 Y 1 A GLY 295 ? A GLY 185 
27 1 Y 1 A GLU 296 ? A GLU 186 
28 1 Y 1 A HIS 297 ? A HIS 187 
29 1 Y 1 A SER 298 ? A SER 188 
30 1 Y 1 A ALA 299 ? A ALA 189 
31 1 Y 1 A HIS 300 ? A HIS 190 
32 1 Y 1 A GLU 301 ? A GLU 191 
33 1 Y 1 A GLY 302 ? A GLY 192 
34 1 Y 1 A MET 303 ? A MET 193 
35 1 Y 1 A GLU 304 ? A GLU 194 
36 1 Y 1 A GLY 305 ? A GLY 195 
37 1 Y 1 A MET 306 ? A MET 196 
38 1 Y 1 A ASP 307 ? A ASP 197 
39 1 Y 1 A MET 308 ? A MET 198 
40 1 Y 1 A SER 309 ? A SER 199 
41 1 Y 1 A HIS 310 ? A HIS 200 
42 1 Y 1 A ALA 311 ? A ALA 201 
43 1 Y 1 A GLU 312 ? A GLU 202 
44 1 Y 1 A SER 313 ? A SER 203 
45 1 Y 1 A ALA 314 ? A ALA 204 
46 1 Y 1 A HIS 315 ? A HIS 205 
# 
loop_
_chem_comp_atom.comp_id 
_chem_comp_atom.atom_id 
_chem_comp_atom.type_symbol 
_chem_comp_atom.pdbx_aromatic_flag 
_chem_comp_atom.pdbx_stereo_config 
_chem_comp_atom.pdbx_ordinal 
ALA N    N N N 1   
ALA CA   C N S 2   
ALA C    C N N 3   
ALA O    O N N 4   
ALA CB   C N N 5   
ALA OXT  O N N 6   
ALA H    H N N 7   
ALA H2   H N N 8   
ALA HA   H N N 9   
ALA HB1  H N N 10  
ALA HB2  H N N 11  
ALA HB3  H N N 12  
ALA HXT  H N N 13  
ARG N    N N N 14  
ARG CA   C N S 15  
ARG C    C N N 16  
ARG O    O N N 17  
ARG CB   C N N 18  
ARG CG   C N N 19  
ARG CD   C N N 20  
ARG NE   N N N 21  
ARG CZ   C N N 22  
ARG NH1  N N N 23  
ARG NH2  N N N 24  
ARG OXT  O N N 25  
ARG H    H N N 26  
ARG H2   H N N 27  
ARG HA   H N N 28  
ARG HB2  H N N 29  
ARG HB3  H N N 30  
ARG HG2  H N N 31  
ARG HG3  H N N 32  
ARG HD2  H N N 33  
ARG HD3  H N N 34  
ARG HE   H N N 35  
ARG HH11 H N N 36  
ARG HH12 H N N 37  
ARG HH21 H N N 38  
ARG HH22 H N N 39  
ARG HXT  H N N 40  
ASN N    N N N 41  
ASN CA   C N S 42  
ASN C    C N N 43  
ASN O    O N N 44  
ASN CB   C N N 45  
ASN CG   C N N 46  
ASN OD1  O N N 47  
ASN ND2  N N N 48  
ASN OXT  O N N 49  
ASN H    H N N 50  
ASN H2   H N N 51  
ASN HA   H N N 52  
ASN HB2  H N N 53  
ASN HB3  H N N 54  
ASN HD21 H N N 55  
ASN HD22 H N N 56  
ASN HXT  H N N 57  
ASP N    N N N 58  
ASP CA   C N S 59  
ASP C    C N N 60  
ASP O    O N N 61  
ASP CB   C N N 62  
ASP CG   C N N 63  
ASP OD1  O N N 64  
ASP OD2  O N N 65  
ASP OXT  O N N 66  
ASP H    H N N 67  
ASP H2   H N N 68  
ASP HA   H N N 69  
ASP HB2  H N N 70  
ASP HB3  H N N 71  
ASP HD2  H N N 72  
ASP HXT  H N N 73  
GLN N    N N N 74  
GLN CA   C N S 75  
GLN C    C N N 76  
GLN O    O N N 77  
GLN CB   C N N 78  
GLN CG   C N N 79  
GLN CD   C N N 80  
GLN OE1  O N N 81  
GLN NE2  N N N 82  
GLN OXT  O N N 83  
GLN H    H N N 84  
GLN H2   H N N 85  
GLN HA   H N N 86  
GLN HB2  H N N 87  
GLN HB3  H N N 88  
GLN HG2  H N N 89  
GLN HG3  H N N 90  
GLN HE21 H N N 91  
GLN HE22 H N N 92  
GLN HXT  H N N 93  
GLU N    N N N 94  
GLU CA   C N S 95  
GLU C    C N N 96  
GLU O    O N N 97  
GLU CB   C N N 98  
GLU CG   C N N 99  
GLU CD   C N N 100 
GLU OE1  O N N 101 
GLU OE2  O N N 102 
GLU OXT  O N N 103 
GLU H    H N N 104 
GLU H2   H N N 105 
GLU HA   H N N 106 
GLU HB2  H N N 107 
GLU HB3  H N N 108 
GLU HG2  H N N 109 
GLU HG3  H N N 110 
GLU HE2  H N N 111 
GLU HXT  H N N 112 
GLY N    N N N 113 
GLY CA   C N N 114 
GLY C    C N N 115 
GLY O    O N N 116 
GLY OXT  O N N 117 
GLY H    H N N 118 
GLY H2   H N N 119 
GLY HA2  H N N 120 
GLY HA3  H N N 121 
GLY HXT  H N N 122 
HIS N    N N N 123 
HIS CA   C N S 124 
HIS C    C N N 125 
HIS O    O N N 126 
HIS CB   C N N 127 
HIS CG   C Y N 128 
HIS ND1  N Y N 129 
HIS CD2  C Y N 130 
HIS CE1  C Y N 131 
HIS NE2  N Y N 132 
HIS OXT  O N N 133 
HIS H    H N N 134 
HIS H2   H N N 135 
HIS HA   H N N 136 
HIS HB2  H N N 137 
HIS HB3  H N N 138 
HIS HD1  H N N 139 
HIS HD2  H N N 140 
HIS HE1  H N N 141 
HIS HE2  H N N 142 
HIS HXT  H N N 143 
HOH O    O N N 144 
HOH H1   H N N 145 
HOH H2   H N N 146 
ILE N    N N N 147 
ILE CA   C N S 148 
ILE C    C N N 149 
ILE O    O N N 150 
ILE CB   C N S 151 
ILE CG1  C N N 152 
ILE CG2  C N N 153 
ILE CD1  C N N 154 
ILE OXT  O N N 155 
ILE H    H N N 156 
ILE H2   H N N 157 
ILE HA   H N N 158 
ILE HB   H N N 159 
ILE HG12 H N N 160 
ILE HG13 H N N 161 
ILE HG21 H N N 162 
ILE HG22 H N N 163 
ILE HG23 H N N 164 
ILE HD11 H N N 165 
ILE HD12 H N N 166 
ILE HD13 H N N 167 
ILE HXT  H N N 168 
LEU N    N N N 169 
LEU CA   C N S 170 
LEU C    C N N 171 
LEU O    O N N 172 
LEU CB   C N N 173 
LEU CG   C N N 174 
LEU CD1  C N N 175 
LEU CD2  C N N 176 
LEU OXT  O N N 177 
LEU H    H N N 178 
LEU H2   H N N 179 
LEU HA   H N N 180 
LEU HB2  H N N 181 
LEU HB3  H N N 182 
LEU HG   H N N 183 
LEU HD11 H N N 184 
LEU HD12 H N N 185 
LEU HD13 H N N 186 
LEU HD21 H N N 187 
LEU HD22 H N N 188 
LEU HD23 H N N 189 
LEU HXT  H N N 190 
LYS N    N N N 191 
LYS CA   C N S 192 
LYS C    C N N 193 
LYS O    O N N 194 
LYS CB   C N N 195 
LYS CG   C N N 196 
LYS CD   C N N 197 
LYS CE   C N N 198 
LYS NZ   N N N 199 
LYS OXT  O N N 200 
LYS H    H N N 201 
LYS H2   H N N 202 
LYS HA   H N N 203 
LYS HB2  H N N 204 
LYS HB3  H N N 205 
LYS HG2  H N N 206 
LYS HG3  H N N 207 
LYS HD2  H N N 208 
LYS HD3  H N N 209 
LYS HE2  H N N 210 
LYS HE3  H N N 211 
LYS HZ1  H N N 212 
LYS HZ2  H N N 213 
LYS HZ3  H N N 214 
LYS HXT  H N N 215 
MET N    N N N 216 
MET CA   C N S 217 
MET C    C N N 218 
MET O    O N N 219 
MET CB   C N N 220 
MET CG   C N N 221 
MET SD   S N N 222 
MET CE   C N N 223 
MET OXT  O N N 224 
MET H    H N N 225 
MET H2   H N N 226 
MET HA   H N N 227 
MET HB2  H N N 228 
MET HB3  H N N 229 
MET HG2  H N N 230 
MET HG3  H N N 231 
MET HE1  H N N 232 
MET HE2  H N N 233 
MET HE3  H N N 234 
MET HXT  H N N 235 
PHE N    N N N 236 
PHE CA   C N S 237 
PHE C    C N N 238 
PHE O    O N N 239 
PHE CB   C N N 240 
PHE CG   C Y N 241 
PHE CD1  C Y N 242 
PHE CD2  C Y N 243 
PHE CE1  C Y N 244 
PHE CE2  C Y N 245 
PHE CZ   C Y N 246 
PHE OXT  O N N 247 
PHE H    H N N 248 
PHE H2   H N N 249 
PHE HA   H N N 250 
PHE HB2  H N N 251 
PHE HB3  H N N 252 
PHE HD1  H N N 253 
PHE HD2  H N N 254 
PHE HE1  H N N 255 
PHE HE2  H N N 256 
PHE HZ   H N N 257 
PHE HXT  H N N 258 
PRO N    N N N 259 
PRO CA   C N S 260 
PRO C    C N N 261 
PRO O    O N N 262 
PRO CB   C N N 263 
PRO CG   C N N 264 
PRO CD   C N N 265 
PRO OXT  O N N 266 
PRO H    H N N 267 
PRO HA   H N N 268 
PRO HB2  H N N 269 
PRO HB3  H N N 270 
PRO HG2  H N N 271 
PRO HG3  H N N 272 
PRO HD2  H N N 273 
PRO HD3  H N N 274 
PRO HXT  H N N 275 
SER N    N N N 276 
SER CA   C N S 277 
SER C    C N N 278 
SER O    O N N 279 
SER CB   C N N 280 
SER OG   O N N 281 
SER OXT  O N N 282 
SER H    H N N 283 
SER H2   H N N 284 
SER HA   H N N 285 
SER HB2  H N N 286 
SER HB3  H N N 287 
SER HG   H N N 288 
SER HXT  H N N 289 
THR N    N N N 290 
THR CA   C N S 291 
THR C    C N N 292 
THR O    O N N 293 
THR CB   C N R 294 
THR OG1  O N N 295 
THR CG2  C N N 296 
THR OXT  O N N 297 
THR H    H N N 298 
THR H2   H N N 299 
THR HA   H N N 300 
THR HB   H N N 301 
THR HG1  H N N 302 
THR HG21 H N N 303 
THR HG22 H N N 304 
THR HG23 H N N 305 
THR HXT  H N N 306 
TRP N    N N N 307 
TRP CA   C N S 308 
TRP C    C N N 309 
TRP O    O N N 310 
TRP CB   C N N 311 
TRP CG   C Y N 312 
TRP CD1  C Y N 313 
TRP CD2  C Y N 314 
TRP NE1  N Y N 315 
TRP CE2  C Y N 316 
TRP CE3  C Y N 317 
TRP CZ2  C Y N 318 
TRP CZ3  C Y N 319 
TRP CH2  C Y N 320 
TRP OXT  O N N 321 
TRP H    H N N 322 
TRP H2   H N N 323 
TRP HA   H N N 324 
TRP HB2  H N N 325 
TRP HB3  H N N 326 
TRP HD1  H N N 327 
TRP HE1  H N N 328 
TRP HE3  H N N 329 
TRP HZ2  H N N 330 
TRP HZ3  H N N 331 
TRP HH2  H N N 332 
TRP HXT  H N N 333 
TYR N    N N N 334 
TYR CA   C N S 335 
TYR C    C N N 336 
TYR O    O N N 337 
TYR CB   C N N 338 
TYR CG   C Y N 339 
TYR CD1  C Y N 340 
TYR CD2  C Y N 341 
TYR CE1  C Y N 342 
TYR CE2  C Y N 343 
TYR CZ   C Y N 344 
TYR OH   O N N 345 
TYR OXT  O N N 346 
TYR H    H N N 347 
TYR H2   H N N 348 
TYR HA   H N N 349 
TYR HB2  H N N 350 
TYR HB3  H N N 351 
TYR HD1  H N N 352 
TYR HD2  H N N 353 
TYR HE1  H N N 354 
TYR HE2  H N N 355 
TYR HH   H N N 356 
TYR HXT  H N N 357 
VAL N    N N N 358 
VAL CA   C N S 359 
VAL C    C N N 360 
VAL O    O N N 361 
VAL CB   C N N 362 
VAL CG1  C N N 363 
VAL CG2  C N N 364 
VAL OXT  O N N 365 
VAL H    H N N 366 
VAL H2   H N N 367 
VAL HA   H N N 368 
VAL HB   H N N 369 
VAL HG11 H N N 370 
VAL HG12 H N N 371 
VAL HG13 H N N 372 
VAL HG21 H N N 373 
VAL HG22 H N N 374 
VAL HG23 H N N 375 
VAL HXT  H N N 376 
# 
loop_
_chem_comp_bond.comp_id 
_chem_comp_bond.atom_id_1 
_chem_comp_bond.atom_id_2 
_chem_comp_bond.value_order 
_chem_comp_bond.pdbx_aromatic_flag 
_chem_comp_bond.pdbx_stereo_config 
_chem_comp_bond.pdbx_ordinal 
ALA N   CA   sing N N 1   
ALA N   H    sing N N 2   
ALA N   H2   sing N N 3   
ALA CA  C    sing N N 4   
ALA CA  CB   sing N N 5   
ALA CA  HA   sing N N 6   
ALA C   O    doub N N 7   
ALA C   OXT  sing N N 8   
ALA CB  HB1  sing N N 9   
ALA CB  HB2  sing N N 10  
ALA CB  HB3  sing N N 11  
ALA OXT HXT  sing N N 12  
ARG N   CA   sing N N 13  
ARG N   H    sing N N 14  
ARG N   H2   sing N N 15  
ARG CA  C    sing N N 16  
ARG CA  CB   sing N N 17  
ARG CA  HA   sing N N 18  
ARG C   O    doub N N 19  
ARG C   OXT  sing N N 20  
ARG CB  CG   sing N N 21  
ARG CB  HB2  sing N N 22  
ARG CB  HB3  sing N N 23  
ARG CG  CD   sing N N 24  
ARG CG  HG2  sing N N 25  
ARG CG  HG3  sing N N 26  
ARG CD  NE   sing N N 27  
ARG CD  HD2  sing N N 28  
ARG CD  HD3  sing N N 29  
ARG NE  CZ   sing N N 30  
ARG NE  HE   sing N N 31  
ARG CZ  NH1  sing N N 32  
ARG CZ  NH2  doub N N 33  
ARG NH1 HH11 sing N N 34  
ARG NH1 HH12 sing N N 35  
ARG NH2 HH21 sing N N 36  
ARG NH2 HH22 sing N N 37  
ARG OXT HXT  sing N N 38  
ASN N   CA   sing N N 39  
ASN N   H    sing N N 40  
ASN N   H2   sing N N 41  
ASN CA  C    sing N N 42  
ASN CA  CB   sing N N 43  
ASN CA  HA   sing N N 44  
ASN C   O    doub N N 45  
ASN C   OXT  sing N N 46  
ASN CB  CG   sing N N 47  
ASN CB  HB2  sing N N 48  
ASN CB  HB3  sing N N 49  
ASN CG  OD1  doub N N 50  
ASN CG  ND2  sing N N 51  
ASN ND2 HD21 sing N N 52  
ASN ND2 HD22 sing N N 53  
ASN OXT HXT  sing N N 54  
ASP N   CA   sing N N 55  
ASP N   H    sing N N 56  
ASP N   H2   sing N N 57  
ASP CA  C    sing N N 58  
ASP CA  CB   sing N N 59  
ASP CA  HA   sing N N 60  
ASP C   O    doub N N 61  
ASP C   OXT  sing N N 62  
ASP CB  CG   sing N N 63  
ASP CB  HB2  sing N N 64  
ASP CB  HB3  sing N N 65  
ASP CG  OD1  doub N N 66  
ASP CG  OD2  sing N N 67  
ASP OD2 HD2  sing N N 68  
ASP OXT HXT  sing N N 69  
GLN N   CA   sing N N 70  
GLN N   H    sing N N 71  
GLN N   H2   sing N N 72  
GLN CA  C    sing N N 73  
GLN CA  CB   sing N N 74  
GLN CA  HA   sing N N 75  
GLN C   O    doub N N 76  
GLN C   OXT  sing N N 77  
GLN CB  CG   sing N N 78  
GLN CB  HB2  sing N N 79  
GLN CB  HB3  sing N N 80  
GLN CG  CD   sing N N 81  
GLN CG  HG2  sing N N 82  
GLN CG  HG3  sing N N 83  
GLN CD  OE1  doub N N 84  
GLN CD  NE2  sing N N 85  
GLN NE2 HE21 sing N N 86  
GLN NE2 HE22 sing N N 87  
GLN OXT HXT  sing N N 88  
GLU N   CA   sing N N 89  
GLU N   H    sing N N 90  
GLU N   H2   sing N N 91  
GLU CA  C    sing N N 92  
GLU CA  CB   sing N N 93  
GLU CA  HA   sing N N 94  
GLU C   O    doub N N 95  
GLU C   OXT  sing N N 96  
GLU CB  CG   sing N N 97  
GLU CB  HB2  sing N N 98  
GLU CB  HB3  sing N N 99  
GLU CG  CD   sing N N 100 
GLU CG  HG2  sing N N 101 
GLU CG  HG3  sing N N 102 
GLU CD  OE1  doub N N 103 
GLU CD  OE2  sing N N 104 
GLU OE2 HE2  sing N N 105 
GLU OXT HXT  sing N N 106 
GLY N   CA   sing N N 107 
GLY N   H    sing N N 108 
GLY N   H2   sing N N 109 
GLY CA  C    sing N N 110 
GLY CA  HA2  sing N N 111 
GLY CA  HA3  sing N N 112 
GLY C   O    doub N N 113 
GLY C   OXT  sing N N 114 
GLY OXT HXT  sing N N 115 
HIS N   CA   sing N N 116 
HIS N   H    sing N N 117 
HIS N   H2   sing N N 118 
HIS CA  C    sing N N 119 
HIS CA  CB   sing N N 120 
HIS CA  HA   sing N N 121 
HIS C   O    doub N N 122 
HIS C   OXT  sing N N 123 
HIS CB  CG   sing N N 124 
HIS CB  HB2  sing N N 125 
HIS CB  HB3  sing N N 126 
HIS CG  ND1  sing Y N 127 
HIS CG  CD2  doub Y N 128 
HIS ND1 CE1  doub Y N 129 
HIS ND1 HD1  sing N N 130 
HIS CD2 NE2  sing Y N 131 
HIS CD2 HD2  sing N N 132 
HIS CE1 NE2  sing Y N 133 
HIS CE1 HE1  sing N N 134 
HIS NE2 HE2  sing N N 135 
HIS OXT HXT  sing N N 136 
HOH O   H1   sing N N 137 
HOH O   H2   sing N N 138 
ILE N   CA   sing N N 139 
ILE N   H    sing N N 140 
ILE N   H2   sing N N 141 
ILE CA  C    sing N N 142 
ILE CA  CB   sing N N 143 
ILE CA  HA   sing N N 144 
ILE C   O    doub N N 145 
ILE C   OXT  sing N N 146 
ILE CB  CG1  sing N N 147 
ILE CB  CG2  sing N N 148 
ILE CB  HB   sing N N 149 
ILE CG1 CD1  sing N N 150 
ILE CG1 HG12 sing N N 151 
ILE CG1 HG13 sing N N 152 
ILE CG2 HG21 sing N N 153 
ILE CG2 HG22 sing N N 154 
ILE CG2 HG23 sing N N 155 
ILE CD1 HD11 sing N N 156 
ILE CD1 HD12 sing N N 157 
ILE CD1 HD13 sing N N 158 
ILE OXT HXT  sing N N 159 
LEU N   CA   sing N N 160 
LEU N   H    sing N N 161 
LEU N   H2   sing N N 162 
LEU CA  C    sing N N 163 
LEU CA  CB   sing N N 164 
LEU CA  HA   sing N N 165 
LEU C   O    doub N N 166 
LEU C   OXT  sing N N 167 
LEU CB  CG   sing N N 168 
LEU CB  HB2  sing N N 169 
LEU CB  HB3  sing N N 170 
LEU CG  CD1  sing N N 171 
LEU CG  CD2  sing N N 172 
LEU CG  HG   sing N N 173 
LEU CD1 HD11 sing N N 174 
LEU CD1 HD12 sing N N 175 
LEU CD1 HD13 sing N N 176 
LEU CD2 HD21 sing N N 177 
LEU CD2 HD22 sing N N 178 
LEU CD2 HD23 sing N N 179 
LEU OXT HXT  sing N N 180 
LYS N   CA   sing N N 181 
LYS N   H    sing N N 182 
LYS N   H2   sing N N 183 
LYS CA  C    sing N N 184 
LYS CA  CB   sing N N 185 
LYS CA  HA   sing N N 186 
LYS C   O    doub N N 187 
LYS C   OXT  sing N N 188 
LYS CB  CG   sing N N 189 
LYS CB  HB2  sing N N 190 
LYS CB  HB3  sing N N 191 
LYS CG  CD   sing N N 192 
LYS CG  HG2  sing N N 193 
LYS CG  HG3  sing N N 194 
LYS CD  CE   sing N N 195 
LYS CD  HD2  sing N N 196 
LYS CD  HD3  sing N N 197 
LYS CE  NZ   sing N N 198 
LYS CE  HE2  sing N N 199 
LYS CE  HE3  sing N N 200 
LYS NZ  HZ1  sing N N 201 
LYS NZ  HZ2  sing N N 202 
LYS NZ  HZ3  sing N N 203 
LYS OXT HXT  sing N N 204 
MET N   CA   sing N N 205 
MET N   H    sing N N 206 
MET N   H2   sing N N 207 
MET CA  C    sing N N 208 
MET CA  CB   sing N N 209 
MET CA  HA   sing N N 210 
MET C   O    doub N N 211 
MET C   OXT  sing N N 212 
MET CB  CG   sing N N 213 
MET CB  HB2  sing N N 214 
MET CB  HB3  sing N N 215 
MET CG  SD   sing N N 216 
MET CG  HG2  sing N N 217 
MET CG  HG3  sing N N 218 
MET SD  CE   sing N N 219 
MET CE  HE1  sing N N 220 
MET CE  HE2  sing N N 221 
MET CE  HE3  sing N N 222 
MET OXT HXT  sing N N 223 
PHE N   CA   sing N N 224 
PHE N   H    sing N N 225 
PHE N   H2   sing N N 226 
PHE CA  C    sing N N 227 
PHE CA  CB   sing N N 228 
PHE CA  HA   sing N N 229 
PHE C   O    doub N N 230 
PHE C   OXT  sing N N 231 
PHE CB  CG   sing N N 232 
PHE CB  HB2  sing N N 233 
PHE CB  HB3  sing N N 234 
PHE CG  CD1  doub Y N 235 
PHE CG  CD2  sing Y N 236 
PHE CD1 CE1  sing Y N 237 
PHE CD1 HD1  sing N N 238 
PHE CD2 CE2  doub Y N 239 
PHE CD2 HD2  sing N N 240 
PHE CE1 CZ   doub Y N 241 
PHE CE1 HE1  sing N N 242 
PHE CE2 CZ   sing Y N 243 
PHE CE2 HE2  sing N N 244 
PHE CZ  HZ   sing N N 245 
PHE OXT HXT  sing N N 246 
PRO N   CA   sing N N 247 
PRO N   CD   sing N N 248 
PRO N   H    sing N N 249 
PRO CA  C    sing N N 250 
PRO CA  CB   sing N N 251 
PRO CA  HA   sing N N 252 
PRO C   O    doub N N 253 
PRO C   OXT  sing N N 254 
PRO CB  CG   sing N N 255 
PRO CB  HB2  sing N N 256 
PRO CB  HB3  sing N N 257 
PRO CG  CD   sing N N 258 
PRO CG  HG2  sing N N 259 
PRO CG  HG3  sing N N 260 
PRO CD  HD2  sing N N 261 
PRO CD  HD3  sing N N 262 
PRO OXT HXT  sing N N 263 
SER N   CA   sing N N 264 
SER N   H    sing N N 265 
SER N   H2   sing N N 266 
SER CA  C    sing N N 267 
SER CA  CB   sing N N 268 
SER CA  HA   sing N N 269 
SER C   O    doub N N 270 
SER C   OXT  sing N N 271 
SER CB  OG   sing N N 272 
SER CB  HB2  sing N N 273 
SER CB  HB3  sing N N 274 
SER OG  HG   sing N N 275 
SER OXT HXT  sing N N 276 
THR N   CA   sing N N 277 
THR N   H    sing N N 278 
THR N   H2   sing N N 279 
THR CA  C    sing N N 280 
THR CA  CB   sing N N 281 
THR CA  HA   sing N N 282 
THR C   O    doub N N 283 
THR C   OXT  sing N N 284 
THR CB  OG1  sing N N 285 
THR CB  CG2  sing N N 286 
THR CB  HB   sing N N 287 
THR OG1 HG1  sing N N 288 
THR CG2 HG21 sing N N 289 
THR CG2 HG22 sing N N 290 
THR CG2 HG23 sing N N 291 
THR OXT HXT  sing N N 292 
TRP N   CA   sing N N 293 
TRP N   H    sing N N 294 
TRP N   H2   sing N N 295 
TRP CA  C    sing N N 296 
TRP CA  CB   sing N N 297 
TRP CA  HA   sing N N 298 
TRP C   O    doub N N 299 
TRP C   OXT  sing N N 300 
TRP CB  CG   sing N N 301 
TRP CB  HB2  sing N N 302 
TRP CB  HB3  sing N N 303 
TRP CG  CD1  doub Y N 304 
TRP CG  CD2  sing Y N 305 
TRP CD1 NE1  sing Y N 306 
TRP CD1 HD1  sing N N 307 
TRP CD2 CE2  doub Y N 308 
TRP CD2 CE3  sing Y N 309 
TRP NE1 CE2  sing Y N 310 
TRP NE1 HE1  sing N N 311 
TRP CE2 CZ2  sing Y N 312 
TRP CE3 CZ3  doub Y N 313 
TRP CE3 HE3  sing N N 314 
TRP CZ2 CH2  doub Y N 315 
TRP CZ2 HZ2  sing N N 316 
TRP CZ3 CH2  sing Y N 317 
TRP CZ3 HZ3  sing N N 318 
TRP CH2 HH2  sing N N 319 
TRP OXT HXT  sing N N 320 
TYR N   CA   sing N N 321 
TYR N   H    sing N N 322 
TYR N   H2   sing N N 323 
TYR CA  C    sing N N 324 
TYR CA  CB   sing N N 325 
TYR CA  HA   sing N N 326 
TYR C   O    doub N N 327 
TYR C   OXT  sing N N 328 
TYR CB  CG   sing N N 329 
TYR CB  HB2  sing N N 330 
TYR CB  HB3  sing N N 331 
TYR CG  CD1  doub Y N 332 
TYR CG  CD2  sing Y N 333 
TYR CD1 CE1  sing Y N 334 
TYR CD1 HD1  sing N N 335 
TYR CD2 CE2  doub Y N 336 
TYR CD2 HD2  sing N N 337 
TYR CE1 CZ   doub Y N 338 
TYR CE1 HE1  sing N N 339 
TYR CE2 CZ   sing Y N 340 
TYR CE2 HE2  sing N N 341 
TYR CZ  OH   sing N N 342 
TYR OH  HH   sing N N 343 
TYR OXT HXT  sing N N 344 
VAL N   CA   sing N N 345 
VAL N   H    sing N N 346 
VAL N   H2   sing N N 347 
VAL CA  C    sing N N 348 
VAL CA  CB   sing N N 349 
VAL CA  HA   sing N N 350 
VAL C   O    doub N N 351 
VAL C   OXT  sing N N 352 
VAL CB  CG1  sing N N 353 
VAL CB  CG2  sing N N 354 
VAL CB  HB   sing N N 355 
VAL CG1 HG11 sing N N 356 
VAL CG1 HG12 sing N N 357 
VAL CG1 HG13 sing N N 358 
VAL CG2 HG21 sing N N 359 
VAL CG2 HG22 sing N N 360 
VAL CG2 HG23 sing N N 361 
VAL OXT HXT  sing N N 362 
# 
_atom_sites.entry_id                    1CYW 
_atom_sites.fract_transf_matrix[1][1]   -0.00744194 
_atom_sites.fract_transf_matrix[1][2]   0.00637234 
_atom_sites.fract_transf_matrix[1][3]   0.01858351 
_atom_sites.fract_transf_matrix[2][1]   0.00362452 
_atom_sites.fract_transf_matrix[2][2]   0.01107915 
_atom_sites.fract_transf_matrix[2][3]   -0.00234760 
_atom_sites.fract_transf_matrix[3][1]   -0.00933591 
_atom_sites.fract_transf_matrix[3][2]   0.00210880 
_atom_sites.fract_transf_matrix[3][3]   -0.00446177 
_atom_sites.fract_transf_vector[1]      0.210496 
_atom_sites.fract_transf_vector[2]      0.167717 
_atom_sites.fract_transf_vector[3]      0.135751 
# 
loop_
_atom_type.symbol 
C 
N 
O 
S 
# 
loop_
_atom_site.group_PDB 
_atom_site.id 
_atom_site.type_symbol 
_atom_site.label_atom_id 
_atom_site.label_alt_id 
_atom_site.label_comp_id 
_atom_site.label_asym_id 
_atom_site.label_entity_id 
_atom_site.label_seq_id 
_atom_site.pdbx_PDB_ins_code 
_atom_site.Cartn_x 
_atom_site.Cartn_y 
_atom_site.Cartn_z 
_atom_site.occupancy 
_atom_site.B_iso_or_equiv 
_atom_site.pdbx_formal_charge 
_atom_site.auth_seq_id 
_atom_site.auth_comp_id 
_atom_site.auth_asym_id 
_atom_site.auth_atom_id 
_atom_site.pdbx_PDB_model_num 
ATOM   1    N N   . LYS A 1 15  ? 3.232   11.460  15.145  1.00 56.87 ? 125 LYS A N   1 
ATOM   2    C CA  . LYS A 1 15  ? 4.375   11.754  14.226  1.00 55.98 ? 125 LYS A CA  1 
ATOM   3    C C   . LYS A 1 15  ? 4.688   10.649  13.206  1.00 53.36 ? 125 LYS A C   1 
ATOM   4    O O   . LYS A 1 15  ? 4.625   10.905  12.012  1.00 51.44 ? 125 LYS A O   1 
ATOM   5    C CB  . LYS A 1 15  ? 5.634   12.134  15.019  1.00 54.04 ? 125 LYS A CB  1 
ATOM   6    N N   . PRO A 1 16  ? 4.997   9.406   13.655  1.00 53.21 ? 126 PRO A N   1 
ATOM   7    C CA  . PRO A 1 16  ? 5.306   8.343   12.680  1.00 50.62 ? 126 PRO A CA  1 
ATOM   8    C C   . PRO A 1 16  ? 4.044   7.835   11.994  1.00 49.98 ? 126 PRO A C   1 
ATOM   9    O O   . PRO A 1 16  ? 2.984   7.714   12.641  1.00 50.36 ? 126 PRO A O   1 
ATOM   10   C CB  . PRO A 1 16  ? 5.944   7.240   13.547  1.00 50.90 ? 126 PRO A CB  1 
ATOM   11   C CG  . PRO A 1 16  ? 6.243   7.910   14.878  1.00 51.38 ? 126 PRO A CG  1 
ATOM   12   C CD  . PRO A 1 16  ? 5.099   8.879   15.024  1.00 52.27 ? 126 PRO A CD  1 
ATOM   13   N N   . ILE A 1 17  ? 4.147   7.552   10.698  1.00 43.51 ? 127 ILE A N   1 
ATOM   14   C CA  . ILE A 1 17  ? 2.999   7.062   9.932   1.00 41.07 ? 127 ILE A CA  1 
ATOM   15   C C   . ILE A 1 17  ? 3.198   5.579   9.643   1.00 36.46 ? 127 ILE A C   1 
ATOM   16   O O   . ILE A 1 17  ? 4.287   5.196   9.248   1.00 36.78 ? 127 ILE A O   1 
ATOM   17   C CB  . ILE A 1 17  ? 2.816   7.876   8.587   1.00 40.74 ? 127 ILE A CB  1 
ATOM   18   C CG1 . ILE A 1 17  ? 2.262   9.267   8.886   1.00 43.58 ? 127 ILE A CG1 1 
ATOM   19   C CG2 . ILE A 1 17  ? 1.811   7.222   7.644   1.00 40.37 ? 127 ILE A CG2 1 
ATOM   20   C CD1 . ILE A 1 17  ? 3.229   10.371  8.593   1.00 42.23 ? 127 ILE A CD1 1 
ATOM   21   N N   . THR A 1 18  ? 2.181   4.748   9.893   1.00 34.11 ? 128 THR A N   1 
ATOM   22   C CA  . THR A 1 18  ? 2.261   3.302   9.623   1.00 33.38 ? 128 THR A CA  1 
ATOM   23   C C   . THR A 1 18  ? 1.392   2.940   8.407   1.00 31.38 ? 128 THR A C   1 
ATOM   24   O O   . THR A 1 18  ? 0.207   3.287   8.337   1.00 32.34 ? 128 THR A O   1 
ATOM   25   C CB  . THR A 1 18  ? 1.814   2.429   10.863  1.00 35.32 ? 128 THR A CB  1 
ATOM   26   O OG1 . THR A 1 18  ? 2.661   2.704   11.999  1.00 28.07 ? 128 THR A OG1 1 
ATOM   27   C CG2 . THR A 1 18  ? 1.864   0.913   10.504  1.00 29.52 ? 128 THR A CG2 1 
ATOM   28   N N   . ILE A 1 19  ? 1.974   2.217   7.464   1.00 28.24 ? 129 ILE A N   1 
ATOM   29   C CA  . ILE A 1 19  ? 1.274   1.828   6.245   1.00 27.84 ? 129 ILE A CA  1 
ATOM   30   C C   . ILE A 1 19  ? 1.498   0.315   6.085   1.00 30.26 ? 129 ILE A C   1 
ATOM   31   O O   . ILE A 1 19  ? 2.624   -0.187  6.282   1.00 29.71 ? 129 ILE A O   1 
ATOM   32   C CB  . ILE A 1 19  ? 1.855   2.610   4.991   1.00 26.56 ? 129 ILE A CB  1 
ATOM   33   C CG1 . ILE A 1 19  ? 1.666   4.124   5.157   1.00 27.85 ? 129 ILE A CG1 1 
ATOM   34   C CG2 . ILE A 1 19  ? 1.216   2.158   3.682   1.00 12.35 ? 129 ILE A CG2 1 
ATOM   35   C CD1 . ILE A 1 19  ? 2.266   4.934   3.986   1.00 23.09 ? 129 ILE A CD1 1 
ATOM   36   N N   . GLU A 1 20  ? 0.400   -0.400  5.819   1.00 25.71 ? 130 GLU A N   1 
ATOM   37   C CA  . GLU A 1 20  ? 0.404   -1.840  5.615   1.00 15.66 ? 130 GLU A CA  1 
ATOM   38   C C   . GLU A 1 20  ? 0.260   -2.097  4.123   1.00 14.85 ? 130 GLU A C   1 
ATOM   39   O O   . GLU A 1 20  ? -0.687  -1.607  3.506   1.00 19.41 ? 130 GLU A O   1 
ATOM   40   C CB  . GLU A 1 20  ? -0.727  -2.459  6.421   1.00 13.01 ? 130 GLU A CB  1 
ATOM   41   C CG  . GLU A 1 20  ? -0.454  -2.341  7.922   1.00 14.63 ? 130 GLU A CG  1 
ATOM   42   C CD  . GLU A 1 20  ? -1.695  -2.558  8.759   1.00 18.41 ? 130 GLU A CD  1 
ATOM   43   O OE1 . GLU A 1 20  ? -2.783  -2.628  8.134   1.00 17.04 ? 130 GLU A OE1 1 
ATOM   44   O OE2 . GLU A 1 20  ? -1.587  -2.663  10.020  1.00 14.97 ? 130 GLU A OE2 1 
ATOM   45   N N   . VAL A 1 21  ? 1.183   -2.872  3.553   1.00 11.32 ? 131 VAL A N   1 
ATOM   46   C CA  . VAL A 1 21  ? 1.210   -3.139  2.121   1.00 13.17 ? 131 VAL A CA  1 
ATOM   47   C C   . VAL A 1 21  ? 0.880   -4.579  1.794   1.00 17.70 ? 131 VAL A C   1 
ATOM   48   O O   . VAL A 1 21  ? 1.374   -5.482  2.453   1.00 23.66 ? 131 VAL A O   1 
ATOM   49   C CB  . VAL A 1 21  ? 2.616   -2.867  1.562   1.00 14.70 ? 131 VAL A CB  1 
ATOM   50   C CG1 . VAL A 1 21  ? 2.588   -2.779  0.032   1.00 14.70 ? 131 VAL A CG1 1 
ATOM   51   C CG2 . VAL A 1 21  ? 3.210   -1.633  2.202   1.00 17.03 ? 131 VAL A CG2 1 
ATOM   52   N N   . VAL A 1 22  ? 0.131   -4.801  0.720   1.00 14.96 ? 132 VAL A N   1 
ATOM   53   C CA  . VAL A 1 22  ? -0.271  -6.143  0.320   1.00 12.65 ? 132 VAL A CA  1 
ATOM   54   C C   . VAL A 1 22  ? -0.224  -6.170  -1.197  1.00 16.20 ? 132 VAL A C   1 
ATOM   55   O O   . VAL A 1 22  ? -1.019  -5.505  -1.852  1.00 15.41 ? 132 VAL A O   1 
ATOM   56   C CB  . VAL A 1 22  ? -1.762  -6.479  0.796   1.00 15.69 ? 132 VAL A CB  1 
ATOM   57   C CG1 . VAL A 1 22  ? -2.126  -7.955  0.503   1.00 2.00  ? 132 VAL A CG1 1 
ATOM   58   C CG2 . VAL A 1 22  ? -1.944  -6.175  2.299   1.00 13.43 ? 132 VAL A CG2 1 
ATOM   59   N N   . SER A 1 23  ? 0.703   -6.933  -1.762  1.00 19.07 ? 133 SER A N   1 
ATOM   60   C CA  . SER A 1 23  ? 0.803   -6.989  -3.202  1.00 18.28 ? 133 SER A CA  1 
ATOM   61   C C   . SER A 1 23  ? -0.163  -8.012  -3.741  1.00 21.93 ? 133 SER A C   1 
ATOM   62   O O   . SER A 1 23  ? -0.004  -9.219  -3.551  1.00 25.43 ? 133 SER A O   1 
ATOM   63   C CB  . SER A 1 23  ? 2.245   -7.239  -3.676  1.00 19.56 ? 133 SER A CB  1 
ATOM   64   O OG  . SER A 1 23  ? 2.692   -8.566  -3.534  1.00 17.10 ? 133 SER A OG  1 
ATOM   65   N N   . MET A 1 24  ? -1.208  -7.518  -4.382  1.00 23.54 ? 134 MET A N   1 
ATOM   66   C CA  . MET A 1 24  ? -2.222  -8.393  -4.927  1.00 16.17 ? 134 MET A CA  1 
ATOM   67   C C   . MET A 1 24  ? -1.806  -8.704  -6.318  1.00 19.30 ? 134 MET A C   1 
ATOM   68   O O   . MET A 1 24  ? -0.744  -8.241  -6.778  1.00 16.29 ? 134 MET A O   1 
ATOM   69   C CB  . MET A 1 24  ? -3.558  -7.695  -4.923  1.00 15.85 ? 134 MET A CB  1 
ATOM   70   C CG  . MET A 1 24  ? -3.878  -7.193  -3.575  1.00 15.12 ? 134 MET A CG  1 
ATOM   71   S SD  . MET A 1 24  ? -5.453  -6.498  -3.529  1.00 15.21 ? 134 MET A SD  1 
ATOM   72   C CE  . MET A 1 24  ? -5.887  -6.948  -1.881  1.00 19.49 ? 134 MET A CE  1 
ATOM   73   N N   . ASP A 1 25  ? -2.594  -9.537  -6.980  1.00 17.87 ? 135 ASP A N   1 
ATOM   74   C CA  . ASP A 1 25  ? -2.240  -9.856  -8.328  1.00 27.32 ? 135 ASP A CA  1 
ATOM   75   C C   . ASP A 1 25  ? -2.438  -8.709  -9.332  1.00 33.21 ? 135 ASP A C   1 
ATOM   76   O O   . ASP A 1 25  ? -3.553  -8.409  -9.824  1.00 28.20 ? 135 ASP A O   1 
ATOM   77   C CB  . ASP A 1 25  ? -2.815  -11.186 -8.807  1.00 29.39 ? 135 ASP A CB  1 
ATOM   78   C CG  . ASP A 1 25  ? -1.811  -12.331 -8.690  1.00 33.08 ? 135 ASP A CG  1 
ATOM   79   O OD1 . ASP A 1 25  ? -0.586  -12.135 -8.809  1.00 33.90 ? 135 ASP A OD1 1 
ATOM   80   O OD2 . ASP A 1 25  ? -2.251  -13.458 -8.467  1.00 41.99 ? 135 ASP A OD2 1 
ATOM   81   N N   . TRP A 1 26  ? -1.291  -8.037  -9.515  1.00 32.25 ? 136 TRP A N   1 
ATOM   82   C CA  . TRP A 1 26  ? -1.055  -6.961  -10.448 1.00 19.28 ? 136 TRP A CA  1 
ATOM   83   C C   . TRP A 1 26  ? -1.407  -5.536  -10.057 1.00 19.59 ? 136 TRP A C   1 
ATOM   84   O O   . TRP A 1 26  ? -1.492  -4.633  -10.904 1.00 20.07 ? 136 TRP A O   1 
ATOM   85   C CB  . TRP A 1 26  ? -1.601  -7.403  -11.766 1.00 22.64 ? 136 TRP A CB  1 
ATOM   86   C CG  . TRP A 1 26  ? -1.195  -8.801  -11.992 1.00 21.23 ? 136 TRP A CG  1 
ATOM   87   C CD1 . TRP A 1 26  ? -0.046  -9.413  -11.537 1.00 21.31 ? 136 TRP A CD1 1 
ATOM   88   C CD2 . TRP A 1 26  ? -1.936  -9.800  -12.674 1.00 29.17 ? 136 TRP A CD2 1 
ATOM   89   N NE1 . TRP A 1 26  ? -0.037  -10.731 -11.898 1.00 25.34 ? 136 TRP A NE1 1 
ATOM   90   C CE2 . TRP A 1 26  ? -1.180  -11.005 -12.599 1.00 32.88 ? 136 TRP A CE2 1 
ATOM   91   C CE3 . TRP A 1 26  ? -3.162  -9.805  -13.342 1.00 24.37 ? 136 TRP A CE3 1 
ATOM   92   C CZ2 . TRP A 1 26  ? -1.620  -12.209 -13.176 1.00 37.90 ? 136 TRP A CZ2 1 
ATOM   93   C CZ3 . TRP A 1 26  ? -3.600  -10.997 -13.916 1.00 38.73 ? 136 TRP A CZ3 1 
ATOM   94   C CH2 . TRP A 1 26  ? -2.829  -12.187 -13.828 1.00 39.01 ? 136 TRP A CH2 1 
ATOM   95   N N   . LYS A 1 27  ? -1.444  -5.326  -8.742  1.00 13.60 ? 137 LYS A N   1 
ATOM   96   C CA  . LYS A 1 27  ? -1.732  -4.038  -8.141  1.00 11.53 ? 137 LYS A CA  1 
ATOM   97   C C   . LYS A 1 27  ? -1.277  -4.089  -6.673  1.00 14.39 ? 137 LYS A C   1 
ATOM   98   O O   . LYS A 1 27  ? -1.050  -5.162  -6.105  1.00 15.80 ? 137 LYS A O   1 
ATOM   99   C CB  . LYS A 1 27  ? -3.224  -3.704  -8.246  1.00 7.17  ? 137 LYS A CB  1 
ATOM   100  C CG  . LYS A 1 27  ? -4.044  -4.029  -6.994  1.00 14.00 ? 137 LYS A CG  1 
ATOM   101  C CD  . LYS A 1 27  ? -5.443  -4.582  -7.279  1.00 18.03 ? 137 LYS A CD  1 
ATOM   102  C CE  . LYS A 1 27  ? -5.362  -5.962  -7.921  1.00 21.31 ? 137 LYS A CE  1 
ATOM   103  N NZ  . LYS A 1 27  ? -6.647  -6.715  -7.802  1.00 19.64 ? 137 LYS A NZ  1 
ATOM   104  N N   . TRP A 1 28  ? -1.140  -2.920  -6.071  1.00 8.57  ? 138 TRP A N   1 
ATOM   105  C CA  . TRP A 1 28  ? -0.721  -2.814  -4.708  1.00 6.24  ? 138 TRP A CA  1 
ATOM   106  C C   . TRP A 1 28  ? -1.886  -2.292  -3.889  1.00 12.86 ? 138 TRP A C   1 
ATOM   107  O O   . TRP A 1 28  ? -2.566  -1.349  -4.287  1.00 16.11 ? 138 TRP A O   1 
ATOM   108  C CB  . TRP A 1 28  ? 0.453   -1.833  -4.613  1.00 11.66 ? 138 TRP A CB  1 
ATOM   109  C CG  . TRP A 1 28  ? 1.731   -2.333  -5.223  1.00 8.90  ? 138 TRP A CG  1 
ATOM   110  C CD1 . TRP A 1 28  ? 2.143   -2.181  -6.509  1.00 4.03  ? 138 TRP A CD1 1 
ATOM   111  C CD2 . TRP A 1 28  ? 2.752   -3.098  -4.547  1.00 11.01 ? 138 TRP A CD2 1 
ATOM   112  N NE1 . TRP A 1 28  ? 3.362   -2.815  -6.689  1.00 12.69 ? 138 TRP A NE1 1 
ATOM   113  C CE2 . TRP A 1 28  ? 3.753   -3.391  -5.502  1.00 9.94  ? 138 TRP A CE2 1 
ATOM   114  C CE3 . TRP A 1 28  ? 2.911   -3.565  -3.225  1.00 7.21  ? 138 TRP A CE3 1 
ATOM   115  C CZ2 . TRP A 1 28  ? 4.906   -4.150  -5.180  1.00 11.76 ? 138 TRP A CZ2 1 
ATOM   116  C CZ3 . TRP A 1 28  ? 4.052   -4.320  -2.904  1.00 8.16  ? 138 TRP A CZ3 1 
ATOM   117  C CH2 . TRP A 1 28  ? 5.035   -4.605  -3.888  1.00 4.09  ? 138 TRP A CH2 1 
ATOM   118  N N   . PHE A 1 29  ? -2.068  -2.843  -2.704  1.00 11.70 ? 139 PHE A N   1 
ATOM   119  C CA  . PHE A 1 29  ? -3.154  -2.431  -1.862  1.00 12.95 ? 139 PHE A CA  1 
ATOM   120  C C   . PHE A 1 29  ? -2.499  -1.899  -0.608  1.00 13.51 ? 139 PHE A C   1 
ATOM   121  O O   . PHE A 1 29  ? -1.583  -2.521  -0.091  1.00 17.42 ? 139 PHE A O   1 
ATOM   122  C CB  . PHE A 1 29  ? -4.052  -3.654  -1.591  1.00 14.62 ? 139 PHE A CB  1 
ATOM   123  C CG  . PHE A 1 29  ? -5.167  -3.399  -0.640  1.00 11.74 ? 139 PHE A CG  1 
ATOM   124  C CD1 . PHE A 1 29  ? -6.243  -2.613  -1.004  1.00 17.86 ? 139 PHE A CD1 1 
ATOM   125  C CD2 . PHE A 1 29  ? -5.143  -3.954  0.624   1.00 15.34 ? 139 PHE A CD2 1 
ATOM   126  C CE1 . PHE A 1 29  ? -7.290  -2.381  -0.101  1.00 24.73 ? 139 PHE A CE1 1 
ATOM   127  C CE2 . PHE A 1 29  ? -6.184  -3.729  1.530   1.00 18.89 ? 139 PHE A CE2 1 
ATOM   128  C CZ  . PHE A 1 29  ? -7.246  -2.952  1.179   1.00 15.42 ? 139 PHE A CZ  1 
ATOM   129  N N   . PHE A 1 30  ? -2.946  -0.741  -0.127  1.00 14.89 ? 140 PHE A N   1 
ATOM   130  C CA  . PHE A 1 30  ? -2.340  -0.138  1.049   1.00 16.89 ? 140 PHE A CA  1 
ATOM   131  C C   . PHE A 1 30  ? -3.352  0.157   2.124   1.00 19.89 ? 140 PHE A C   1 
ATOM   132  O O   . PHE A 1 30  ? -4.438  0.629   1.818   1.00 21.68 ? 140 PHE A O   1 
ATOM   133  C CB  . PHE A 1 30  ? -1.641  1.161   0.660   1.00 16.18 ? 140 PHE A CB  1 
ATOM   134  C CG  . PHE A 1 30  ? -0.600  0.998   -0.426  1.00 16.61 ? 140 PHE A CG  1 
ATOM   135  C CD1 . PHE A 1 30  ? 0.728   0.677   -0.098  1.00 12.35 ? 140 PHE A CD1 1 
ATOM   136  C CD2 . PHE A 1 30  ? -0.946  1.172   -1.772  1.00 11.03 ? 140 PHE A CD2 1 
ATOM   137  C CE1 . PHE A 1 30  ? 1.689   0.533   -1.089  1.00 11.16 ? 140 PHE A CE1 1 
ATOM   138  C CE2 . PHE A 1 30  ? 0.011   1.027   -2.784  1.00 11.63 ? 140 PHE A CE2 1 
ATOM   139  C CZ  . PHE A 1 30  ? 1.330   0.705   -2.445  1.00 14.56 ? 140 PHE A CZ  1 
ATOM   140  N N   . ILE A 1 31  ? -2.991  -0.086  3.382   1.00 20.98 ? 141 ILE A N   1 
ATOM   141  C CA  . ILE A 1 31  ? -3.899  0.180   4.494   1.00 23.36 ? 141 ILE A CA  1 
ATOM   142  C C   . ILE A 1 31  ? -3.273  1.119   5.524   1.00 24.27 ? 141 ILE A C   1 
ATOM   143  O O   . ILE A 1 31  ? -2.083  1.016   5.876   1.00 21.83 ? 141 ILE A O   1 
ATOM   144  C CB  . ILE A 1 31  ? -4.371  -1.117  5.196   1.00 22.55 ? 141 ILE A CB  1 
ATOM   145  C CG1 . ILE A 1 31  ? -5.064  -2.029  4.187   1.00 20.98 ? 141 ILE A CG1 1 
ATOM   146  C CG2 . ILE A 1 31  ? -5.360  -0.794  6.311   1.00 16.51 ? 141 ILE A CG2 1 
ATOM   147  C CD1 . ILE A 1 31  ? -5.229  -3.441  4.706   1.00 27.41 ? 141 ILE A CD1 1 
ATOM   148  N N   . TYR A 1 32  ? -4.095  2.064   5.962   1.00 23.22 ? 142 TYR A N   1 
ATOM   149  C CA  . TYR A 1 32  ? -3.708  3.053   6.940   1.00 22.31 ? 142 TYR A CA  1 
ATOM   150  C C   . TYR A 1 32  ? -4.447  2.718   8.231   1.00 27.45 ? 142 TYR A C   1 
ATOM   151  O O   . TYR A 1 32  ? -5.500  3.299   8.552   1.00 23.78 ? 142 TYR A O   1 
ATOM   152  C CB  . TYR A 1 32  ? -4.050  4.450   6.443   1.00 18.27 ? 142 TYR A CB  1 
ATOM   153  C CG  . TYR A 1 32  ? -3.077  4.980   5.432   1.00 12.29 ? 142 TYR A CG  1 
ATOM   154  C CD1 . TYR A 1 32  ? -3.107  4.541   4.114   1.00 12.90 ? 142 TYR A CD1 1 
ATOM   155  C CD2 . TYR A 1 32  ? -2.123  5.945   5.791   1.00 14.72 ? 142 TYR A CD2 1 
ATOM   156  C CE1 . TYR A 1 32  ? -2.207  5.051   3.166   1.00 11.96 ? 142 TYR A CE1 1 
ATOM   157  C CE2 . TYR A 1 32  ? -1.233  6.460   4.863   1.00 7.48  ? 142 TYR A CE2 1 
ATOM   158  C CZ  . TYR A 1 32  ? -1.284  6.009   3.560   1.00 14.09 ? 142 TYR A CZ  1 
ATOM   159  O OH  . TYR A 1 32  ? -0.411  6.517   2.632   1.00 22.41 ? 142 TYR A OH  1 
ATOM   160  N N   . PRO A 1 33  ? -3.876  1.779   9.007   1.00 27.73 ? 143 PRO A N   1 
ATOM   161  C CA  . PRO A 1 33  ? -4.446  1.334   10.267  1.00 28.65 ? 143 PRO A CA  1 
ATOM   162  C C   . PRO A 1 33  ? -4.887  2.456   11.202  1.00 35.41 ? 143 PRO A C   1 
ATOM   163  O O   . PRO A 1 33  ? -5.994  2.398   11.740  1.00 37.86 ? 143 PRO A O   1 
ATOM   164  C CB  . PRO A 1 33  ? -3.329  0.462   10.853  1.00 25.78 ? 143 PRO A CB  1 
ATOM   165  C CG  . PRO A 1 33  ? -2.077  0.925   10.139  1.00 21.75 ? 143 PRO A CG  1 
ATOM   166  C CD  . PRO A 1 33  ? -2.568  1.135   8.768   1.00 22.89 ? 143 PRO A CD  1 
ATOM   167  N N   . GLU A 1 34  ? -4.062  3.488   11.377  1.00 38.24 ? 144 GLU A N   1 
ATOM   168  C CA  . GLU A 1 34  ? -4.442  4.566   12.286  1.00 38.72 ? 144 GLU A CA  1 
ATOM   169  C C   . GLU A 1 34  ? -5.448  5.529   11.743  1.00 35.58 ? 144 GLU A C   1 
ATOM   170  O O   . GLU A 1 34  ? -6.272  6.025   12.502  1.00 41.30 ? 144 GLU A O   1 
ATOM   171  C CB  . GLU A 1 34  ? -3.243  5.348   12.808  1.00 45.80 ? 144 GLU A CB  1 
ATOM   172  C CG  . GLU A 1 34  ? -2.576  4.703   13.986  1.00 58.11 ? 144 GLU A CG  1 
ATOM   173  C CD  . GLU A 1 34  ? -1.910  3.413   13.599  1.00 68.17 ? 144 GLU A CD  1 
ATOM   174  O OE1 . GLU A 1 34  ? -1.005  3.479   12.735  1.00 72.90 ? 144 GLU A OE1 1 
ATOM   175  O OE2 . GLU A 1 34  ? -2.298  2.342   14.135  1.00 74.73 ? 144 GLU A OE2 1 
ATOM   176  N N   . GLN A 1 35  ? -5.406  5.779   10.439  1.00 32.11 ? 145 GLN A N   1 
ATOM   177  C CA  . GLN A 1 35  ? -6.333  6.729   9.834   1.00 31.87 ? 145 GLN A CA  1 
ATOM   178  C C   . GLN A 1 35  ? -7.664  6.134   9.446   1.00 31.88 ? 145 GLN A C   1 
ATOM   179  O O   . GLN A 1 35  ? -8.640  6.855   9.278   1.00 30.59 ? 145 GLN A O   1 
ATOM   180  C CB  . GLN A 1 35  ? -5.704  7.432   8.634   1.00 31.68 ? 145 GLN A CB  1 
ATOM   181  C CG  . GLN A 1 35  ? -4.646  8.469   9.003   1.00 29.39 ? 145 GLN A CG  1 
ATOM   182  C CD  . GLN A 1 35  ? -3.369  7.850   9.534   1.00 34.45 ? 145 GLN A CD  1 
ATOM   183  O OE1 . GLN A 1 35  ? -2.834  6.895   8.958   1.00 39.17 ? 145 GLN A OE1 1 
ATOM   184  N NE2 . GLN A 1 35  ? -2.864  8.395   10.633  1.00 30.15 ? 145 GLN A NE2 1 
ATOM   185  N N   . GLY A 1 36  ? -7.698  4.821   9.269   1.00 31.99 ? 146 GLY A N   1 
ATOM   186  C CA  . GLY A 1 36  ? -8.938  4.155   8.906   1.00 28.34 ? 146 GLY A CA  1 
ATOM   187  C C   . GLY A 1 36  ? -9.223  4.036   7.427   1.00 28.99 ? 146 GLY A C   1 
ATOM   188  O O   . GLY A 1 36  ? -10.333 3.679   7.055   1.00 33.12 ? 146 GLY A O   1 
ATOM   189  N N   . ILE A 1 37  ? -8.252  4.360   6.576   1.00 28.92 ? 147 ILE A N   1 
ATOM   190  C CA  . ILE A 1 37  ? -8.438  4.233   5.127   1.00 26.59 ? 147 ILE A CA  1 
ATOM   191  C C   . ILE A 1 37  ? -7.540  3.157   4.518   1.00 23.29 ? 147 ILE A C   1 
ATOM   192  O O   . ILE A 1 37  ? -6.675  2.584   5.190   1.00 26.83 ? 147 ILE A O   1 
ATOM   193  C CB  . ILE A 1 37  ? -8.172  5.556   4.353   1.00 29.37 ? 147 ILE A CB  1 
ATOM   194  C CG1 . ILE A 1 37  ? -6.944  6.265   4.913   1.00 30.78 ? 147 ILE A CG1 1 
ATOM   195  C CG2 . ILE A 1 37  ? -9.438  6.427   4.330   1.00 27.94 ? 147 ILE A CG2 1 
ATOM   196  C CD1 . ILE A 1 37  ? -6.441  7.404   4.064   1.00 34.22 ? 147 ILE A CD1 1 
ATOM   197  N N   . ALA A 1 38  ? -7.756  2.908   3.235   1.00 18.31 ? 148 ALA A N   1 
ATOM   198  C CA  . ALA A 1 38  ? -7.002  1.948   2.454   1.00 18.20 ? 148 ALA A CA  1 
ATOM   199  C C   . ALA A 1 38  ? -7.016  2.544   1.036   1.00 22.23 ? 148 ALA A C   1 
ATOM   200  O O   . ALA A 1 38  ? -7.917  3.327   0.700   1.00 23.16 ? 148 ALA A O   1 
ATOM   201  C CB  . ALA A 1 38  ? -7.705  0.586   2.463   1.00 13.08 ? 148 ALA A CB  1 
ATOM   202  N N   . THR A 1 39  ? -6.038  2.192   0.206   1.00 22.47 ? 149 THR A N   1 
ATOM   203  C CA  . THR A 1 39  ? -5.963  2.729   -1.154  1.00 24.78 ? 149 THR A CA  1 
ATOM   204  C C   . THR A 1 39  ? -5.366  1.645   -2.052  1.00 24.22 ? 149 THR A C   1 
ATOM   205  O O   . THR A 1 39  ? -4.928  0.610   -1.551  1.00 25.00 ? 149 THR A O   1 
ATOM   206  C CB  . THR A 1 39  ? -5.015  3.971   -1.240  1.00 28.13 ? 149 THR A CB  1 
ATOM   207  O OG1 . THR A 1 39  ? -3.673  3.545   -0.971  1.00 34.58 ? 149 THR A OG1 1 
ATOM   208  C CG2 . THR A 1 39  ? -5.395  5.083   -0.236  1.00 22.49 ? 149 THR A CG2 1 
ATOM   209  N N   . VAL A 1 40  ? -5.342  1.900   -3.360  1.00 21.24 ? 150 VAL A N   1 
ATOM   210  C CA  . VAL A 1 40  ? -4.775  0.991   -4.353  1.00 20.19 ? 150 VAL A CA  1 
ATOM   211  C C   . VAL A 1 40  ? -3.822  1.809   -5.221  1.00 24.36 ? 150 VAL A C   1 
ATOM   212  O O   . VAL A 1 40  ? -4.215  2.859   -5.738  1.00 26.69 ? 150 VAL A O   1 
ATOM   213  C CB  . VAL A 1 40  ? -5.845  0.446   -5.311  1.00 17.57 ? 150 VAL A CB  1 
ATOM   214  C CG1 . VAL A 1 40  ? -5.214  -0.460  -6.369  1.00 16.93 ? 150 VAL A CG1 1 
ATOM   215  C CG2 . VAL A 1 40  ? -6.922  -0.290  -4.546  1.00 23.95 ? 150 VAL A CG2 1 
ATOM   216  N N   . ASN A 1 41  ? -2.608  1.304   -5.424  1.00 22.89 ? 151 ASN A N   1 
ATOM   217  C CA  . ASN A 1 41  ? -1.591  1.958   -6.249  1.00 15.86 ? 151 ASN A CA  1 
ATOM   218  C C   . ASN A 1 41  ? -1.257  3.394   -5.916  1.00 16.81 ? 151 ASN A C   1 
ATOM   219  O O   . ASN A 1 41  ? -0.844  4.140   -6.790  1.00 20.33 ? 151 ASN A O   1 
ATOM   220  C CB  . ASN A 1 41  ? -1.916  1.845   -7.730  1.00 14.66 ? 151 ASN A CB  1 
ATOM   221  C CG  . ASN A 1 41  ? -1.665  0.476   -8.253  1.00 17.57 ? 151 ASN A CG  1 
ATOM   222  O OD1 . ASN A 1 41  ? -1.004  -0.309  -7.585  1.00 28.33 ? 151 ASN A OD1 1 
ATOM   223  N ND2 . ASN A 1 41  ? -2.170  0.161   -9.441  1.00 11.81 ? 151 ASN A ND2 1 
ATOM   224  N N   . GLU A 1 42  ? -1.433  3.799   -4.667  1.00 17.46 ? 152 GLU A N   1 
ATOM   225  C CA  . GLU A 1 42  ? -1.082  5.153   -4.295  1.00 20.77 ? 152 GLU A CA  1 
ATOM   226  C C   . GLU A 1 42  ? -1.032  5.402   -2.809  1.00 23.51 ? 152 GLU A C   1 
ATOM   227  O O   . GLU A 1 42  ? -2.016  5.190   -2.105  1.00 26.63 ? 152 GLU A O   1 
ATOM   228  C CB  . GLU A 1 42  ? -2.030  6.178   -4.923  1.00 25.29 ? 152 GLU A CB  1 
ATOM   229  C CG  . GLU A 1 42  ? -1.646  7.623   -4.541  1.00 27.67 ? 152 GLU A CG  1 
ATOM   230  C CD  . GLU A 1 42  ? -2.735  8.638   -4.853  1.00 30.09 ? 152 GLU A CD  1 
ATOM   231  O OE1 . GLU A 1 42  ? -2.755  9.122   -6.013  1.00 20.19 ? 152 GLU A OE1 1 
ATOM   232  O OE2 . GLU A 1 42  ? -3.538  8.958   -3.934  1.00 20.19 ? 152 GLU A OE2 1 
ATOM   233  N N   . ILE A 1 43  ? 0.087   5.951   -2.355  1.00 24.47 ? 153 ILE A N   1 
ATOM   234  C CA  . ILE A 1 43  ? 0.258   6.293   -0.949  1.00 28.88 ? 153 ILE A CA  1 
ATOM   235  C C   . ILE A 1 43  ? 0.744   7.722   -0.792  1.00 31.43 ? 153 ILE A C   1 
ATOM   236  O O   . ILE A 1 43  ? 1.388   8.280   -1.682  1.00 37.54 ? 153 ILE A O   1 
ATOM   237  C CB  . ILE A 1 43  ? 1.276   5.384   -0.251  1.00 26.56 ? 153 ILE A CB  1 
ATOM   238  C CG1 . ILE A 1 43  ? 2.516   5.209   -1.132  1.00 22.96 ? 153 ILE A CG1 1 
ATOM   239  C CG2 . ILE A 1 43  ? 0.611   4.088   0.138   1.00 25.22 ? 153 ILE A CG2 1 
ATOM   240  C CD1 . ILE A 1 43  ? 3.715   4.675   -0.407  1.00 22.11 ? 153 ILE A CD1 1 
ATOM   241  N N   . ALA A 1 44  ? 0.453   8.317   0.347   1.00 28.97 ? 154 ALA A N   1 
ATOM   242  C CA  . ALA A 1 44  ? 0.914   9.661   0.597   1.00 29.42 ? 154 ALA A CA  1 
ATOM   243  C C   . ALA A 1 44  ? 1.372   9.731   2.053   1.00 29.76 ? 154 ALA A C   1 
ATOM   244  O O   . ALA A 1 44  ? 0.996   8.907   2.884   1.00 28.58 ? 154 ALA A O   1 
ATOM   245  C CB  . ALA A 1 44  ? -0.190  10.664  0.322   1.00 25.17 ? 154 ALA A CB  1 
ATOM   246  N N   . PHE A 1 45  ? 2.257   10.666  2.333   1.00 30.88 ? 155 PHE A N   1 
ATOM   247  C CA  . PHE A 1 45  ? 2.766   10.857  3.674   1.00 30.17 ? 155 PHE A CA  1 
ATOM   248  C C   . PHE A 1 45  ? 3.531   12.158  3.655   1.00 31.38 ? 155 PHE A C   1 
ATOM   249  O O   . PHE A 1 45  ? 3.938   12.628  2.591   1.00 27.82 ? 155 PHE A O   1 
ATOM   250  C CB  . PHE A 1 45  ? 3.684   9.685   4.085   1.00 31.77 ? 155 PHE A CB  1 
ATOM   251  C CG  . PHE A 1 45  ? 4.586   9.165   2.971   1.00 26.55 ? 155 PHE A CG  1 
ATOM   252  C CD1 . PHE A 1 45  ? 5.841   9.719   2.748   1.00 23.45 ? 155 PHE A CD1 1 
ATOM   253  C CD2 . PHE A 1 45  ? 4.171   8.110   2.161   1.00 20.07 ? 155 PHE A CD2 1 
ATOM   254  C CE1 . PHE A 1 45  ? 6.670   9.240   1.737   1.00 21.58 ? 155 PHE A CE1 1 
ATOM   255  C CE2 . PHE A 1 45  ? 4.987   7.622   1.153   1.00 24.97 ? 155 PHE A CE2 1 
ATOM   256  C CZ  . PHE A 1 45  ? 6.246   8.193   0.936   1.00 26.12 ? 155 PHE A CZ  1 
ATOM   257  N N   . PRO A 1 46  ? 3.634   12.827  4.809   1.00 34.22 ? 156 PRO A N   1 
ATOM   258  C CA  . PRO A 1 46  ? 4.384   14.087  4.787   1.00 36.59 ? 156 PRO A CA  1 
ATOM   259  C C   . PRO A 1 46  ? 5.882   13.815  4.685   1.00 36.30 ? 156 PRO A C   1 
ATOM   260  O O   . PRO A 1 46  ? 6.375   12.821  5.231   1.00 41.36 ? 156 PRO A O   1 
ATOM   261  C CB  . PRO A 1 46  ? 4.033   14.729  6.137   1.00 33.06 ? 156 PRO A CB  1 
ATOM   262  C CG  . PRO A 1 46  ? 2.724   14.105  6.498   1.00 32.03 ? 156 PRO A CG  1 
ATOM   263  C CD  . PRO A 1 46  ? 2.906   12.673  6.078   1.00 31.32 ? 156 PRO A CD  1 
ATOM   264  N N   . ALA A 1 47  ? 6.590   14.677  3.961   1.00 35.58 ? 157 ALA A N   1 
ATOM   265  C CA  . ALA A 1 47  ? 8.029   14.571  3.826   1.00 33.12 ? 157 ALA A CA  1 
ATOM   266  C C   . ALA A 1 47  ? 8.609   14.800  5.223   1.00 36.25 ? 157 ALA A C   1 
ATOM   267  O O   . ALA A 1 47  ? 7.908   15.227  6.147   1.00 37.04 ? 157 ALA A O   1 
ATOM   268  C CB  . ALA A 1 47  ? 8.541   15.613  2.863   1.00 31.12 ? 157 ALA A CB  1 
ATOM   269  N N   . ASN A 1 48  ? 9.897   14.533  5.362   1.00 39.23 ? 158 ASN A N   1 
ATOM   270  C CA  . ASN A 1 48  ? 10.626  14.669  6.622   1.00 40.34 ? 158 ASN A CA  1 
ATOM   271  C C   . ASN A 1 48  ? 9.918   14.032  7.808   1.00 40.34 ? 158 ASN A C   1 
ATOM   272  O O   . ASN A 1 48  ? 10.093  14.476  8.945   1.00 40.15 ? 158 ASN A O   1 
ATOM   273  C CB  . ASN A 1 48  ? 10.990  16.139  6.904   1.00 39.62 ? 158 ASN A CB  1 
ATOM   274  C CG  . ASN A 1 48  ? 11.952  16.705  5.866   1.00 42.70 ? 158 ASN A CG  1 
ATOM   275  O OD1 . ASN A 1 48  ? 13.105  16.273  5.767   1.00 43.12 ? 158 ASN A OD1 1 
ATOM   276  N ND2 . ASN A 1 48  ? 11.472  17.647  5.062   1.00 43.20 ? 158 ASN A ND2 1 
ATOM   277  N N   . THR A 1 49  ? 9.158   12.965  7.541   1.00 40.09 ? 159 THR A N   1 
ATOM   278  C CA  . THR A 1 49  ? 8.445   12.229  8.595   1.00 39.42 ? 159 THR A CA  1 
ATOM   279  C C   . THR A 1 49  ? 8.753   10.728  8.512   1.00 38.62 ? 159 THR A C   1 
ATOM   280  O O   . THR A 1 49  ? 9.014   10.203  7.428   1.00 41.75 ? 159 THR A O   1 
ATOM   281  C CB  . THR A 1 49  ? 6.920   12.443  8.505   1.00 34.58 ? 159 THR A CB  1 
ATOM   282  O OG1 . THR A 1 49  ? 6.636   13.837  8.600   1.00 38.27 ? 159 THR A OG1 1 
ATOM   283  C CG2 . THR A 1 49  ? 6.217   11.766  9.631   1.00 26.36 ? 159 THR A CG2 1 
ATOM   284  N N   . PRO A 1 50  ? 8.822   10.043  9.668   1.00 37.56 ? 160 PRO A N   1 
ATOM   285  C CA  . PRO A 1 50  ? 9.101   8.602   9.686   1.00 35.16 ? 160 PRO A CA  1 
ATOM   286  C C   . PRO A 1 50  ? 7.884   7.778   9.212   1.00 38.29 ? 160 PRO A C   1 
ATOM   287  O O   . PRO A 1 50  ? 6.819   7.778   9.863   1.00 40.63 ? 160 PRO A O   1 
ATOM   288  C CB  . PRO A 1 50  ? 9.386   8.327   11.170  1.00 34.92 ? 160 PRO A CB  1 
ATOM   289  C CG  . PRO A 1 50  ? 9.780   9.649   11.729  1.00 34.43 ? 160 PRO A CG  1 
ATOM   290  C CD  . PRO A 1 50  ? 8.846   10.591  11.035  1.00 33.92 ? 160 PRO A CD  1 
ATOM   291  N N   . VAL A 1 51  ? 8.024   7.116   8.065   1.00 39.34 ? 161 VAL A N   1 
ATOM   292  C CA  . VAL A 1 51  ? 6.963   6.262   7.515   1.00 33.32 ? 161 VAL A CA  1 
ATOM   293  C C   . VAL A 1 51  ? 7.374   4.828   7.850   1.00 33.23 ? 161 VAL A C   1 
ATOM   294  O O   . VAL A 1 51  ? 8.526   4.421   7.628   1.00 29.99 ? 161 VAL A O   1 
ATOM   295  C CB  . VAL A 1 51  ? 6.804   6.412   5.968   1.00 31.76 ? 161 VAL A CB  1 
ATOM   296  C CG1 . VAL A 1 51  ? 5.723   5.479   5.451   1.00 29.53 ? 161 VAL A CG1 1 
ATOM   297  C CG2 . VAL A 1 51  ? 6.440   7.827   5.613   1.00 27.64 ? 161 VAL A CG2 1 
ATOM   298  N N   . TYR A 1 52  ? 6.423   4.082   8.401   1.00 33.55 ? 162 TYR A N   1 
ATOM   299  C CA  . TYR A 1 52  ? 6.619   2.704   8.811   1.00 30.85 ? 162 TYR A CA  1 
ATOM   300  C C   . TYR A 1 52  ? 5.789   1.726   7.999   1.00 27.42 ? 162 TYR A C   1 
ATOM   301  O O   . TYR A 1 52  ? 4.586   1.620   8.189   1.00 29.40 ? 162 TYR A O   1 
ATOM   302  C CB  . TYR A 1 52  ? 6.273   2.545   10.292  1.00 35.22 ? 162 TYR A CB  1 
ATOM   303  C CG  . TYR A 1 52  ? 7.278   3.147   11.250  1.00 42.35 ? 162 TYR A CG  1 
ATOM   304  C CD1 . TYR A 1 52  ? 8.552   3.527   10.821  1.00 46.10 ? 162 TYR A CD1 1 
ATOM   305  C CD2 . TYR A 1 52  ? 6.979   3.272   12.608  1.00 47.17 ? 162 TYR A CD2 1 
ATOM   306  C CE1 . TYR A 1 52  ? 9.513   4.004   11.722  1.00 50.52 ? 162 TYR A CE1 1 
ATOM   307  C CE2 . TYR A 1 52  ? 7.923   3.747   13.518  1.00 53.00 ? 162 TYR A CE2 1 
ATOM   308  C CZ  . TYR A 1 52  ? 9.190   4.105   13.067  1.00 54.51 ? 162 TYR A CZ  1 
ATOM   309  O OH  . TYR A 1 52  ? 10.144  4.523   13.968  1.00 57.75 ? 162 TYR A OH  1 
ATOM   310  N N   . PHE A 1 53  ? 6.445   0.993   7.112   1.00 28.75 ? 163 PHE A N   1 
ATOM   311  C CA  . PHE A 1 53  ? 5.778   -0.012  6.286   1.00 31.87 ? 163 PHE A CA  1 
ATOM   312  C C   . PHE A 1 53  ? 5.809   -1.467  6.822   1.00 31.63 ? 163 PHE A C   1 
ATOM   313  O O   . PHE A 1 53  ? 6.881   -1.988  7.204   1.00 31.01 ? 163 PHE A O   1 
ATOM   314  C CB  . PHE A 1 53  ? 6.408   -0.069  4.888   1.00 32.62 ? 163 PHE A CB  1 
ATOM   315  C CG  . PHE A 1 53  ? 6.358   1.211   4.138   1.00 34.94 ? 163 PHE A CG  1 
ATOM   316  C CD1 . PHE A 1 53  ? 5.277   1.501   3.318   1.00 32.46 ? 163 PHE A CD1 1 
ATOM   317  C CD2 . PHE A 1 53  ? 7.414   2.116   4.216   1.00 34.06 ? 163 PHE A CD2 1 
ATOM   318  C CE1 . PHE A 1 53  ? 5.244   2.672   2.582   1.00 36.73 ? 163 PHE A CE1 1 
ATOM   319  C CE2 . PHE A 1 53  ? 7.395   3.293   3.483   1.00 38.08 ? 163 PHE A CE2 1 
ATOM   320  C CZ  . PHE A 1 53  ? 6.303   3.575   2.660   1.00 37.56 ? 163 PHE A CZ  1 
ATOM   321  N N   . LYS A 1 54  ? 4.632   -2.097  6.846   1.00 25.15 ? 164 LYS A N   1 
ATOM   322  C CA  . LYS A 1 54  ? 4.484   -3.503  7.192   1.00 20.62 ? 164 LYS A CA  1 
ATOM   323  C C   . LYS A 1 54  ? 4.106   -4.047  5.821   1.00 22.96 ? 164 LYS A C   1 
ATOM   324  O O   . LYS A 1 54  ? 3.143   -3.578  5.211   1.00 27.26 ? 164 LYS A O   1 
ATOM   325  C CB  . LYS A 1 54  ? 3.359   -3.736  8.183   1.00 17.41 ? 164 LYS A CB  1 
ATOM   326  C CG  . LYS A 1 54  ? 3.672   -3.201  9.538   1.00 19.45 ? 164 LYS A CG  1 
ATOM   327  C CD  . LYS A 1 54  ? 2.886   -3.857  10.649  1.00 24.06 ? 164 LYS A CD  1 
ATOM   328  C CE  . LYS A 1 54  ? 1.399   -3.753  10.449  1.00 31.60 ? 164 LYS A CE  1 
ATOM   329  N NZ  . LYS A 1 54  ? 0.699   -3.863  11.753  1.00 37.98 ? 164 LYS A NZ  1 
ATOM   330  N N   . VAL A 1 55  ? 4.897   -4.977  5.302   1.00 19.47 ? 165 VAL A N   1 
ATOM   331  C CA  . VAL A 1 55  ? 4.678   -5.539  3.964   1.00 14.80 ? 165 VAL A CA  1 
ATOM   332  C C   . VAL A 1 55  ? 4.416   -7.049  3.945   1.00 13.66 ? 165 VAL A C   1 
ATOM   333  O O   . VAL A 1 55  ? 5.001   -7.798  4.713   1.00 18.74 ? 165 VAL A O   1 
ATOM   334  C CB  . VAL A 1 55  ? 5.922   -5.294  3.113   1.00 7.19  ? 165 VAL A CB  1 
ATOM   335  C CG1 . VAL A 1 55  ? 5.677   -5.645  1.701   1.00 5.69  ? 165 VAL A CG1 1 
ATOM   336  C CG2 . VAL A 1 55  ? 6.387   -3.872  3.273   1.00 11.14 ? 165 VAL A CG2 1 
ATOM   337  N N   . THR A 1 56  ? 3.501   -7.474  3.094   1.00 14.11 ? 166 THR A N   1 
ATOM   338  C CA  . THR A 1 56  ? 3.199   -8.883  2.917   1.00 14.50 ? 166 THR A CA  1 
ATOM   339  C C   . THR A 1 56  ? 2.604   -9.090  1.543   1.00 11.79 ? 166 THR A C   1 
ATOM   340  O O   . THR A 1 56  ? 2.216   -8.136  0.882   1.00 11.62 ? 166 THR A O   1 
ATOM   341  C CB  . THR A 1 56  ? 2.273   -9.473  4.019   1.00 16.28 ? 166 THR A CB  1 
ATOM   342  O OG1 . THR A 1 56  ? 2.408   -10.903 4.001   1.00 12.79 ? 166 THR A OG1 1 
ATOM   343  C CG2 . THR A 1 56  ? 0.800   -9.106  3.774   1.00 18.88 ? 166 THR A CG2 1 
ATOM   344  N N   . SER A 1 57  ? 2.622   -10.337 1.082   1.00 20.42 ? 167 SER A N   1 
ATOM   345  C CA  . SER A 1 57  ? 2.096   -10.696 -0.233  1.00 13.53 ? 167 SER A CA  1 
ATOM   346  C C   . SER A 1 57  ? 0.883   -11.579 -0.047  1.00 16.43 ? 167 SER A C   1 
ATOM   347  O O   . SER A 1 57  ? 0.693   -12.187 1.004   1.00 21.22 ? 167 SER A O   1 
ATOM   348  C CB  . SER A 1 57  ? 3.149   -11.424 -1.047  1.00 9.14  ? 167 SER A CB  1 
ATOM   349  O OG  . SER A 1 57  ? 2.736   -11.605 -2.389  1.00 13.96 ? 167 SER A OG  1 
ATOM   350  N N   . ASN A 1 58  ? 0.029   -11.588 -1.051  1.00 17.69 ? 168 ASN A N   1 
ATOM   351  C CA  . ASN A 1 58  ? -1.198  -12.369 -1.026  1.00 19.94 ? 168 ASN A CA  1 
ATOM   352  C C   . ASN A 1 58  ? -1.129  -13.222 -2.303  1.00 20.19 ? 168 ASN A C   1 
ATOM   353  O O   . ASN A 1 58  ? -2.124  -13.798 -2.767  1.00 22.75 ? 168 ASN A O   1 
ATOM   354  C CB  . ASN A 1 58  ? -2.403  -11.406 -1.049  1.00 20.42 ? 168 ASN A CB  1 
ATOM   355  C CG  . ASN A 1 58  ? -3.759  -12.133 -1.082  1.00 25.52 ? 168 ASN A CG  1 
ATOM   356  O OD1 . ASN A 1 58  ? -4.339  -12.348 -2.148  1.00 23.04 ? 168 ASN A OD1 1 
ATOM   357  N ND2 . ASN A 1 58  ? -4.276  -12.478 0.094   1.00 20.75 ? 168 ASN A ND2 1 
ATOM   358  N N   . SER A 1 59  ? 0.084   -13.337 -2.836  1.00 14.55 ? 169 SER A N   1 
ATOM   359  C CA  . SER A 1 59  ? 0.301   -14.058 -4.069  1.00 11.42 ? 169 SER A CA  1 
ATOM   360  C C   . SER A 1 59  ? 1.777   -14.472 -4.068  1.00 13.57 ? 169 SER A C   1 
ATOM   361  O O   . SER A 1 59  ? 2.334   -14.810 -3.012  1.00 13.43 ? 169 SER A O   1 
ATOM   362  C CB  . SER A 1 59  ? -0.054  -13.115 -5.240  1.00 5.64  ? 169 SER A CB  1 
ATOM   363  O OG  . SER A 1 59  ? 0.023   -13.747 -6.516  1.00 12.61 ? 169 SER A OG  1 
ATOM   364  N N   . VAL A 1 60  ? 2.408   -14.498 -5.240  1.00 14.77 ? 170 VAL A N   1 
ATOM   365  C CA  . VAL A 1 60  ? 3.822   -14.829 -5.308  1.00 10.52 ? 170 VAL A CA  1 
ATOM   366  C C   . VAL A 1 60  ? 4.638   -13.755 -4.586  1.00 14.14 ? 170 VAL A C   1 
ATOM   367  O O   . VAL A 1 60  ? 4.132   -12.719 -4.175  1.00 18.27 ? 170 VAL A O   1 
ATOM   368  C CB  . VAL A 1 60  ? 4.309   -14.989 -6.755  1.00 6.54  ? 170 VAL A CB  1 
ATOM   369  C CG1 . VAL A 1 60  ? 3.511   -16.105 -7.430  1.00 7.93  ? 170 VAL A CG1 1 
ATOM   370  C CG2 . VAL A 1 60  ? 4.169   -13.666 -7.528  1.00 14.28 ? 170 VAL A CG2 1 
ATOM   371  N N   . MET A 1 61  ? 5.884   -14.061 -4.324  1.00 17.54 ? 171 MET A N   1 
ATOM   372  C CA  . MET A 1 61  ? 6.722   -13.117 -3.640  1.00 19.73 ? 171 MET A CA  1 
ATOM   373  C C   . MET A 1 61  ? 6.914   -11.922 -4.590  1.00 18.23 ? 171 MET A C   1 
ATOM   374  O O   . MET A 1 61  ? 6.883   -12.066 -5.825  1.00 13.10 ? 171 MET A O   1 
ATOM   375  C CB  . MET A 1 61  ? 8.041   -13.810 -3.276  1.00 23.43 ? 171 MET A CB  1 
ATOM   376  C CG  . MET A 1 61  ? 9.061   -12.965 -2.561  1.00 26.82 ? 171 MET A CG  1 
ATOM   377  S SD  . MET A 1 61  ? 10.497  -13.945 -2.197  1.00 32.85 ? 171 MET A SD  1 
ATOM   378  C CE  . MET A 1 61  ? 11.042  -14.458 -3.789  1.00 29.56 ? 171 MET A CE  1 
ATOM   379  N N   . ASN A 1 62  ? 7.047   -10.743 -4.012  1.00 12.47 ? 172 ASN A N   1 
ATOM   380  C CA  . ASN A 1 62  ? 7.240   -9.540  -4.810  1.00 19.54 ? 172 ASN A CA  1 
ATOM   381  C C   . ASN A 1 62  ? 8.303   -8.646  -4.189  1.00 17.30 ? 172 ASN A C   1 
ATOM   382  O O   . ASN A 1 62  ? 8.915   -9.005  -3.180  1.00 16.04 ? 172 ASN A O   1 
ATOM   383  C CB  . ASN A 1 62  ? 5.913   -8.771  -4.956  1.00 9.79  ? 172 ASN A CB  1 
ATOM   384  C CG  . ASN A 1 62  ? 5.682   -8.307  -6.357  1.00 9.52  ? 172 ASN A CG  1 
ATOM   385  O OD1 . ASN A 1 62  ? 6.614   -7.926  -7.053  1.00 17.02 ? 172 ASN A OD1 1 
ATOM   386  N ND2 . ASN A 1 62  ? 4.440   -8.356  -6.799  1.00 17.36 ? 172 ASN A ND2 1 
ATOM   387  N N   . SER A 1 63  ? 8.470   -7.462  -4.766  1.00 20.73 ? 173 SER A N   1 
ATOM   388  C CA  . SER A 1 63  ? 9.431   -6.453  -4.295  1.00 18.81 ? 173 SER A CA  1 
ATOM   389  C C   . SER A 1 63  ? 8.774   -5.065  -4.152  1.00 16.41 ? 173 SER A C   1 
ATOM   390  O O   . SER A 1 63  ? 8.258   -4.511  -5.118  1.00 12.65 ? 173 SER A O   1 
ATOM   391  C CB  . SER A 1 63  ? 10.604  -6.363  -5.273  1.00 11.05 ? 173 SER A CB  1 
ATOM   392  O OG  . SER A 1 63  ? 11.446  -5.269  -4.964  1.00 18.66 ? 173 SER A OG  1 
ATOM   393  N N   . PHE A 1 64  ? 8.708   -4.567  -2.919  1.00 20.26 ? 174 PHE A N   1 
ATOM   394  C CA  . PHE A 1 64  ? 8.175   -3.229  -2.635  1.00 20.77 ? 174 PHE A CA  1 
ATOM   395  C C   . PHE A 1 64  ? 9.391   -2.322  -2.830  1.00 22.80 ? 174 PHE A C   1 
ATOM   396  O O   . PHE A 1 64  ? 10.181  -2.132  -1.885  1.00 22.42 ? 174 PHE A O   1 
ATOM   397  C CB  . PHE A 1 64  ? 7.716   -3.097  -1.186  1.00 10.79 ? 174 PHE A CB  1 
ATOM   398  C CG  . PHE A 1 64  ? 6.955   -1.840  -0.920  1.00 13.81 ? 174 PHE A CG  1 
ATOM   399  C CD1 . PHE A 1 64  ? 5.725   -1.619  -1.544  1.00 15.54 ? 174 PHE A CD1 1 
ATOM   400  C CD2 . PHE A 1 64  ? 7.472   -0.855  -0.095  1.00 15.30 ? 174 PHE A CD2 1 
ATOM   401  C CE1 . PHE A 1 64  ? 5.026   -0.443  -1.354  1.00 12.51 ? 174 PHE A CE1 1 
ATOM   402  C CE2 . PHE A 1 64  ? 6.780   0.332   0.105   1.00 15.48 ? 174 PHE A CE2 1 
ATOM   403  C CZ  . PHE A 1 64  ? 5.558   0.538   -0.525  1.00 19.51 ? 174 PHE A CZ  1 
ATOM   404  N N   . PHE A 1 65  ? 9.505   -1.754  -4.036  1.00 21.69 ? 175 PHE A N   1 
ATOM   405  C CA  . PHE A 1 65  ? 10.644  -0.935  -4.425  1.00 20.14 ? 175 PHE A CA  1 
ATOM   406  C C   . PHE A 1 65  ? 10.405  0.530   -4.857  1.00 24.87 ? 175 PHE A C   1 
ATOM   407  O O   . PHE A 1 65  ? 9.715   0.790   -5.856  1.00 28.93 ? 175 PHE A O   1 
ATOM   408  C CB  . PHE A 1 65  ? 11.341  -1.673  -5.565  1.00 9.29  ? 175 PHE A CB  1 
ATOM   409  C CG  . PHE A 1 65  ? 12.742  -1.220  -5.817  1.00 15.35 ? 175 PHE A CG  1 
ATOM   410  C CD1 . PHE A 1 65  ? 13.481  -0.580  -4.811  1.00 12.06 ? 175 PHE A CD1 1 
ATOM   411  C CD2 . PHE A 1 65  ? 13.323  -1.421  -7.063  1.00 8.91  ? 175 PHE A CD2 1 
ATOM   412  C CE1 . PHE A 1 65  ? 14.768  -0.145  -5.046  1.00 7.12  ? 175 PHE A CE1 1 
ATOM   413  C CE2 . PHE A 1 65  ? 14.596  -0.997  -7.311  1.00 10.53 ? 175 PHE A CE2 1 
ATOM   414  C CZ  . PHE A 1 65  ? 15.327  -0.351  -6.293  1.00 15.02 ? 175 PHE A CZ  1 
ATOM   415  N N   . ILE A 1 66  ? 11.030  1.471   -4.144  1.00 20.83 ? 176 ILE A N   1 
ATOM   416  C CA  . ILE A 1 66  ? 10.953  2.901   -4.474  1.00 19.00 ? 176 ILE A CA  1 
ATOM   417  C C   . ILE A 1 66  ? 12.420  3.371   -4.629  1.00 17.84 ? 176 ILE A C   1 
ATOM   418  O O   . ILE A 1 66  ? 13.055  3.872   -3.677  1.00 16.35 ? 176 ILE A O   1 
ATOM   419  C CB  . ILE A 1 66  ? 10.232  3.746   -3.352  1.00 25.78 ? 176 ILE A CB  1 
ATOM   420  C CG1 . ILE A 1 66  ? 8.908   3.089   -2.943  1.00 24.44 ? 176 ILE A CG1 1 
ATOM   421  C CG2 . ILE A 1 66  ? 9.907   5.141   -3.870  1.00 22.64 ? 176 ILE A CG2 1 
ATOM   422  C CD1 . ILE A 1 66  ? 8.218   3.759   -1.788  1.00 12.30 ? 176 ILE A CD1 1 
ATOM   423  N N   . PRO A 1 67  ? 12.985  3.179   -5.823  1.00 13.86 ? 177 PRO A N   1 
ATOM   424  C CA  . PRO A 1 67  ? 14.346  3.514   -6.257  1.00 19.11 ? 177 PRO A CA  1 
ATOM   425  C C   . PRO A 1 67  ? 14.862  4.866   -5.763  1.00 27.63 ? 177 PRO A C   1 
ATOM   426  O O   . PRO A 1 67  ? 15.913  4.947   -5.112  1.00 29.73 ? 177 PRO A O   1 
ATOM   427  C CB  . PRO A 1 67  ? 14.224  3.498   -7.778  1.00 13.09 ? 177 PRO A CB  1 
ATOM   428  C CG  . PRO A 1 67  ? 13.215  2.430   -8.007  1.00 16.94 ? 177 PRO A CG  1 
ATOM   429  C CD  . PRO A 1 67  ? 12.178  2.702   -6.960  1.00 16.57 ? 177 PRO A CD  1 
ATOM   430  N N   . ARG A 1 68  ? 14.105  5.924   -6.066  1.00 33.28 ? 178 ARG A N   1 
ATOM   431  C CA  . ARG A 1 68  ? 14.462  7.284   -5.671  1.00 30.36 ? 178 ARG A CA  1 
ATOM   432  C C   . ARG A 1 68  ? 14.665  7.422   -4.173  1.00 29.63 ? 178 ARG A C   1 
ATOM   433  O O   . ARG A 1 68  ? 15.307  8.353   -3.716  1.00 35.11 ? 178 ARG A O   1 
ATOM   434  C CB  . ARG A 1 68  ? 13.376  8.265   -6.113  1.00 32.90 ? 178 ARG A CB  1 
ATOM   435  C CG  . ARG A 1 68  ? 13.808  9.249   -7.169  1.00 37.69 ? 178 ARG A CG  1 
ATOM   436  C CD  . ARG A 1 68  ? 14.091  8.526   -8.445  1.00 46.10 ? 178 ARG A CD  1 
ATOM   437  N NE  . ARG A 1 68  ? 14.842  9.356   -9.375  1.00 58.45 ? 178 ARG A NE  1 
ATOM   438  C CZ  . ARG A 1 68  ? 15.852  8.916   -10.123 1.00 63.96 ? 178 ARG A CZ  1 
ATOM   439  N NH1 . ARG A 1 68  ? 16.240  7.643   -10.052 1.00 63.52 ? 178 ARG A NH1 1 
ATOM   440  N NH2 . ARG A 1 68  ? 16.476  9.749   -10.948 1.00 65.62 ? 178 ARG A NH2 1 
ATOM   441  N N   . LEU A 1 69  ? 14.077  6.530   -3.398  1.00 26.31 ? 179 LEU A N   1 
ATOM   442  C CA  . LEU A 1 69  ? 14.210  6.638   -1.969  1.00 23.40 ? 179 LEU A CA  1 
ATOM   443  C C   . LEU A 1 69  ? 15.084  5.523   -1.435  1.00 26.44 ? 179 LEU A C   1 
ATOM   444  O O   . LEU A 1 69  ? 15.254  5.394   -0.225  1.00 26.86 ? 179 LEU A O   1 
ATOM   445  C CB  . LEU A 1 69  ? 12.815  6.663   -1.331  1.00 21.59 ? 179 LEU A CB  1 
ATOM   446  C CG  . LEU A 1 69  ? 11.969  7.833   -1.887  1.00 26.44 ? 179 LEU A CG  1 
ATOM   447  C CD1 . LEU A 1 69  ? 10.575  7.852   -1.318  1.00 26.98 ? 179 LEU A CD1 1 
ATOM   448  C CD2 . LEU A 1 69  ? 12.652  9.180   -1.601  1.00 28.20 ? 179 LEU A CD2 1 
ATOM   449  N N   . GLY A 1 70  ? 15.702  4.767   -2.347  1.00 25.34 ? 180 GLY A N   1 
ATOM   450  C CA  . GLY A 1 70  ? 16.569  3.653   -1.970  1.00 26.55 ? 180 GLY A CA  1 
ATOM   451  C C   . GLY A 1 70  ? 15.903  2.665   -1.025  1.00 25.43 ? 180 GLY A C   1 
ATOM   452  O O   . GLY A 1 70  ? 16.547  2.098   -0.134  1.00 24.16 ? 180 GLY A O   1 
ATOM   453  N N   . SER A 1 71  ? 14.606  2.461   -1.247  1.00 27.22 ? 181 SER A N   1 
ATOM   454  C CA  . SER A 1 71  ? 13.773  1.595   -0.422  1.00 25.65 ? 181 SER A CA  1 
ATOM   455  C C   . SER A 1 71  ? 13.280  0.337   -1.136  1.00 25.54 ? 181 SER A C   1 
ATOM   456  O O   . SER A 1 71  ? 12.501  0.405   -2.091  1.00 29.73 ? 181 SER A O   1 
ATOM   457  C CB  . SER A 1 71  ? 12.560  2.391   0.068   1.00 28.16 ? 181 SER A CB  1 
ATOM   458  O OG  . SER A 1 71  ? 12.904  3.325   1.076   1.00 24.79 ? 181 SER A OG  1 
ATOM   459  N N   . GLN A 1 72  ? 13.757  -0.812  -0.689  1.00 25.58 ? 182 GLN A N   1 
ATOM   460  C CA  . GLN A 1 72  ? 13.334  -2.069  -1.272  1.00 27.32 ? 182 GLN A CA  1 
ATOM   461  C C   . GLN A 1 72  ? 13.094  -3.007  -0.126  1.00 28.04 ? 182 GLN A C   1 
ATOM   462  O O   . GLN A 1 72  ? 13.789  -2.927  0.892   1.00 33.96 ? 182 GLN A O   1 
ATOM   463  C CB  . GLN A 1 72  ? 14.400  -2.645  -2.192  1.00 23.53 ? 182 GLN A CB  1 
ATOM   464  C CG  . GLN A 1 72  ? 13.885  -3.747  -3.147  1.00 30.92 ? 182 GLN A CG  1 
ATOM   465  C CD  . GLN A 1 72  ? 13.597  -5.075  -2.440  1.00 35.46 ? 182 GLN A CD  1 
ATOM   466  O OE1 . GLN A 1 72  ? 14.490  -5.689  -1.866  1.00 34.27 ? 182 GLN A OE1 1 
ATOM   467  N NE2 . GLN A 1 72  ? 12.331  -5.484  -2.427  1.00 37.64 ? 182 GLN A NE2 1 
ATOM   468  N N   . ILE A 1 73  ? 12.015  -3.776  -0.238  1.00 26.69 ? 183 ILE A N   1 
ATOM   469  C CA  . ILE A 1 73  ? 11.663  -4.772  0.755   1.00 21.84 ? 183 ILE A CA  1 
ATOM   470  C C   . ILE A 1 73  ? 10.817  -5.835  0.097   1.00 22.51 ? 183 ILE A C   1 
ATOM   471  O O   . ILE A 1 73  ? 9.928   -5.528  -0.686  1.00 23.64 ? 183 ILE A O   1 
ATOM   472  C CB  . ILE A 1 73  ? 10.921  -4.178  1.925   1.00 19.38 ? 183 ILE A CB  1 
ATOM   473  C CG1 . ILE A 1 73  ? 10.729  -5.243  2.992   1.00 24.90 ? 183 ILE A CG1 1 
ATOM   474  C CG2 . ILE A 1 73  ? 9.603   -3.620  1.491   1.00 20.56 ? 183 ILE A CG2 1 
ATOM   475  C CD1 . ILE A 1 73  ? 12.007  -5.849  3.514   1.00 19.87 ? 183 ILE A CD1 1 
ATOM   476  N N   . TYR A 1 74  ? 11.163  -7.094  0.323   1.00 25.15 ? 184 TYR A N   1 
ATOM   477  C CA  . TYR A 1 74  ? 10.384  -8.166  -0.274  1.00 24.48 ? 184 TYR A CA  1 
ATOM   478  C C   . TYR A 1 74  ? 9.019   -8.358  0.431   1.00 21.68 ? 184 TYR A C   1 
ATOM   479  O O   . TYR A 1 74  ? 8.791   -7.945  1.592   1.00 16.76 ? 184 TYR A O   1 
ATOM   480  C CB  . TYR A 1 74  ? 11.201  -9.475  -0.366  1.00 26.75 ? 184 TYR A CB  1 
ATOM   481  C CG  . TYR A 1 74  ? 11.334  -10.257 0.934   1.00 26.58 ? 184 TYR A CG  1 
ATOM   482  C CD1 . TYR A 1 74  ? 12.375  -9.990  1.815   1.00 19.68 ? 184 TYR A CD1 1 
ATOM   483  C CD2 . TYR A 1 74  ? 10.371  -11.220 1.306   1.00 21.07 ? 184 TYR A CD2 1 
ATOM   484  C CE1 . TYR A 1 74  ? 12.462  -10.640 3.027   1.00 26.67 ? 184 TYR A CE1 1 
ATOM   485  C CE2 . TYR A 1 74  ? 10.450  -11.873 2.523   1.00 20.26 ? 184 TYR A CE2 1 
ATOM   486  C CZ  . TYR A 1 74  ? 11.501  -11.576 3.376   1.00 26.21 ? 184 TYR A CZ  1 
ATOM   487  O OH  . TYR A 1 74  ? 11.619  -12.216 4.574   1.00 23.02 ? 184 TYR A OH  1 
ATOM   488  N N   . ALA A 1 75  ? 8.097   -8.927  -0.319  1.00 17.93 ? 185 ALA A N   1 
ATOM   489  C CA  . ALA A 1 75  ? 6.764   -9.165  0.172   1.00 14.83 ? 185 ALA A CA  1 
ATOM   490  C C   . ALA A 1 75  ? 6.560   -10.636 -0.073  1.00 17.08 ? 185 ALA A C   1 
ATOM   491  O O   . ALA A 1 75  ? 6.736   -11.146 -1.196  1.00 9.86  ? 185 ALA A O   1 
ATOM   492  C CB  . ALA A 1 75  ? 5.761   -8.341  -0.621  1.00 17.68 ? 185 ALA A CB  1 
ATOM   493  N N   . MET A 1 76  ? 6.236   -11.331 1.003   1.00 20.25 ? 186 MET A N   1 
ATOM   494  C CA  . MET A 1 76  ? 6.043   -12.753 0.933   1.00 14.95 ? 186 MET A CA  1 
ATOM   495  C C   . MET A 1 76  ? 4.839   -13.134 1.736   1.00 15.59 ? 186 MET A C   1 
ATOM   496  O O   . MET A 1 76  ? 4.623   -12.603 2.828   1.00 15.63 ? 186 MET A O   1 
ATOM   497  C CB  . MET A 1 76  ? 7.266   -13.475 1.469   1.00 10.44 ? 186 MET A CB  1 
ATOM   498  C CG  . MET A 1 76  ? 7.088   -14.955 1.500   1.00 16.98 ? 186 MET A CG  1 
ATOM   499  S SD  . MET A 1 76  ? 8.533   -15.767 2.043   1.00 24.49 ? 186 MET A SD  1 
ATOM   500  C CE  . MET A 1 76  ? 9.156   -16.266 0.527   1.00 21.04 ? 186 MET A CE  1 
ATOM   501  N N   . ALA A 1 77  ? 4.059   -14.058 1.176   1.00 17.53 ? 187 ALA A N   1 
ATOM   502  C CA  . ALA A 1 77  ? 2.849   -14.566 1.817   1.00 20.83 ? 187 ALA A CA  1 
ATOM   503  C C   . ALA A 1 77  ? 3.204   -15.259 3.135   1.00 18.32 ? 187 ALA A C   1 
ATOM   504  O O   . ALA A 1 77  ? 4.232   -15.923 3.248   1.00 20.87 ? 187 ALA A O   1 
ATOM   505  C CB  . ALA A 1 77  ? 2.127   -15.531 0.868   1.00 18.59 ? 187 ALA A CB  1 
ATOM   506  N N   . GLY A 1 78  ? 2.381   -15.078 4.149   1.00 18.98 ? 188 GLY A N   1 
ATOM   507  C CA  . GLY A 1 78  ? 2.686   -15.713 5.417   1.00 20.67 ? 188 GLY A CA  1 
ATOM   508  C C   . GLY A 1 78  ? 3.699   -14.946 6.249   1.00 20.64 ? 188 GLY A C   1 
ATOM   509  O O   . GLY A 1 78  ? 3.850   -15.207 7.446   1.00 17.14 ? 188 GLY A O   1 
ATOM   510  N N   . MET A 1 79  ? 4.413   -14.002 5.650   1.00 21.54 ? 189 MET A N   1 
ATOM   511  C CA  . MET A 1 79  ? 5.344   -13.240 6.452   1.00 23.08 ? 189 MET A CA  1 
ATOM   512  C C   . MET A 1 79  ? 5.312   -11.742 6.288   1.00 24.85 ? 189 MET A C   1 
ATOM   513  O O   . MET A 1 79  ? 5.063   -11.227 5.202   1.00 29.23 ? 189 MET A O   1 
ATOM   514  C CB  . MET A 1 79  ? 6.744   -13.770 6.315   1.00 29.23 ? 189 MET A CB  1 
ATOM   515  C CG  . MET A 1 79  ? 7.299   -13.775 4.950   1.00 35.81 ? 189 MET A CG  1 
ATOM   516  S SD  . MET A 1 79  ? 8.828   -14.654 5.140   1.00 46.57 ? 189 MET A SD  1 
ATOM   517  C CE  . MET A 1 79  ? 9.441   -13.930 6.728   1.00 38.16 ? 189 MET A CE  1 
ATOM   518  N N   . GLN A 1 80  ? 5.470   -11.057 7.419   1.00 24.56 ? 190 GLN A N   1 
ATOM   519  C CA  . GLN A 1 80  ? 5.470   -9.606  7.475   1.00 21.40 ? 190 GLN A CA  1 
ATOM   520  C C   . GLN A 1 80  ? 6.863   -9.022  7.532   1.00 19.67 ? 190 GLN A C   1 
ATOM   521  O O   . GLN A 1 80  ? 7.569   -9.208  8.523   1.00 19.62 ? 190 GLN A O   1 
ATOM   522  C CB  . GLN A 1 80  ? 4.735   -9.106  8.709   1.00 17.09 ? 190 GLN A CB  1 
ATOM   523  C CG  . GLN A 1 80  ? 4.969   -7.630  8.916   1.00 25.80 ? 190 GLN A CG  1 
ATOM   524  C CD  . GLN A 1 80  ? 4.681   -7.163  10.308  1.00 25.32 ? 190 GLN A CD  1 
ATOM   525  O OE1 . GLN A 1 80  ? 3.531   -6.941  10.686  1.00 33.77 ? 190 GLN A OE1 1 
ATOM   526  N NE2 . GLN A 1 80  ? 5.725   -6.976  11.077  1.00 22.98 ? 190 GLN A NE2 1 
ATOM   527  N N   . THR A 1 81  ? 7.255   -8.315  6.477   1.00 24.32 ? 191 THR A N   1 
ATOM   528  C CA  . THR A 1 81  ? 8.557   -7.635  6.449   1.00 25.47 ? 191 THR A CA  1 
ATOM   529  C C   . THR A 1 81  ? 8.340   -6.164  6.876   1.00 25.40 ? 191 THR A C   1 
ATOM   530  O O   . THR A 1 81  ? 7.197   -5.724  6.978   1.00 28.51 ? 191 THR A O   1 
ATOM   531  C CB  . THR A 1 81  ? 9.217   -7.727  5.069   1.00 25.56 ? 191 THR A CB  1 
ATOM   532  O OG1 . THR A 1 81  ? 8.223   -7.709  4.034   1.00 24.93 ? 191 THR A OG1 1 
ATOM   533  C CG2 . THR A 1 81  ? 10.043  -8.987  4.972   1.00 24.33 ? 191 THR A CG2 1 
ATOM   534  N N   . ARG A 1 82  ? 9.402   -5.432  7.198   1.00 22.84 ? 192 ARG A N   1 
ATOM   535  C CA  . ARG A 1 82  ? 9.271   -4.040  7.617   1.00 17.20 ? 192 ARG A CA  1 
ATOM   536  C C   . ARG A 1 82  ? 10.322  -3.161  6.986   1.00 22.71 ? 192 ARG A C   1 
ATOM   537  O O   . ARG A 1 82  ? 11.461  -3.588  6.787   1.00 24.66 ? 192 ARG A O   1 
ATOM   538  C CB  . ARG A 1 82  ? 9.406   -3.932  9.104   1.00 14.65 ? 192 ARG A CB  1 
ATOM   539  C CG  . ARG A 1 82  ? 8.160   -4.262  9.847   1.00 21.38 ? 192 ARG A CG  1 
ATOM   540  C CD  . ARG A 1 82  ? 8.505   -4.818  11.217  1.00 32.19 ? 192 ARG A CD  1 
ATOM   541  N NE  . ARG A 1 82  ? 8.271   -6.265  11.245  1.00 44.35 ? 192 ARG A NE  1 
ATOM   542  C CZ  . ARG A 1 82  ? 9.098   -7.200  10.776  1.00 45.66 ? 192 ARG A CZ  1 
ATOM   543  N NH1 . ARG A 1 82  ? 10.307  -6.879  10.324  1.00 46.61 ? 192 ARG A NH1 1 
ATOM   544  N NH2 . ARG A 1 82  ? 8.742   -8.476  10.839  1.00 46.22 ? 192 ARG A NH2 1 
ATOM   545  N N   . LEU A 1 83  ? 9.931   -1.934  6.656   1.00 28.03 ? 193 LEU A N   1 
ATOM   546  C CA  . LEU A 1 83  ? 10.826  -0.955  6.033   1.00 27.83 ? 193 LEU A CA  1 
ATOM   547  C C   . LEU A 1 83  ? 10.563  0.400   6.685   1.00 27.90 ? 193 LEU A C   1 
ATOM   548  O O   . LEU A 1 83  ? 9.425   0.814   6.878   1.00 28.57 ? 193 LEU A O   1 
ATOM   549  C CB  . LEU A 1 83  ? 10.547  -0.866  4.525   1.00 31.53 ? 193 LEU A CB  1 
ATOM   550  C CG  . LEU A 1 83  ? 11.544  -0.331  3.476   1.00 35.94 ? 193 LEU A CG  1 
ATOM   551  C CD1 . LEU A 1 83  ? 10.864  -0.354  2.102   1.00 29.51 ? 193 LEU A CD1 1 
ATOM   552  C CD2 . LEU A 1 83  ? 12.009  1.080   3.781   1.00 39.31 ? 193 LEU A CD2 1 
ATOM   553  N N   . HIS A 1 84  ? 11.619  1.071   7.087   1.00 30.20 ? 194 HIS A N   1 
ATOM   554  C CA  . HIS A 1 84  ? 11.459  2.363   7.698   1.00 30.15 ? 194 HIS A CA  1 
ATOM   555  C C   . HIS A 1 84  ? 11.982  3.384   6.703   1.00 30.14 ? 194 HIS A C   1 
ATOM   556  O O   . HIS A 1 84  ? 13.008  3.169   6.081   1.00 28.18 ? 194 HIS A O   1 
ATOM   557  C CB  . HIS A 1 84  ? 12.128  2.351   9.061   1.00 32.68 ? 194 HIS A CB  1 
ATOM   558  C CG  . HIS A 1 84  ? 11.410  1.478   10.050  1.00 42.75 ? 194 HIS A CG  1 
ATOM   559  N ND1 . HIS A 1 84  ? 11.817  1.324   11.360  1.00 49.20 ? 194 HIS A ND1 1 
ATOM   560  C CD2 . HIS A 1 84  ? 10.271  0.750   9.927   1.00 43.24 ? 194 HIS A CD2 1 
ATOM   561  C CE1 . HIS A 1 84  ? 10.955  0.548   12.001  1.00 43.44 ? 194 HIS A CE1 1 
ATOM   562  N NE2 . HIS A 1 84  ? 10.009  0.189   11.150  1.00 42.18 ? 194 HIS A NE2 1 
ATOM   563  N N   . LEU A 1 85  ? 11.196  4.428   6.457   1.00 33.97 ? 195 LEU A N   1 
ATOM   564  C CA  . LEU A 1 85  ? 11.557  5.437   5.465   1.00 33.52 ? 195 LEU A CA  1 
ATOM   565  C C   . LEU A 1 85  ? 11.323  6.883   5.857   1.00 34.41 ? 195 LEU A C   1 
ATOM   566  O O   . LEU A 1 85  ? 10.398  7.221   6.597   1.00 26.08 ? 195 LEU A O   1 
ATOM   567  C CB  . LEU A 1 85  ? 10.829  5.135   4.135   1.00 33.66 ? 195 LEU A CB  1 
ATOM   568  C CG  . LEU A 1 85  ? 10.632  6.157   2.998   1.00 31.48 ? 195 LEU A CG  1 
ATOM   569  C CD1 . LEU A 1 85  ? 10.531  5.430   1.687   1.00 34.25 ? 195 LEU A CD1 1 
ATOM   570  C CD2 . LEU A 1 85  ? 9.392   6.981   3.192   1.00 30.90 ? 195 LEU A CD2 1 
ATOM   571  N N   . ILE A 1 86  ? 12.228  7.723   5.382   1.00 41.31 ? 196 ILE A N   1 
ATOM   572  C CA  . ILE A 1 86  ? 12.139  9.153   5.591   1.00 46.79 ? 196 ILE A CA  1 
ATOM   573  C C   . ILE A 1 86  ? 12.325  9.735   4.197   1.00 47.91 ? 196 ILE A C   1 
ATOM   574  O O   . ILE A 1 86  ? 13.233  9.325   3.460   1.00 46.66 ? 196 ILE A O   1 
ATOM   575  C CB  . ILE A 1 86  ? 13.289  9.728   6.457   1.00 50.05 ? 196 ILE A CB  1 
ATOM   576  C CG1 . ILE A 1 86  ? 13.619  8.799   7.635   1.00 50.55 ? 196 ILE A CG1 1 
ATOM   577  C CG2 . ILE A 1 86  ? 12.902  11.140  6.945   1.00 48.82 ? 196 ILE A CG2 1 
ATOM   578  C CD1 . ILE A 1 86  ? 12.660  8.892   8.799   1.00 54.82 ? 196 ILE A CD1 1 
ATOM   579  N N   . ALA A 1 87  ? 11.394  10.591  3.791   1.00 48.38 ? 197 ALA A N   1 
ATOM   580  C CA  . ALA A 1 87  ? 11.500  11.278  2.507   1.00 48.31 ? 197 ALA A CA  1 
ATOM   581  C C   . ALA A 1 87  ? 11.959  12.649  2.990   1.00 48.01 ? 197 ALA A C   1 
ATOM   582  O O   . ALA A 1 87  ? 11.415  13.153  3.964   1.00 48.97 ? 197 ALA A O   1 
ATOM   583  C CB  . ALA A 1 87  ? 10.140  11.368  1.830   1.00 45.12 ? 197 ALA A CB  1 
ATOM   584  N N   . ASN A 1 88  ? 13.038  13.193  2.438   1.00 47.70 ? 198 ASN A N   1 
ATOM   585  C CA  . ASN A 1 88  ? 13.460  14.513  2.900   1.00 47.79 ? 198 ASN A CA  1 
ATOM   586  C C   . ASN A 1 88  ? 12.953  15.648  2.018   1.00 47.08 ? 198 ASN A C   1 
ATOM   587  O O   . ASN A 1 88  ? 12.556  16.700  2.532   1.00 49.46 ? 198 ASN A O   1 
ATOM   588  C CB  . ASN A 1 88  ? 14.968  14.573  3.131   1.00 47.84 ? 198 ASN A CB  1 
ATOM   589  C CG  . ASN A 1 88  ? 15.386  13.811  4.384   1.00 47.18 ? 198 ASN A CG  1 
ATOM   590  O OD1 . ASN A 1 88  ? 16.267  12.951  4.338   1.00 47.74 ? 198 ASN A OD1 1 
ATOM   591  N ND2 . ASN A 1 88  ? 14.753  14.124  5.510   1.00 39.06 ? 198 ASN A ND2 1 
ATOM   592  N N   . GLU A 1 89  ? 12.880  15.406  0.711   1.00 45.86 ? 199 GLU A N   1 
ATOM   593  C CA  . GLU A 1 89  ? 12.376  16.408  -0.227  1.00 46.28 ? 199 GLU A CA  1 
ATOM   594  C C   . GLU A 1 89  ? 10.925  16.064  -0.604  1.00 43.67 ? 199 GLU A C   1 
ATOM   595  O O   . GLU A 1 89  ? 10.574  14.890  -0.693  1.00 44.25 ? 199 GLU A O   1 
ATOM   596  C CB  . GLU A 1 89  ? 13.253  16.435  -1.488  1.00 51.15 ? 199 GLU A CB  1 
ATOM   597  C CG  . GLU A 1 89  ? 13.458  17.830  -2.094  1.00 63.02 ? 199 GLU A CG  1 
ATOM   598  C CD  . GLU A 1 89  ? 12.397  18.244  -3.129  1.00 65.08 ? 199 GLU A CD  1 
ATOM   599  O OE1 . GLU A 1 89  ? 12.329  17.615  -4.216  1.00 65.09 ? 199 GLU A OE1 1 
ATOM   600  O OE2 . GLU A 1 89  ? 11.668  19.235  -2.875  1.00 66.03 ? 199 GLU A OE2 1 
ATOM   601  N N   . PRO A 1 90  ? 10.035  17.071  -0.677  1.00 38.98 ? 200 PRO A N   1 
ATOM   602  C CA  . PRO A 1 90  ? 8.651   16.783  -1.045  1.00 36.24 ? 200 PRO A CA  1 
ATOM   603  C C   . PRO A 1 90  ? 8.607   16.357  -2.491  1.00 34.70 ? 200 PRO A C   1 
ATOM   604  O O   . PRO A 1 90  ? 9.544   16.607  -3.250  1.00 36.56 ? 200 PRO A O   1 
ATOM   605  C CB  . PRO A 1 90  ? 7.974   18.138  -0.886  1.00 36.11 ? 200 PRO A CB  1 
ATOM   606  C CG  . PRO A 1 90  ? 8.704   18.734  0.201   1.00 34.01 ? 200 PRO A CG  1 
ATOM   607  C CD  . PRO A 1 90  ? 10.131  18.437  -0.144  1.00 39.61 ? 200 PRO A CD  1 
ATOM   608  N N   . GLY A 1 91  ? 7.514   15.722  -2.884  1.00 35.25 ? 201 GLY A N   1 
ATOM   609  C CA  . GLY A 1 91  ? 7.398   15.291  -4.266  1.00 35.78 ? 201 GLY A CA  1 
ATOM   610  C C   . GLY A 1 91  ? 6.646   13.996  -4.424  1.00 30.74 ? 201 GLY A C   1 
ATOM   611  O O   . GLY A 1 91  ? 6.110   13.454  -3.457  1.00 34.36 ? 201 GLY A O   1 
ATOM   612  N N   . THR A 1 92  ? 6.592   13.504  -5.647  1.00 26.72 ? 202 THR A N   1 
ATOM   613  C CA  . THR A 1 92  ? 5.902   12.268  -5.908  1.00 28.44 ? 202 THR A CA  1 
ATOM   614  C C   . THR A 1 92  ? 6.856   11.296  -6.604  1.00 34.92 ? 202 THR A C   1 
ATOM   615  O O   . THR A 1 92  ? 7.300   11.520  -7.744  1.00 39.78 ? 202 THR A O   1 
ATOM   616  C CB  . THR A 1 92  ? 4.587   12.502  -6.679  1.00 28.83 ? 202 THR A CB  1 
ATOM   617  O OG1 . THR A 1 92  ? 4.498   11.631  -7.817  1.00 25.39 ? 202 THR A OG1 1 
ATOM   618  C CG2 . THR A 1 92  ? 4.449   13.949  -7.083  1.00 28.09 ? 202 THR A CG2 1 
ATOM   619  N N   . TYR A 1 93  ? 7.225   10.250  -5.864  1.00 33.50 ? 203 TYR A N   1 
ATOM   620  C CA  . TYR A 1 93  ? 8.151   9.227   -6.327  1.00 24.24 ? 203 TYR A CA  1 
ATOM   621  C C   . TYR A 1 93  ? 7.427   8.024   -6.854  1.00 22.20 ? 203 TYR A C   1 
ATOM   622  O O   . TYR A 1 93  ? 6.385   7.630   -6.340  1.00 18.51 ? 203 TYR A O   1 
ATOM   623  C CB  . TYR A 1 93  ? 9.019   8.827   -5.163  1.00 26.04 ? 203 TYR A CB  1 
ATOM   624  C CG  . TYR A 1 93  ? 9.548   10.026  -4.451  1.00 25.13 ? 203 TYR A CG  1 
ATOM   625  C CD1 . TYR A 1 93  ? 8.769   10.703  -3.524  1.00 24.87 ? 203 TYR A CD1 1 
ATOM   626  C CD2 . TYR A 1 93  ? 10.807  10.537  -4.761  1.00 24.91 ? 203 TYR A CD2 1 
ATOM   627  C CE1 . TYR A 1 93  ? 9.232   11.864  -2.925  1.00 30.59 ? 203 TYR A CE1 1 
ATOM   628  C CE2 . TYR A 1 93  ? 11.276  11.690  -4.172  1.00 24.34 ? 203 TYR A CE2 1 
ATOM   629  C CZ  . TYR A 1 93  ? 10.490  12.350  -3.253  1.00 32.37 ? 203 TYR A CZ  1 
ATOM   630  O OH  . TYR A 1 93  ? 10.977  13.486  -2.641  1.00 39.44 ? 203 TYR A OH  1 
ATOM   631  N N   . ASP A 1 94  ? 7.974   7.451   -7.903  1.00 24.67 ? 204 ASP A N   1 
ATOM   632  C CA  . ASP A 1 94  ? 7.372   6.270   -8.497  1.00 32.80 ? 204 ASP A CA  1 
ATOM   633  C C   . ASP A 1 94  ? 7.825   5.016   -7.739  1.00 33.54 ? 204 ASP A C   1 
ATOM   634  O O   . ASP A 1 94  ? 8.962   4.915   -7.250  1.00 29.86 ? 204 ASP A O   1 
ATOM   635  C CB  . ASP A 1 94  ? 7.771   6.104   -9.979  1.00 34.47 ? 204 ASP A CB  1 
ATOM   636  C CG  . ASP A 1 94  ? 7.455   7.313   -10.832 1.00 38.11 ? 204 ASP A CG  1 
ATOM   637  O OD1 . ASP A 1 94  ? 6.430   7.995   -10.595 1.00 40.94 ? 204 ASP A OD1 1 
ATOM   638  O OD2 . ASP A 1 94  ? 8.250   7.565   -11.765 1.00 40.71 ? 204 ASP A OD2 1 
ATOM   639  N N   . GLY A 1 95  ? 6.920   4.054   -7.685  1.00 33.17 ? 205 GLY A N   1 
ATOM   640  C CA  . GLY A 1 95  ? 7.209   2.804   -7.044  1.00 28.81 ? 205 GLY A CA  1 
ATOM   641  C C   . GLY A 1 95  ? 6.989   1.740   -8.088  1.00 25.35 ? 205 GLY A C   1 
ATOM   642  O O   . GLY A 1 95  ? 6.033   1.798   -8.860  1.00 27.25 ? 205 GLY A O   1 
ATOM   643  N N   . ILE A 1 96  ? 7.919   0.806   -8.160  1.00 27.48 ? 206 ILE A N   1 
ATOM   644  C CA  . ILE A 1 96  ? 7.837   -0.300  -9.098  1.00 30.03 ? 206 ILE A CA  1 
ATOM   645  C C   . ILE A 1 96  ? 7.792   -1.601  -8.281  1.00 29.92 ? 206 ILE A C   1 
ATOM   646  O O   . ILE A 1 96  ? 7.980   -1.593  -7.057  1.00 31.12 ? 206 ILE A O   1 
ATOM   647  C CB  . ILE A 1 96  ? 9.037   -0.297  -10.077 1.00 30.74 ? 206 ILE A CB  1 
ATOM   648  C CG1 . ILE A 1 96  ? 10.366  -0.323  -9.305  1.00 25.48 ? 206 ILE A CG1 1 
ATOM   649  C CG2 . ILE A 1 96  ? 8.957   0.931   -10.971 1.00 30.99 ? 206 ILE A CG2 1 
ATOM   650  C CD1 . ILE A 1 96  ? 11.557  -0.197  -10.167 1.00 20.68 ? 206 ILE A CD1 1 
ATOM   651  N N   . SER A 1 97  ? 7.540   -2.708  -8.956  1.00 26.42 ? 207 SER A N   1 
ATOM   652  C CA  . SER A 1 97  ? 7.436   -3.983  -8.285  1.00 26.42 ? 207 SER A CA  1 
ATOM   653  C C   . SER A 1 97  ? 8.490   -4.913  -8.864  1.00 22.36 ? 207 SER A C   1 
ATOM   654  O O   . SER A 1 97  ? 9.372   -4.459  -9.582  1.00 27.31 ? 207 SER A O   1 
ATOM   655  C CB  . SER A 1 97  ? 6.041   -4.541  -8.535  1.00 24.96 ? 207 SER A CB  1 
ATOM   656  O OG  . SER A 1 97  ? 5.902   -4.904  -9.909  1.00 36.87 ? 207 SER A OG  1 
ATOM   657  N N   . ALA A 1 98  ? 8.361   -6.216  -8.645  1.00 17.83 ? 208 ALA A N   1 
ATOM   658  C CA  . ALA A 1 98  ? 9.351   -7.143  -9.170  1.00 16.56 ? 208 ALA A CA  1 
ATOM   659  C C   . ALA A 1 98  ? 9.304   -7.228  -10.689 1.00 16.90 ? 208 ALA A C   1 
ATOM   660  O O   . ALA A 1 98  ? 8.241   -7.226  -11.286 1.00 25.66 ? 208 ALA A O   1 
ATOM   661  C CB  . ALA A 1 98  ? 9.166   -8.499  -8.550  1.00 16.93 ? 208 ALA A CB  1 
ATOM   662  N N   . SER A 1 99  ? 10.455  -7.384  -11.313 1.00 19.33 ? 209 SER A N   1 
ATOM   663  C CA  . SER A 1 99  ? 10.514  -7.447  -12.760 1.00 21.32 ? 209 SER A CA  1 
ATOM   664  C C   . SER A 1 99  ? 10.332  -8.831  -13.337 1.00 22.16 ? 209 SER A C   1 
ATOM   665  O O   . SER A 1 99  ? 11.183  -9.347  -14.063 1.00 24.82 ? 209 SER A O   1 
ATOM   666  C CB  . SER A 1 99  ? 11.805  -6.804  -13.269 1.00 23.88 ? 209 SER A CB  1 
ATOM   667  O OG  . SER A 1 99  ? 12.830  -6.911  -12.299 1.00 38.87 ? 209 SER A OG  1 
ATOM   668  N N   . TYR A 1 100 ? 9.220   -9.456  -12.992 1.00 27.78 ? 210 TYR A N   1 
ATOM   669  C CA  . TYR A 1 100 ? 8.943   -10.779 -13.527 1.00 28.02 ? 210 TYR A CA  1 
ATOM   670  C C   . TYR A 1 100 ? 8.535   -10.493 -14.952 1.00 29.59 ? 210 TYR A C   1 
ATOM   671  O O   . TYR A 1 100 ? 8.004   -9.426  -15.236 1.00 35.04 ? 210 TYR A O   1 
ATOM   672  C CB  . TYR A 1 100 ? 7.787   -11.441 -12.771 1.00 27.17 ? 210 TYR A CB  1 
ATOM   673  C CG  . TYR A 1 100 ? 8.106   -11.840 -11.357 1.00 18.86 ? 210 TYR A CG  1 
ATOM   674  C CD1 . TYR A 1 100 ? 9.216   -12.619 -11.064 1.00 18.61 ? 210 TYR A CD1 1 
ATOM   675  C CD2 . TYR A 1 100 ? 7.277   -11.473 -10.315 1.00 18.58 ? 210 TYR A CD2 1 
ATOM   676  C CE1 . TYR A 1 100 ? 9.493   -13.020 -9.768  1.00 15.94 ? 210 TYR A CE1 1 
ATOM   677  C CE2 . TYR A 1 100 ? 7.538   -11.881 -9.012  1.00 22.14 ? 210 TYR A CE2 1 
ATOM   678  C CZ  . TYR A 1 100 ? 8.649   -12.648 -8.746  1.00 14.94 ? 210 TYR A CZ  1 
ATOM   679  O OH  . TYR A 1 100 ? 8.923   -13.000 -7.445  1.00 18.46 ? 210 TYR A OH  1 
ATOM   680  N N   . SER A 1 101 ? 8.798   -11.430 -15.846 1.00 34.57 ? 211 SER A N   1 
ATOM   681  C CA  . SER A 1 101 ? 8.447   -11.264 -17.253 1.00 37.25 ? 211 SER A CA  1 
ATOM   682  C C   . SER A 1 101 ? 6.943   -11.437 -17.548 1.00 37.26 ? 211 SER A C   1 
ATOM   683  O O   . SER A 1 101 ? 6.462   -11.126 -18.645 1.00 37.55 ? 211 SER A O   1 
ATOM   684  C CB  . SER A 1 101 ? 9.279   -12.244 -18.085 1.00 38.39 ? 211 SER A CB  1 
ATOM   685  O OG  . SER A 1 101 ? 10.654  -12.176 -17.718 1.00 46.24 ? 211 SER A OG  1 
ATOM   686  N N   . GLY A 1 102 ? 6.193   -11.904 -16.561 1.00 38.51 ? 212 GLY A N   1 
ATOM   687  C CA  . GLY A 1 102 ? 4.779   -12.132 -16.766 1.00 41.01 ? 212 GLY A CA  1 
ATOM   688  C C   . GLY A 1 102 ? 3.893   -10.912 -16.922 1.00 41.05 ? 212 GLY A C   1 
ATOM   689  O O   . GLY A 1 102 ? 4.141   -9.877  -16.298 1.00 44.16 ? 212 GLY A O   1 
ATOM   690  N N   . PRO A 1 103 ? 2.855   -11.001 -17.775 1.00 39.58 ? 213 PRO A N   1 
ATOM   691  C CA  . PRO A 1 103 ? 1.900   -9.921  -18.032 1.00 37.89 ? 213 PRO A CA  1 
ATOM   692  C C   . PRO A 1 103 ? 1.155   -9.642  -16.743 1.00 34.98 ? 213 PRO A C   1 
ATOM   693  O O   . PRO A 1 103 ? 0.862   -10.567 -15.981 1.00 41.35 ? 213 PRO A O   1 
ATOM   694  C CB  . PRO A 1 103 ? 0.957   -10.540 -19.058 1.00 41.12 ? 213 PRO A CB  1 
ATOM   695  C CG  . PRO A 1 103 ? 1.830   -11.483 -19.796 1.00 43.30 ? 213 PRO A CG  1 
ATOM   696  C CD  . PRO A 1 103 ? 2.594   -12.139 -18.672 1.00 41.28 ? 213 PRO A CD  1 
ATOM   697  N N   . GLY A 1 104 ? 0.875   -8.369  -16.481 1.00 30.14 ? 214 GLY A N   1 
ATOM   698  C CA  . GLY A 1 104 ? 0.177   -8.012  -15.266 1.00 21.56 ? 214 GLY A CA  1 
ATOM   699  C C   . GLY A 1 104 ? 1.170   -7.392  -14.323 1.00 22.58 ? 214 GLY A C   1 
ATOM   700  O O   . GLY A 1 104 ? 0.854   -6.427  -13.640 1.00 25.30 ? 214 GLY A O   1 
ATOM   701  N N   . PHE A 1 105 ? 2.379   -7.935  -14.283 1.00 23.53 ? 215 PHE A N   1 
ATOM   702  C CA  . PHE A 1 105 ? 3.420   -7.386  -13.431 1.00 27.02 ? 215 PHE A CA  1 
ATOM   703  C C   . PHE A 1 105 ? 3.832   -6.019  -13.978 1.00 26.65 ? 215 PHE A C   1 
ATOM   704  O O   . PHE A 1 105 ? 4.023   -5.076  -13.222 1.00 27.12 ? 215 PHE A O   1 
ATOM   705  C CB  . PHE A 1 105 ? 4.614   -8.346  -13.348 1.00 27.45 ? 215 PHE A CB  1 
ATOM   706  C CG  . PHE A 1 105 ? 4.289   -9.662  -12.679 1.00 27.14 ? 215 PHE A CG  1 
ATOM   707  C CD1 . PHE A 1 105 ? 3.993   -9.706  -11.314 1.00 26.77 ? 215 PHE A CD1 1 
ATOM   708  C CD2 . PHE A 1 105 ? 4.259   -10.850 -13.423 1.00 22.40 ? 215 PHE A CD2 1 
ATOM   709  C CE1 . PHE A 1 105 ? 3.666   -10.920 -10.699 1.00 30.58 ? 215 PHE A CE1 1 
ATOM   710  C CE2 . PHE A 1 105 ? 3.938   -12.062 -12.835 1.00 19.59 ? 215 PHE A CE2 1 
ATOM   711  C CZ  . PHE A 1 105 ? 3.638   -12.104 -11.469 1.00 25.81 ? 215 PHE A CZ  1 
ATOM   712  N N   . SER A 1 106 ? 3.825   -5.903  -15.302 1.00 29.56 ? 216 SER A N   1 
ATOM   713  C CA  . SER A 1 106 ? 4.170   -4.666  -16.008 1.00 31.72 ? 216 SER A CA  1 
ATOM   714  C C   . SER A 1 106 ? 3.354   -3.428  -15.575 1.00 30.20 ? 216 SER A C   1 
ATOM   715  O O   . SER A 1 106 ? 3.872   -2.315  -15.508 1.00 28.22 ? 216 SER A O   1 
ATOM   716  C CB  . SER A 1 106 ? 4.023   -4.892  -17.513 1.00 30.38 ? 216 SER A CB  1 
ATOM   717  O OG  . SER A 1 106 ? 4.321   -6.243  -17.831 1.00 37.86 ? 216 SER A OG  1 
ATOM   718  N N   . GLY A 1 107 ? 2.090   -3.633  -15.240 1.00 28.46 ? 217 GLY A N   1 
ATOM   719  C CA  . GLY A 1 107 ? 1.278   -2.507  -14.819 1.00 28.40 ? 217 GLY A CA  1 
ATOM   720  C C   . GLY A 1 107 ? 1.200   -2.390  -13.314 1.00 28.37 ? 217 GLY A C   1 
ATOM   721  O O   . GLY A 1 107 ? 0.412   -1.618  -12.780 1.00 25.15 ? 217 GLY A O   1 
ATOM   722  N N   . MET A 1 108 ? 2.040   -3.154  -12.630 1.00 30.30 ? 218 MET A N   1 
ATOM   723  C CA  . MET A 1 108 ? 2.064   -3.165  -11.177 1.00 28.39 ? 218 MET A CA  1 
ATOM   724  C C   . MET A 1 108 ? 2.934   -2.018  -10.623 1.00 26.45 ? 218 MET A C   1 
ATOM   725  O O   . MET A 1 108 ? 3.983   -2.245  -10.033 1.00 26.14 ? 218 MET A O   1 
ATOM   726  C CB  . MET A 1 108 ? 2.535   -4.550  -10.671 1.00 23.17 ? 218 MET A CB  1 
ATOM   727  C CG  . MET A 1 108 ? 1.899   -4.940  -9.335  1.00 21.16 ? 218 MET A CG  1 
ATOM   728  S SD  . MET A 1 108 ? 2.214   -6.577  -8.620  1.00 19.81 ? 218 MET A SD  1 
ATOM   729  C CE  . MET A 1 108 ? 2.102   -6.110  -6.912  1.00 8.47  ? 218 MET A CE  1 
ATOM   730  N N   . LYS A 1 109 ? 2.525   -0.779  -10.864 1.00 22.43 ? 219 LYS A N   1 
ATOM   731  C CA  . LYS A 1 109 ? 3.282   0.365   -10.353 1.00 22.64 ? 219 LYS A CA  1 
ATOM   732  C C   . LYS A 1 109 ? 2.415   1.107   -9.366  1.00 22.89 ? 219 LYS A C   1 
ATOM   733  O O   . LYS A 1 109 ? 1.209   0.882   -9.322  1.00 29.66 ? 219 LYS A O   1 
ATOM   734  C CB  . LYS A 1 109 ? 3.688   1.305   -11.479 1.00 21.50 ? 219 LYS A CB  1 
ATOM   735  C CG  . LYS A 1 109 ? 4.679   0.681   -12.428 1.00 22.81 ? 219 LYS A CG  1 
ATOM   736  C CD  . LYS A 1 109 ? 4.640   1.331   -13.767 1.00 16.40 ? 219 LYS A CD  1 
ATOM   737  C CE  . LYS A 1 109 ? 5.554   0.566   -14.691 1.00 25.59 ? 219 LYS A CE  1 
ATOM   738  N NZ  . LYS A 1 109 ? 5.707   1.222   -16.019 1.00 32.27 ? 219 LYS A NZ  1 
ATOM   739  N N   . PHE A 1 110 ? 3.028   1.939   -8.536  1.00 17.78 ? 220 PHE A N   1 
ATOM   740  C CA  . PHE A 1 110 ? 2.279   2.712   -7.582  1.00 17.00 ? 220 PHE A CA  1 
ATOM   741  C C   . PHE A 1 110 ? 2.930   4.080   -7.431  1.00 17.87 ? 220 PHE A C   1 
ATOM   742  O O   . PHE A 1 110 ? 3.998   4.312   -7.994  1.00 16.29 ? 220 PHE A O   1 
ATOM   743  C CB  . PHE A 1 110 ? 2.142   1.969   -6.249  1.00 15.34 ? 220 PHE A CB  1 
ATOM   744  C CG  . PHE A 1 110 ? 3.409   1.846   -5.484  1.00 10.23 ? 220 PHE A CG  1 
ATOM   745  C CD1 . PHE A 1 110 ? 4.287   0.797   -5.737  1.00 7.95  ? 220 PHE A CD1 1 
ATOM   746  C CD2 . PHE A 1 110 ? 3.699   2.737   -4.468  1.00 10.57 ? 220 PHE A CD2 1 
ATOM   747  C CE1 . PHE A 1 110 ? 5.427   0.626   -4.996  1.00 3.87  ? 220 PHE A CE1 1 
ATOM   748  C CE2 . PHE A 1 110 ? 4.848   2.580   -3.712  1.00 11.62 ? 220 PHE A CE2 1 
ATOM   749  C CZ  . PHE A 1 110 ? 5.717   1.515   -3.976  1.00 2.99  ? 220 PHE A CZ  1 
ATOM   750  N N   . LYS A 1 111 ? 2.303   4.968   -6.657  1.00 18.42 ? 221 LYS A N   1 
ATOM   751  C CA  . LYS A 1 111 ? 2.802   6.326   -6.479  1.00 17.62 ? 221 LYS A CA  1 
ATOM   752  C C   . LYS A 1 111 ? 3.071   6.735   -5.036  1.00 23.06 ? 221 LYS A C   1 
ATOM   753  O O   . LYS A 1 111 ? 2.232   6.522   -4.157  1.00 24.26 ? 221 LYS A O   1 
ATOM   754  C CB  . LYS A 1 111 ? 1.786   7.293   -7.078  1.00 23.72 ? 221 LYS A CB  1 
ATOM   755  C CG  . LYS A 1 111 ? 2.382   8.307   -8.007  1.00 21.78 ? 221 LYS A CG  1 
ATOM   756  C CD  . LYS A 1 111 ? 2.734   7.699   -9.333  1.00 17.52 ? 221 LYS A CD  1 
ATOM   757  C CE  . LYS A 1 111 ? 3.496   8.704   -10.154 1.00 23.68 ? 221 LYS A CE  1 
ATOM   758  N NZ  . LYS A 1 111 ? 3.708   8.204   -11.533 1.00 31.04 ? 221 LYS A NZ  1 
ATOM   759  N N   . ALA A 1 112 ? 4.214   7.380   -4.804  1.00 27.09 ? 222 ALA A N   1 
ATOM   760  C CA  . ALA A 1 112 ? 4.592   7.831   -3.463  1.00 29.70 ? 222 ALA A CA  1 
ATOM   761  C C   . ALA A 1 112 ? 4.559   9.358   -3.332  1.00 29.73 ? 222 ALA A C   1 
ATOM   762  O O   . ALA A 1 112 ? 5.496   10.071  -3.696  1.00 34.24 ? 222 ALA A O   1 
ATOM   763  C CB  . ALA A 1 112 ? 5.988   7.266   -3.056  1.00 20.19 ? 222 ALA A CB  1 
ATOM   764  N N   . ILE A 1 113 ? 3.476   9.857   -2.771  1.00 28.15 ? 223 ILE A N   1 
ATOM   765  C CA  . ILE A 1 113 ? 3.329   11.277  -2.589  1.00 24.23 ? 223 ILE A CA  1 
ATOM   766  C C   . ILE A 1 113 ? 3.939   11.723  -1.268  1.00 22.92 ? 223 ILE A C   1 
ATOM   767  O O   . ILE A 1 113 ? 3.301   11.561  -0.229  1.00 22.39 ? 223 ILE A O   1 
ATOM   768  C CB  . ILE A 1 113 ? 1.832   11.679  -2.550  1.00 31.54 ? 223 ILE A CB  1 
ATOM   769  C CG1 . ILE A 1 113 ? 1.031   11.043  -3.708  1.00 33.29 ? 223 ILE A CG1 1 
ATOM   770  C CG2 . ILE A 1 113 ? 1.701   13.191  -2.509  1.00 27.62 ? 223 ILE A CG2 1 
ATOM   771  C CD1 . ILE A 1 113 ? 1.727   11.036  -5.054  1.00 27.99 ? 223 ILE A CD1 1 
ATOM   772  N N   . ALA A 1 114 ? 5.169   12.238  -1.268  1.00 22.19 ? 224 ALA A N   1 
ATOM   773  C CA  . ALA A 1 114 ? 5.727   12.749  -0.016  1.00 21.85 ? 224 ALA A CA  1 
ATOM   774  C C   . ALA A 1 114 ? 5.307   14.218  -0.008  1.00 27.66 ? 224 ALA A C   1 
ATOM   775  O O   . ALA A 1 114 ? 5.996   15.076  -0.552  1.00 33.92 ? 224 ALA A O   1 
ATOM   776  C CB  . ALA A 1 114 ? 7.238   12.611  0.025   1.00 19.99 ? 224 ALA A CB  1 
ATOM   777  N N   . THR A 1 115 ? 4.141   14.496  0.564   1.00 29.61 ? 225 THR A N   1 
ATOM   778  C CA  . THR A 1 115 ? 3.600   15.846  0.588   1.00 30.16 ? 225 THR A CA  1 
ATOM   779  C C   . THR A 1 115 ? 4.502   16.828  1.315   1.00 37.32 ? 225 THR A C   1 
ATOM   780  O O   . THR A 1 115 ? 5.196   16.451  2.265   1.00 35.12 ? 225 THR A O   1 
ATOM   781  C CB  . THR A 1 115 ? 2.214   15.909  1.256   1.00 29.77 ? 225 THR A CB  1 
ATOM   782  O OG1 . THR A 1 115 ? 2.361   15.780  2.676   1.00 22.26 ? 225 THR A OG1 1 
ATOM   783  C CG2 . THR A 1 115 ? 1.290   14.835  0.707   1.00 24.93 ? 225 THR A CG2 1 
ATOM   784  N N   . PRO A 1 116 ? 4.432   18.125  0.926   1.00 42.17 ? 226 PRO A N   1 
ATOM   785  C CA  . PRO A 1 116 ? 5.197   19.258  1.470   1.00 40.33 ? 226 PRO A CA  1 
ATOM   786  C C   . PRO A 1 116 ? 5.148   19.413  2.978   1.00 39.34 ? 226 PRO A C   1 
ATOM   787  O O   . PRO A 1 116 ? 6.074   19.960  3.580   1.00 36.87 ? 226 PRO A O   1 
ATOM   788  C CB  . PRO A 1 116 ? 4.568   20.448  0.773   1.00 43.13 ? 226 PRO A CB  1 
ATOM   789  C CG  . PRO A 1 116 ? 4.238   19.879  -0.586  1.00 42.94 ? 226 PRO A CG  1 
ATOM   790  C CD  . PRO A 1 116 ? 3.604   18.561  -0.218  1.00 38.21 ? 226 PRO A CD  1 
ATOM   791  N N   . ASP A 1 117 ? 4.056   18.973  3.582   1.00 41.84 ? 227 ASP A N   1 
ATOM   792  C CA  . ASP A 1 117 ? 3.909   19.048  5.032   1.00 47.10 ? 227 ASP A CA  1 
ATOM   793  C C   . ASP A 1 117 ? 2.750   18.160  5.477   1.00 46.92 ? 227 ASP A C   1 
ATOM   794  O O   . ASP A 1 117 ? 2.135   17.500  4.644   1.00 45.23 ? 227 ASP A O   1 
ATOM   795  C CB  . ASP A 1 117 ? 3.737   20.504  5.504   1.00 48.11 ? 227 ASP A CB  1 
ATOM   796  C CG  . ASP A 1 117 ? 2.439   21.142  5.030   1.00 52.09 ? 227 ASP A CG  1 
ATOM   797  O OD1 . ASP A 1 117 ? 1.920   20.783  3.941   1.00 50.78 ? 227 ASP A OD1 1 
ATOM   798  O OD2 . ASP A 1 117 ? 1.945   22.021  5.772   1.00 57.17 ? 227 ASP A OD2 1 
ATOM   799  N N   . ARG A 1 118 ? 2.436   18.170  6.771   1.00 48.82 ? 228 ARG A N   1 
ATOM   800  C CA  . ARG A 1 118 ? 1.365   17.332  7.302   1.00 48.37 ? 228 ARG A CA  1 
ATOM   801  C C   . ARG A 1 118 ? -0.057  17.784  6.978   1.00 46.62 ? 228 ARG A C   1 
ATOM   802  O O   . ARG A 1 118 ? -0.919  16.936  6.744   1.00 45.84 ? 228 ARG A O   1 
ATOM   803  C CB  . ARG A 1 118 ? 1.537   17.106  8.804   1.00 48.86 ? 228 ARG A CB  1 
ATOM   804  C CG  . ARG A 1 118 ? 0.614   16.030  9.371   1.00 55.61 ? 228 ARG A CG  1 
ATOM   805  C CD  . ARG A 1 118 ? 1.114   15.519  10.716  1.00 59.80 ? 228 ARG A CD  1 
ATOM   806  N NE  . ARG A 1 118 ? 2.394   14.824  10.584  1.00 66.56 ? 228 ARG A NE  1 
ATOM   807  C CZ  . ARG A 1 118 ? 3.331   14.771  11.528  1.00 68.55 ? 228 ARG A CZ  1 
ATOM   808  N NH1 . ARG A 1 118 ? 3.150   15.374  12.702  1.00 72.92 ? 228 ARG A NH1 1 
ATOM   809  N NH2 . ARG A 1 118 ? 4.468   14.133  11.289  1.00 69.52 ? 228 ARG A NH2 1 
ATOM   810  N N   . ALA A 1 119 ? -0.299  19.098  6.929   1.00 43.73 ? 229 ALA A N   1 
ATOM   811  C CA  . ALA A 1 119 ? -1.639  19.627  6.612   1.00 40.15 ? 229 ALA A CA  1 
ATOM   812  C C   . ALA A 1 119 ? -2.094  19.077  5.271   1.00 36.25 ? 229 ALA A C   1 
ATOM   813  O O   . ALA A 1 119 ? -3.269  18.787  5.047   1.00 35.95 ? 229 ALA A O   1 
ATOM   814  C CB  . ALA A 1 119 ? -1.622  21.157  6.575   1.00 39.17 ? 229 ALA A CB  1 
ATOM   815  N N   . ALA A 1 120 ? -1.130  18.923  4.383   1.00 33.93 ? 230 ALA A N   1 
ATOM   816  C CA  . ALA A 1 120 ? -1.402  18.404  3.070   1.00 31.27 ? 230 ALA A CA  1 
ATOM   817  C C   . ALA A 1 120 ? -1.774  16.912  3.195   1.00 30.32 ? 230 ALA A C   1 
ATOM   818  O O   . ALA A 1 120 ? -2.696  16.427  2.514   1.00 32.05 ? 230 ALA A O   1 
ATOM   819  C CB  . ALA A 1 120 ? -0.176  18.616  2.187   1.00 25.09 ? 230 ALA A CB  1 
ATOM   820  N N   . PHE A 1 121 ? -1.120  16.219  4.128   1.00 27.97 ? 231 PHE A N   1 
ATOM   821  C CA  . PHE A 1 121 ? -1.361  14.791  4.353   1.00 33.04 ? 231 PHE A CA  1 
ATOM   822  C C   . PHE A 1 121 ? -2.767  14.642  4.883   1.00 31.06 ? 231 PHE A C   1 
ATOM   823  O O   . PHE A 1 121 ? -3.572  13.885  4.324   1.00 28.70 ? 231 PHE A O   1 
ATOM   824  C CB  . PHE A 1 121 ? -0.324  14.201  5.344   1.00 34.17 ? 231 PHE A CB  1 
ATOM   825  C CG  . PHE A 1 121 ? -0.646  12.792  5.840   1.00 34.93 ? 231 PHE A CG  1 
ATOM   826  C CD1 . PHE A 1 121 ? -1.167  11.821  4.982   1.00 35.33 ? 231 PHE A CD1 1 
ATOM   827  C CD2 . PHE A 1 121 ? -0.490  12.468  7.195   1.00 32.02 ? 231 PHE A CD2 1 
ATOM   828  C CE1 . PHE A 1 121 ? -1.540  10.559  5.467   1.00 34.76 ? 231 PHE A CE1 1 
ATOM   829  C CE2 . PHE A 1 121 ? -0.857  11.213  7.687   1.00 31.33 ? 231 PHE A CE2 1 
ATOM   830  C CZ  . PHE A 1 121 ? -1.385  10.260  6.826   1.00 32.48 ? 231 PHE A CZ  1 
ATOM   831  N N   . ASP A 1 122 ? -3.043  15.388  5.949   1.00 32.78 ? 232 ASP A N   1 
ATOM   832  C CA  . ASP A 1 122 ? -4.344  15.407  6.597   1.00 37.44 ? 232 ASP A CA  1 
ATOM   833  C C   . ASP A 1 122 ? -5.414  15.573  5.518   1.00 41.02 ? 232 ASP A C   1 
ATOM   834  O O   . ASP A 1 122 ? -6.414  14.836  5.492   1.00 45.33 ? 232 ASP A O   1 
ATOM   835  C CB  . ASP A 1 122 ? -4.428  16.575  7.583   1.00 37.06 ? 232 ASP A CB  1 
ATOM   836  C CG  . ASP A 1 122 ? -3.504  16.414  8.793   1.00 41.72 ? 232 ASP A CG  1 
ATOM   837  O OD1 . ASP A 1 122 ? -2.656  15.490  8.830   1.00 43.89 ? 232 ASP A OD1 1 
ATOM   838  O OD2 . ASP A 1 122 ? -3.634  17.243  9.728   1.00 41.72 ? 232 ASP A OD2 1 
ATOM   839  N N   . GLN A 1 123 ? -5.172  16.494  4.590   1.00 39.40 ? 233 GLN A N   1 
ATOM   840  C CA  . GLN A 1 123 ? -6.115  16.719  3.505   1.00 42.21 ? 233 GLN A CA  1 
ATOM   841  C C   . GLN A 1 123 ? -6.305  15.505  2.575   1.00 39.06 ? 233 GLN A C   1 
ATOM   842  O O   . GLN A 1 123 ? -7.423  15.236  2.126   1.00 39.76 ? 233 GLN A O   1 
ATOM   843  C CB  . GLN A 1 123 ? -5.741  17.983  2.733   1.00 47.49 ? 233 GLN A CB  1 
ATOM   844  C CG  . GLN A 1 123 ? -5.967  19.255  3.562   1.00 51.92 ? 233 GLN A CG  1 
ATOM   845  C CD  . GLN A 1 123 ? -5.657  20.534  2.810   1.00 52.77 ? 233 GLN A CD  1 
ATOM   846  O OE1 . GLN A 1 123 ? -6.371  21.528  2.945   1.00 54.64 ? 233 GLN A OE1 1 
ATOM   847  N NE2 . GLN A 1 123 ? -4.576  20.528  2.036   1.00 51.11 ? 233 GLN A NE2 1 
ATOM   848  N N   . TRP A 1 124 ? -5.234  14.757  2.307   1.00 36.34 ? 234 TRP A N   1 
ATOM   849  C CA  . TRP A 1 124 ? -5.319  13.559  1.454   1.00 29.83 ? 234 TRP A CA  1 
ATOM   850  C C   . TRP A 1 124 ? -6.192  12.474  2.133   1.00 27.98 ? 234 TRP A C   1 
ATOM   851  O O   . TRP A 1 124 ? -6.901  11.701  1.474   1.00 23.07 ? 234 TRP A O   1 
ATOM   852  C CB  . TRP A 1 124 ? -3.909  13.029  1.188   1.00 24.03 ? 234 TRP A CB  1 
ATOM   853  C CG  . TRP A 1 124 ? -3.834  11.788  0.299   1.00 26.88 ? 234 TRP A CG  1 
ATOM   854  C CD1 . TRP A 1 124 ? -3.905  11.739  -1.076  1.00 22.71 ? 234 TRP A CD1 1 
ATOM   855  C CD2 . TRP A 1 124 ? -3.595  10.434  0.736   1.00 24.87 ? 234 TRP A CD2 1 
ATOM   856  N NE1 . TRP A 1 124 ? -3.712  10.444  -1.515  1.00 20.57 ? 234 TRP A NE1 1 
ATOM   857  C CE2 . TRP A 1 124 ? -3.523  9.625   -0.429  1.00 23.70 ? 234 TRP A CE2 1 
ATOM   858  C CE3 . TRP A 1 124 ? -3.430  9.831   1.998   1.00 19.20 ? 234 TRP A CE3 1 
ATOM   859  C CZ2 . TRP A 1 124 ? -3.294  8.250   -0.363  1.00 22.87 ? 234 TRP A CZ2 1 
ATOM   860  C CZ3 . TRP A 1 124 ? -3.206  8.483   2.061   1.00 18.85 ? 234 TRP A CZ3 1 
ATOM   861  C CH2 . TRP A 1 124 ? -3.137  7.698   0.885   1.00 25.70 ? 234 TRP A CH2 1 
ATOM   862  N N   . VAL A 1 125 ? -6.107  12.409  3.457   1.00 28.52 ? 235 VAL A N   1 
ATOM   863  C CA  . VAL A 1 125 ? -6.891  11.455  4.226   1.00 30.12 ? 235 VAL A CA  1 
ATOM   864  C C   . VAL A 1 125 ? -8.342  11.827  3.971   1.00 33.15 ? 235 VAL A C   1 
ATOM   865  O O   . VAL A 1 125 ? -9.123  10.992  3.495   1.00 30.49 ? 235 VAL A O   1 
ATOM   866  C CB  . VAL A 1 125 ? -6.622  11.580  5.729   1.00 31.36 ? 235 VAL A CB  1 
ATOM   867  C CG1 . VAL A 1 125 ? -7.401  10.526  6.477   1.00 29.74 ? 235 VAL A CG1 1 
ATOM   868  C CG2 . VAL A 1 125 ? -5.123  11.443  6.021   1.00 37.87 ? 235 VAL A CG2 1 
ATOM   869  N N   . ALA A 1 126 ? -8.657  13.107  4.224   1.00 31.99 ? 236 ALA A N   1 
ATOM   870  C CA  . ALA A 1 126 ? -9.991  13.688  4.031   1.00 24.74 ? 236 ALA A CA  1 
ATOM   871  C C   . ALA A 1 126 ? -10.573 13.379  2.656   1.00 23.07 ? 236 ALA A C   1 
ATOM   872  O O   . ALA A 1 126 ? -11.751 13.068  2.542   1.00 30.47 ? 236 ALA A O   1 
ATOM   873  C CB  . ALA A 1 126 ? -9.938  15.176  4.243   1.00 25.95 ? 236 ALA A CB  1 
ATOM   874  N N   . LYS A 1 127 ? -9.769  13.474  1.609   1.00 21.25 ? 237 LYS A N   1 
ATOM   875  C CA  . LYS A 1 127 ? -10.260 13.154  0.269   1.00 29.16 ? 237 LYS A CA  1 
ATOM   876  C C   . LYS A 1 127 ? -10.628 11.651  0.160   1.00 33.16 ? 237 LYS A C   1 
ATOM   877  O O   . LYS A 1 127 ? -11.461 11.248  -0.677  1.00 32.25 ? 237 LYS A O   1 
ATOM   878  C CB  . LYS A 1 127 ? -9.204  13.514  -0.797  1.00 28.64 ? 237 LYS A CB  1 
ATOM   879  C CG  . LYS A 1 127 ? -9.632  13.149  -2.234  1.00 28.76 ? 237 LYS A CG  1 
ATOM   880  C CD  . LYS A 1 127 ? -8.590  13.555  -3.259  1.00 36.90 ? 237 LYS A CD  1 
ATOM   881  C CE  . LYS A 1 127 ? -9.172  13.564  -4.678  1.00 40.23 ? 237 LYS A CE  1 
ATOM   882  N NZ  . LYS A 1 127 ? -9.748  12.267  -5.123  1.00 38.23 ? 237 LYS A NZ  1 
ATOM   883  N N   . ALA A 1 128 ? -9.957  10.837  0.983   1.00 35.16 ? 238 ALA A N   1 
ATOM   884  C CA  . ALA A 1 128 ? -10.149 9.388   1.023   1.00 32.64 ? 238 ALA A CA  1 
ATOM   885  C C   . ALA A 1 128 ? -11.389 9.075   1.847   1.00 33.15 ? 238 ALA A C   1 
ATOM   886  O O   . ALA A 1 128 ? -12.258 8.296   1.441   1.00 29.88 ? 238 ALA A O   1 
ATOM   887  C CB  . ALA A 1 128 ? -8.928  8.716   1.638   1.00 29.77 ? 238 ALA A CB  1 
ATOM   888  N N   . LYS A 1 129 ? -11.483 9.701   3.008   1.00 26.66 ? 239 LYS A N   1 
ATOM   889  C CA  . LYS A 1 129 ? -12.628 9.476   3.838   1.00 27.84 ? 239 LYS A CA  1 
ATOM   890  C C   . LYS A 1 129 ? -13.928 9.840   3.104   1.00 28.26 ? 239 LYS A C   1 
ATOM   891  O O   . LYS A 1 129 ? -15.008 9.466   3.549   1.00 36.23 ? 239 LYS A O   1 
ATOM   892  C CB  . LYS A 1 129 ? -12.485 10.264  5.140   1.00 30.60 ? 239 LYS A CB  1 
ATOM   893  C CG  . LYS A 1 129 ? -11.252 9.903   5.961   1.00 34.99 ? 239 LYS A CG  1 
ATOM   894  C CD  . LYS A 1 129 ? -11.568 9.002   7.148   1.00 39.84 ? 239 LYS A CD  1 
ATOM   895  C CE  . LYS A 1 129 ? -11.950 7.586   6.717   1.00 45.78 ? 239 LYS A CE  1 
ATOM   896  N NZ  . LYS A 1 129 ? -12.124 6.589   7.842   1.00 46.45 ? 239 LYS A NZ  1 
ATOM   897  N N   . GLN A 1 130 ? -13.834 10.547  1.978   1.00 27.15 ? 240 GLN A N   1 
ATOM   898  C CA  . GLN A 1 130 ? -15.029 10.928  1.227   1.00 30.17 ? 240 GLN A CA  1 
ATOM   899  C C   . GLN A 1 130 ? -15.431 9.910   0.147   1.00 33.20 ? 240 GLN A C   1 
ATOM   900  O O   . GLN A 1 130 ? -16.401 10.124  -0.588  1.00 33.87 ? 240 GLN A O   1 
ATOM   901  C CB  . GLN A 1 130 ? -14.865 12.322  0.586   1.00 29.69 ? 240 GLN A CB  1 
ATOM   902  C CG  . GLN A 1 130 ? -14.715 13.493  1.550   1.00 27.77 ? 240 GLN A CG  1 
ATOM   903  C CD  . GLN A 1 130 ? -14.585 14.847  0.832   1.00 32.15 ? 240 GLN A CD  1 
ATOM   904  O OE1 . GLN A 1 130 ? -14.291 14.924  -0.362  1.00 32.74 ? 240 GLN A OE1 1 
ATOM   905  N NE2 . GLN A 1 130 ? -14.834 15.918  1.565   1.00 28.89 ? 240 GLN A NE2 1 
ATOM   906  N N   . SER A 1 131 ? -14.675 8.823   0.007   1.00 34.67 ? 241 SER A N   1 
ATOM   907  C CA  . SER A 1 131 ? -15.013 7.817   -0.996  1.00 35.11 ? 241 SER A CA  1 
ATOM   908  C C   . SER A 1 131 ? -16.215 7.014   -0.541  1.00 36.46 ? 241 SER A C   1 
ATOM   909  O O   . SER A 1 131 ? -16.402 6.780   0.654   1.00 37.78 ? 241 SER A O   1 
ATOM   910  C CB  . SER A 1 131 ? -13.843 6.883   -1.286  1.00 37.88 ? 241 SER A CB  1 
ATOM   911  O OG  . SER A 1 131 ? -13.295 6.372   -0.090  1.00 45.85 ? 241 SER A OG  1 
ATOM   912  N N   . PRO A 1 132 ? -17.079 6.634   -1.483  1.00 34.99 ? 242 PRO A N   1 
ATOM   913  C CA  . PRO A 1 132 ? -18.264 5.861   -1.137  1.00 36.99 ? 242 PRO A CA  1 
ATOM   914  C C   . PRO A 1 132 ? -17.961 4.408   -0.867  1.00 35.55 ? 242 PRO A C   1 
ATOM   915  O O   . PRO A 1 132 ? -18.608 3.788   -0.034  1.00 34.82 ? 242 PRO A O   1 
ATOM   916  C CB  . PRO A 1 132 ? -19.151 6.037   -2.372  1.00 38.80 ? 242 PRO A CB  1 
ATOM   917  C CG  . PRO A 1 132 ? -18.167 6.146   -3.488  1.00 39.52 ? 242 PRO A CG  1 
ATOM   918  C CD  . PRO A 1 132 ? -17.108 7.053   -2.897  1.00 36.67 ? 242 PRO A CD  1 
ATOM   919  N N   . ASN A 1 133 ? -16.988 3.884   -1.599  1.00 39.52 ? 243 ASN A N   1 
ATOM   920  C CA  . ASN A 1 133 ? -16.544 2.482   -1.514  1.00 45.43 ? 243 ASN A CA  1 
ATOM   921  C C   . ASN A 1 133 ? -15.643 2.119   -0.324  1.00 44.34 ? 243 ASN A C   1 
ATOM   922  O O   . ASN A 1 133 ? -14.591 2.731   -0.127  1.00 44.99 ? 243 ASN A O   1 
ATOM   923  C CB  . ASN A 1 133 ? -15.863 2.063   -2.835  1.00 50.48 ? 243 ASN A CB  1 
ATOM   924  C CG  . ASN A 1 133 ? -14.842 3.100   -3.350  1.00 54.84 ? 243 ASN A CG  1 
ATOM   925  O OD1 . ASN A 1 133 ? -15.029 4.316   -3.200  1.00 57.93 ? 243 ASN A OD1 1 
ATOM   926  N ND2 . ASN A 1 133 ? -13.781 2.616   -3.988  1.00 53.23 ? 243 ASN A ND2 1 
ATOM   927  N N   . THR A 1 134 ? -16.043 1.102   0.442   1.00 43.23 ? 244 THR A N   1 
ATOM   928  C CA  . THR A 1 134 ? -15.273 0.655   1.610   1.00 46.32 ? 244 THR A CA  1 
ATOM   929  C C   . THR A 1 134 ? -14.569 -0.716  1.529   1.00 45.81 ? 244 THR A C   1 
ATOM   930  O O   . THR A 1 134 ? -14.764 -1.497  0.587   1.00 44.58 ? 244 THR A O   1 
ATOM   931  C CB  . THR A 1 134 ? -16.132 0.654   2.886   1.00 47.18 ? 244 THR A CB  1 
ATOM   932  O OG1 . THR A 1 134 ? -17.361 -0.034  2.628   1.00 52.17 ? 244 THR A OG1 1 
ATOM   933  C CG2 . THR A 1 134 ? -16.406 2.067   3.358   1.00 44.30 ? 244 THR A CG2 1 
ATOM   934  N N   . MET A 1 135 ? -13.786 -0.999  2.567   1.00 43.74 ? 245 MET A N   1 
ATOM   935  C CA  . MET A 1 135 ? -13.023 -2.238  2.707   1.00 42.86 ? 245 MET A CA  1 
ATOM   936  C C   . MET A 1 135 ? -13.314 -2.709  4.140   1.00 40.74 ? 245 MET A C   1 
ATOM   937  O O   . MET A 1 135 ? -12.453 -2.686  5.026   1.00 37.78 ? 245 MET A O   1 
ATOM   938  C CB  . MET A 1 135 ? -11.531 -1.939  2.498   1.00 42.86 ? 245 MET A CB  1 
ATOM   939  C CG  . MET A 1 135 ? -10.656 -3.147  2.225   1.00 41.91 ? 245 MET A CG  1 
ATOM   940  S SD  . MET A 1 135 ? -11.272 -4.195  0.893   1.00 44.00 ? 245 MET A SD  1 
ATOM   941  C CE  . MET A 1 135 ? -11.300 -3.087  -0.458  1.00 45.36 ? 245 MET A CE  1 
ATOM   942  N N   . SER A 1 136 ? -14.558 -3.124  4.345   1.00 40.49 ? 246 SER A N   1 
ATOM   943  C CA  . SER A 1 136 ? -15.050 -3.544  5.648   1.00 39.96 ? 246 SER A CA  1 
ATOM   944  C C   . SER A 1 136 ? -14.947 -5.014  6.039   1.00 36.87 ? 246 SER A C   1 
ATOM   945  O O   . SER A 1 136 ? -15.090 -5.325  7.221   1.00 35.65 ? 246 SER A O   1 
ATOM   946  C CB  . SER A 1 136 ? -16.502 -3.091  5.789   1.00 45.48 ? 246 SER A CB  1 
ATOM   947  O OG  . SER A 1 136 ? -16.692 -1.821  5.186   1.00 50.74 ? 246 SER A OG  1 
ATOM   948  N N   . ASP A 1 137 ? -14.759 -5.918  5.076   1.00 33.61 ? 247 ASP A N   1 
ATOM   949  C CA  . ASP A 1 137 ? -14.649 -7.333  5.407   1.00 33.63 ? 247 ASP A CA  1 
ATOM   950  C C   . ASP A 1 137 ? -13.819 -8.123  4.414   1.00 35.73 ? 247 ASP A C   1 
ATOM   951  O O   . ASP A 1 137 ? -13.510 -7.626  3.330   1.00 41.30 ? 247 ASP A O   1 
ATOM   952  C CB  . ASP A 1 137 ? -16.035 -7.966  5.542   1.00 36.58 ? 247 ASP A CB  1 
ATOM   953  C CG  . ASP A 1 137 ? -16.839 -7.931  4.247   1.00 41.34 ? 247 ASP A CG  1 
ATOM   954  O OD1 . ASP A 1 137 ? -16.340 -8.360  3.187   1.00 38.00 ? 247 ASP A OD1 1 
ATOM   955  O OD2 . ASP A 1 137 ? -18.007 -7.500  4.295   1.00 52.22 ? 247 ASP A OD2 1 
ATOM   956  N N   . MET A 1 138 ? -13.572 -9.395  4.724   1.00 33.39 ? 248 MET A N   1 
ATOM   957  C CA  . MET A 1 138 ? -12.770 -10.250 3.851   1.00 32.47 ? 248 MET A CA  1 
ATOM   958  C C   . MET A 1 138 ? -13.377 -10.601 2.518   1.00 31.34 ? 248 MET A C   1 
ATOM   959  O O   . MET A 1 138 ? -12.657 -10.919 1.568   1.00 33.39 ? 248 MET A O   1 
ATOM   960  C CB  . MET A 1 138 ? -12.328 -11.513 4.570   1.00 32.94 ? 248 MET A CB  1 
ATOM   961  C CG  . MET A 1 138 ? -11.133 -11.294 5.490   1.00 36.16 ? 248 MET A CG  1 
ATOM   962  S SD  . MET A 1 138 ? -9.612  -10.898 4.602   1.00 36.62 ? 248 MET A SD  1 
ATOM   963  C CE  . MET A 1 138 ? -9.302  -12.345 3.753   1.00 30.59 ? 248 MET A CE  1 
ATOM   964  N N   . ALA A 1 139 ? -14.699 -10.534 2.433   1.00 32.83 ? 249 ALA A N   1 
ATOM   965  C CA  . ALA A 1 139 ? -15.387 -10.834 1.179   1.00 33.80 ? 249 ALA A CA  1 
ATOM   966  C C   . ALA A 1 139 ? -15.065 -9.704  0.192   1.00 31.04 ? 249 ALA A C   1 
ATOM   967  O O   . ALA A 1 139 ? -14.850 -9.946  -1.002  1.00 31.48 ? 249 ALA A O   1 
ATOM   968  C CB  . ALA A 1 139 ? -16.901 -10.941 1.418   1.00 34.82 ? 249 ALA A CB  1 
ATOM   969  N N   . ALA A 1 140 ? -14.999 -8.481  0.725   1.00 28.16 ? 250 ALA A N   1 
ATOM   970  C CA  . ALA A 1 140 ? -14.680 -7.285  -0.049  1.00 24.81 ? 250 ALA A CA  1 
ATOM   971  C C   . ALA A 1 140 ? -13.227 -7.409  -0.454  1.00 24.43 ? 250 ALA A C   1 
ATOM   972  O O   . ALA A 1 140 ? -12.865 -7.095  -1.576  1.00 30.24 ? 250 ALA A O   1 
ATOM   973  C CB  . ALA A 1 140 ? -14.884 -6.053  0.799   1.00 25.08 ? 250 ALA A CB  1 
ATOM   974  N N   . PHE A 1 141 ? -12.422 -7.967  0.448   1.00 26.53 ? 251 PHE A N   1 
ATOM   975  C CA  . PHE A 1 141 ? -11.013 -8.187  0.197   1.00 21.87 ? 251 PHE A CA  1 
ATOM   976  C C   . PHE A 1 141 ? -10.742 -9.115  -0.973  1.00 21.55 ? 251 PHE A C   1 
ATOM   977  O O   . PHE A 1 141 ? -9.897  -8.822  -1.827  1.00 22.53 ? 251 PHE A O   1 
ATOM   978  C CB  . PHE A 1 141 ? -10.316 -8.760  1.422   1.00 23.03 ? 251 PHE A CB  1 
ATOM   979  C CG  . PHE A 1 141 ? -8.814  -8.824  1.265   1.00 32.64 ? 251 PHE A CG  1 
ATOM   980  C CD1 . PHE A 1 141 ? -8.210  -9.872  0.547   1.00 30.20 ? 251 PHE A CD1 1 
ATOM   981  C CD2 . PHE A 1 141 ? -8.008  -7.773  1.731   1.00 28.27 ? 251 PHE A CD2 1 
ATOM   982  C CE1 . PHE A 1 141 ? -6.835  -9.858  0.286   1.00 31.68 ? 251 PHE A CE1 1 
ATOM   983  C CE2 . PHE A 1 141 ? -6.644  -7.755  1.477   1.00 27.91 ? 251 PHE A CE2 1 
ATOM   984  C CZ  . PHE A 1 141 ? -6.054  -8.797  0.750   1.00 28.34 ? 251 PHE A CZ  1 
ATOM   985  N N   . GLU A 1 142 ? -11.390 -10.271 -0.990  1.00 22.98 ? 252 GLU A N   1 
ATOM   986  C CA  . GLU A 1 142 ? -11.131 -11.201 -2.089  1.00 24.97 ? 252 GLU A CA  1 
ATOM   987  C C   . GLU A 1 142 ? -11.644 -10.679 -3.430  1.00 23.90 ? 252 GLU A C   1 
ATOM   988  O O   . GLU A 1 142 ? -11.098 -11.038 -4.488  1.00 27.02 ? 252 GLU A O   1 
ATOM   989  C CB  . GLU A 1 142 ? -11.687 -12.613 -1.802  1.00 26.33 ? 252 GLU A CB  1 
ATOM   990  C CG  . GLU A 1 142 ? -11.291 -13.236 -0.449  1.00 19.91 ? 252 GLU A CG  1 
ATOM   991  C CD  . GLU A 1 142 ? -9.792  -13.497 -0.281  1.00 24.71 ? 252 GLU A CD  1 
ATOM   992  O OE1 . GLU A 1 142 ? -9.074  -13.755 -1.277  1.00 22.45 ? 252 GLU A OE1 1 
ATOM   993  O OE2 . GLU A 1 142 ? -9.328  -13.462 0.877   1.00 24.51 ? 252 GLU A OE2 1 
ATOM   994  N N   . LYS A 1 143 ? -12.656 -9.809  -3.379  1.00 22.15 ? 253 LYS A N   1 
ATOM   995  C CA  . LYS A 1 143 ? -13.261 -9.216  -4.584  1.00 22.34 ? 253 LYS A CA  1 
ATOM   996  C C   . LYS A 1 143 ? -12.200 -8.362  -5.234  1.00 20.29 ? 253 LYS A C   1 
ATOM   997  O O   . LYS A 1 143 ? -11.897 -8.520  -6.415  1.00 16.78 ? 253 LYS A O   1 
ATOM   998  C CB  . LYS A 1 143 ? -14.487 -8.354  -4.215  1.00 27.11 ? 253 LYS A CB  1 
ATOM   999  C CG  . LYS A 1 143 ? -15.328 -7.868  -5.420  1.00 37.58 ? 253 LYS A CG  1 
ATOM   1000 C CD  . LYS A 1 143 ? -16.699 -7.274  -5.013  1.00 40.07 ? 253 LYS A CD  1 
ATOM   1001 C CE  . LYS A 1 143 ? -16.567 -5.937  -4.294  1.00 43.20 ? 253 LYS A CE  1 
ATOM   1002 N NZ  . LYS A 1 143 ? -17.783 -5.536  -3.523  1.00 41.95 ? 253 LYS A NZ  1 
ATOM   1003 N N   . LEU A 1 144 ? -11.605 -7.488  -4.425  1.00 21.21 ? 254 LEU A N   1 
ATOM   1004 C CA  . LEU A 1 144 ? -10.531 -6.622  -4.888  1.00 22.56 ? 254 LEU A CA  1 
ATOM   1005 C C   . LEU A 1 144 ? -9.353  -7.507  -5.327  1.00 23.48 ? 254 LEU A C   1 
ATOM   1006 O O   . LEU A 1 144 ? -8.851  -7.377  -6.453  1.00 20.64 ? 254 LEU A O   1 
ATOM   1007 C CB  . LEU A 1 144 ? -10.109 -5.681  -3.754  1.00 24.44 ? 254 LEU A CB  1 
ATOM   1008 C CG  . LEU A 1 144 ? -9.456  -4.320  -4.071  1.00 31.34 ? 254 LEU A CG  1 
ATOM   1009 C CD1 . LEU A 1 144 ? -8.166  -4.179  -3.281  1.00 22.21 ? 254 LEU A CD1 1 
ATOM   1010 C CD2 . LEU A 1 144 ? -9.192  -4.128  -5.568  1.00 26.91 ? 254 LEU A CD2 1 
ATOM   1011 N N   . ALA A 1 145 ? -9.018  -8.482  -4.471  1.00 23.90 ? 255 ALA A N   1 
ATOM   1012 C CA  . ALA A 1 145 ? -7.908  -9.413  -4.706  1.00 26.49 ? 255 ALA A CA  1 
ATOM   1013 C C   . ALA A 1 145 ? -7.936  -10.190 -6.007  1.00 27.33 ? 255 ALA A C   1 
ATOM   1014 O O   . ALA A 1 145 ? -6.905  -10.767 -6.405  1.00 28.57 ? 255 ALA A O   1 
ATOM   1015 C CB  . ALA A 1 145 ? -7.773  -10.369 -3.544  1.00 27.00 ? 255 ALA A CB  1 
ATOM   1016 N N   . ALA A 1 146 ? -9.103  -10.251 -6.651  1.00 30.06 ? 256 ALA A N   1 
ATOM   1017 C CA  . ALA A 1 146 ? -9.260  -10.982 -7.913  1.00 29.48 ? 256 ALA A CA  1 
ATOM   1018 C C   . ALA A 1 146 ? -8.368  -10.407 -9.026  1.00 28.18 ? 256 ALA A C   1 
ATOM   1019 O O   . ALA A 1 146 ? -8.209  -9.200  -9.152  1.00 32.72 ? 256 ALA A O   1 
ATOM   1020 C CB  . ALA A 1 146 ? -10.719 -10.997 -8.339  1.00 28.24 ? 256 ALA A CB  1 
ATOM   1021 N N   . PRO A 1 147 ? -7.811  -11.274 -9.871  1.00 26.91 ? 257 PRO A N   1 
ATOM   1022 C CA  . PRO A 1 147 ? -6.934  -10.880 -10.970 1.00 27.43 ? 257 PRO A CA  1 
ATOM   1023 C C   . PRO A 1 147 ? -7.381  -9.660  -11.780 1.00 32.46 ? 257 PRO A C   1 
ATOM   1024 O O   . PRO A 1 147 ? -8.390  -9.708  -12.500 1.00 40.96 ? 257 PRO A O   1 
ATOM   1025 C CB  . PRO A 1 147 ? -6.896  -12.142 -11.821 1.00 28.10 ? 257 PRO A CB  1 
ATOM   1026 C CG  . PRO A 1 147 ? -6.984  -13.219 -10.809 1.00 25.71 ? 257 PRO A CG  1 
ATOM   1027 C CD  . PRO A 1 147 ? -8.052  -12.729 -9.888  1.00 27.66 ? 257 PRO A CD  1 
ATOM   1028 N N   . SER A 1 148 ? -6.602  -8.582  -11.673 1.00 32.95 ? 258 SER A N   1 
ATOM   1029 C CA  . SER A 1 148 ? -6.852  -7.326  -12.391 1.00 26.40 ? 258 SER A CA  1 
ATOM   1030 C C   . SER A 1 148 ? -5.538  -6.599  -12.752 1.00 22.62 ? 258 SER A C   1 
ATOM   1031 O O   . SER A 1 148 ? -4.661  -6.423  -11.910 1.00 19.58 ? 258 SER A O   1 
ATOM   1032 C CB  . SER A 1 148 ? -7.708  -6.417  -11.547 1.00 17.66 ? 258 SER A CB  1 
ATOM   1033 O OG  . SER A 1 148 ? -7.004  -6.161  -10.353 1.00 23.03 ? 258 SER A OG  1 
ATOM   1034 N N   . GLU A 1 149 ? -5.407  -6.268  -14.035 1.00 25.06 ? 259 GLU A N   1 
ATOM   1035 C CA  . GLU A 1 149 ? -4.265  -5.557  -14.599 1.00 26.12 ? 259 GLU A CA  1 
ATOM   1036 C C   . GLU A 1 149 ? -4.526  -4.043  -14.683 1.00 30.21 ? 259 GLU A C   1 
ATOM   1037 O O   . GLU A 1 149 ? -5.685  -3.597  -14.729 1.00 35.22 ? 259 GLU A O   1 
ATOM   1038 C CB  . GLU A 1 149 ? -3.947  -6.096  -15.974 1.00 18.55 ? 259 GLU A CB  1 
ATOM   1039 C CG  . GLU A 1 149 ? -3.609  -7.541  -15.933 1.00 31.05 ? 259 GLU A CG  1 
ATOM   1040 C CD  . GLU A 1 149 ? -3.104  -8.062  -17.239 1.00 39.27 ? 259 GLU A CD  1 
ATOM   1041 O OE1 . GLU A 1 149 ? -3.433  -7.478  -18.294 1.00 46.23 ? 259 GLU A OE1 1 
ATOM   1042 O OE2 . GLU A 1 149 ? -2.370  -9.073  -17.209 1.00 50.83 ? 259 GLU A OE2 1 
ATOM   1043 N N   . TYR A 1 150 ? -3.436  -3.274  -14.699 1.00 26.75 ? 260 TYR A N   1 
ATOM   1044 C CA  . TYR A 1 150 ? -3.463  -1.815  -14.755 1.00 23.43 ? 260 TYR A CA  1 
ATOM   1045 C C   . TYR A 1 150 ? -4.588  -1.268  -13.922 1.00 23.98 ? 260 TYR A C   1 
ATOM   1046 O O   . TYR A 1 150 ? -5.542  -0.697  -14.432 1.00 32.00 ? 260 TYR A O   1 
ATOM   1047 C CB  . TYR A 1 150 ? -3.537  -1.288  -16.194 1.00 16.62 ? 260 TYR A CB  1 
ATOM   1048 C CG  . TYR A 1 150 ? -2.367  -1.714  -17.043 1.00 9.97  ? 260 TYR A CG  1 
ATOM   1049 C CD1 . TYR A 1 150 ? -1.131  -1.092  -16.949 1.00 8.24  ? 260 TYR A CD1 1 
ATOM   1050 C CD2 . TYR A 1 150 ? -2.484  -2.781  -17.902 1.00 12.11 ? 260 TYR A CD2 1 
ATOM   1051 C CE1 . TYR A 1 150 ? -0.023  -1.549  -17.711 1.00 3.56  ? 260 TYR A CE1 1 
ATOM   1052 C CE2 . TYR A 1 150 ? -1.402  -3.234  -18.658 1.00 10.25 ? 260 TYR A CE2 1 
ATOM   1053 C CZ  . TYR A 1 150 ? -0.186  -2.616  -18.556 1.00 5.81  ? 260 TYR A CZ  1 
ATOM   1054 O OH  . TYR A 1 150 ? 0.833   -3.088  -19.353 1.00 19.87 ? 260 TYR A OH  1 
ATOM   1055 N N   . ASN A 1 151 ? -4.487  -1.468  -12.628 1.00 20.83 ? 261 ASN A N   1 
ATOM   1056 C CA  . ASN A 1 151 ? -5.518  -0.984  -11.759 1.00 28.00 ? 261 ASN A CA  1 
ATOM   1057 C C   . ASN A 1 151 ? -5.320  0.494   -11.507 1.00 34.89 ? 261 ASN A C   1 
ATOM   1058 O O   . ASN A 1 151 ? -4.181  0.946   -11.316 1.00 41.44 ? 261 ASN A O   1 
ATOM   1059 C CB  . ASN A 1 151 ? -5.476  -1.740  -10.435 1.00 27.81 ? 261 ASN A CB  1 
ATOM   1060 C CG  . ASN A 1 151 ? -6.305  -3.004  -10.461 1.00 25.12 ? 261 ASN A CG  1 
ATOM   1061 O OD1 . ASN A 1 151 ? -5.977  -3.975  -11.158 1.00 27.47 ? 261 ASN A OD1 1 
ATOM   1062 N ND2 . ASN A 1 151 ? -7.376  -3.008  -9.690  1.00 19.94 ? 261 ASN A ND2 1 
ATOM   1063 N N   . GLN A 1 152 ? -6.422  1.244   -11.478 1.00 36.36 ? 262 GLN A N   1 
ATOM   1064 C CA  . GLN A 1 152 ? -6.362  2.682   -11.225 1.00 35.52 ? 262 GLN A CA  1 
ATOM   1065 C C   . GLN A 1 152 ? -6.393  2.949   -9.731  1.00 31.30 ? 262 GLN A C   1 
ATOM   1066 O O   . GLN A 1 152 ? -6.755  2.080   -8.938  1.00 31.12 ? 262 GLN A O   1 
ATOM   1067 C CB  . GLN A 1 152 ? -7.513  3.388   -11.918 1.00 34.95 ? 262 GLN A CB  1 
ATOM   1068 N N   . VAL A 1 153 ? -6.010  4.157   -9.354  1.00 29.84 ? 263 VAL A N   1 
ATOM   1069 C CA  . VAL A 1 153 ? -5.999  4.539   -7.955  1.00 32.15 ? 263 VAL A CA  1 
ATOM   1070 C C   . VAL A 1 153 ? -7.438  4.467   -7.427  1.00 34.29 ? 263 VAL A C   1 
ATOM   1071 O O   . VAL A 1 153 ? -8.380  4.639   -8.200  1.00 34.57 ? 263 VAL A O   1 
ATOM   1072 C CB  . VAL A 1 153 ? -5.360  5.944   -7.778  1.00 30.46 ? 263 VAL A CB  1 
ATOM   1073 C CG1 . VAL A 1 153 ? -5.360  6.380   -6.301  1.00 28.48 ? 263 VAL A CG1 1 
ATOM   1074 C CG2 . VAL A 1 153 ? -3.928  5.920   -8.345  1.00 29.18 ? 263 VAL A CG2 1 
ATOM   1075 N N   . GLU A 1 154 ? -7.594  4.155   -6.137  1.00 31.68 ? 264 GLU A N   1 
ATOM   1076 C CA  . GLU A 1 154 ? -8.908  4.011   -5.523  1.00 27.82 ? 264 GLU A CA  1 
ATOM   1077 C C   . GLU A 1 154 ? -8.747  4.216   -4.037  1.00 25.33 ? 264 GLU A C   1 
ATOM   1078 O O   . GLU A 1 154 ? -7.702  3.918   -3.485  1.00 33.09 ? 264 GLU A O   1 
ATOM   1079 C CB  . GLU A 1 154 ? -9.433  2.603   -5.799  1.00 30.15 ? 264 GLU A CB  1 
ATOM   1080 C CG  . GLU A 1 154 ? -10.914 2.386   -5.549  1.00 35.27 ? 264 GLU A CG  1 
ATOM   1081 C CD  . GLU A 1 154 ? -11.403 1.053   -6.124  1.00 42.71 ? 264 GLU A CD  1 
ATOM   1082 O OE1 . GLU A 1 154 ? -10.875 0.598   -7.171  1.00 44.72 ? 264 GLU A OE1 1 
ATOM   1083 O OE2 . GLU A 1 154 ? -12.326 0.450   -5.536  1.00 45.30 ? 264 GLU A OE2 1 
ATOM   1084 N N   . TYR A 1 155 ? -9.758  4.781   -3.401  1.00 25.51 ? 265 TYR A N   1 
ATOM   1085 C CA  . TYR A 1 155 ? -9.717  5.035   -1.970  1.00 29.81 ? 265 TYR A CA  1 
ATOM   1086 C C   . TYR A 1 155 ? -10.863 4.288   -1.320  1.00 27.46 ? 265 TYR A C   1 
ATOM   1087 O O   . TYR A 1 155 ? -11.813 3.877   -1.978  1.00 34.38 ? 265 TYR A O   1 
ATOM   1088 C CB  . TYR A 1 155 ? -9.847  6.530   -1.665  1.00 35.11 ? 265 TYR A CB  1 
ATOM   1089 C CG  . TYR A 1 155 ? -8.858  7.391   -2.403  1.00 37.05 ? 265 TYR A CG  1 
ATOM   1090 C CD1 . TYR A 1 155 ? -7.492  7.306   -2.141  1.00 40.99 ? 265 TYR A CD1 1 
ATOM   1091 C CD2 . TYR A 1 155 ? -9.287  8.269   -3.386  1.00 43.04 ? 265 TYR A CD2 1 
ATOM   1092 C CE1 . TYR A 1 155 ? -6.570  8.083   -2.852  1.00 44.75 ? 265 TYR A CE1 1 
ATOM   1093 C CE2 . TYR A 1 155 ? -8.381  9.048   -4.103  1.00 47.22 ? 265 TYR A CE2 1 
ATOM   1094 C CZ  . TYR A 1 155 ? -7.027  8.949   -3.834  1.00 49.11 ? 265 TYR A CZ  1 
ATOM   1095 O OH  . TYR A 1 155 ? -6.148  9.703   -4.582  1.00 56.57 ? 265 TYR A OH  1 
ATOM   1096 N N   . PHE A 1 156 ? -10.756 4.087   -0.024  1.00 26.93 ? 266 PHE A N   1 
ATOM   1097 C CA  . PHE A 1 156 ? -11.768 3.366   0.707   1.00 24.11 ? 266 PHE A CA  1 
ATOM   1098 C C   . PHE A 1 156 ? -11.811 4.120   2.028   1.00 28.00 ? 266 PHE A C   1 
ATOM   1099 O O   . PHE A 1 156 ? -10.793 4.298   2.684   1.00 30.58 ? 266 PHE A O   1 
ATOM   1100 C CB  . PHE A 1 156 ? -11.340 1.891   0.863   1.00 18.63 ? 266 PHE A CB  1 
ATOM   1101 C CG  . PHE A 1 156 ? -11.219 1.124   -0.467  1.00 13.19 ? 266 PHE A CG  1 
ATOM   1102 C CD1 . PHE A 1 156 ? -12.337 0.554   -1.073  1.00 12.82 ? 266 PHE A CD1 1 
ATOM   1103 C CD2 . PHE A 1 156 ? -9.980  0.966   -1.095  1.00 18.07 ? 266 PHE A CD2 1 
ATOM   1104 C CE1 . PHE A 1 156 ? -12.233 -0.165  -2.294  1.00 10.63 ? 266 PHE A CE1 1 
ATOM   1105 C CE2 . PHE A 1 156 ? -9.855  0.245   -2.330  1.00 19.71 ? 266 PHE A CE2 1 
ATOM   1106 C CZ  . PHE A 1 156 ? -10.989 -0.318  -2.923  1.00 12.33 ? 266 PHE A CZ  1 
ATOM   1107 N N   . SER A 1 157 ? -12.975 4.662   2.352   1.00 33.79 ? 267 SER A N   1 
ATOM   1108 C CA  . SER A 1 157 ? -13.159 5.456   3.566   1.00 36.91 ? 267 SER A CA  1 
ATOM   1109 C C   . SER A 1 157 ? -13.260 4.662   4.845   1.00 36.19 ? 267 SER A C   1 
ATOM   1110 O O   . SER A 1 157 ? -13.336 5.226   5.934   1.00 35.69 ? 267 SER A O   1 
ATOM   1111 C CB  . SER A 1 157 ? -14.417 6.303   3.417   1.00 40.41 ? 267 SER A CB  1 
ATOM   1112 O OG  . SER A 1 157 ? -15.455 5.525   2.850   1.00 46.82 ? 267 SER A OG  1 
ATOM   1113 N N   . ASN A 1 158 ? -13.272 3.348   4.716   1.00 39.89 ? 268 ASN A N   1 
ATOM   1114 C CA  . ASN A 1 158 ? -13.400 2.491   5.877   1.00 42.97 ? 268 ASN A CA  1 
ATOM   1115 C C   . ASN A 1 158 ? -12.736 1.162   5.621   1.00 39.69 ? 268 ASN A C   1 
ATOM   1116 O O   . ASN A 1 158 ? -12.818 0.623   4.507   1.00 37.92 ? 268 ASN A O   1 
ATOM   1117 C CB  . ASN A 1 158 ? -14.884 2.287   6.189   1.00 49.03 ? 268 ASN A CB  1 
ATOM   1118 C CG  . ASN A 1 158 ? -15.147 1.065   7.030   1.00 52.94 ? 268 ASN A CG  1 
ATOM   1119 O OD1 . ASN A 1 158 ? -15.409 1.169   8.224   1.00 59.91 ? 268 ASN A OD1 1 
ATOM   1120 N ND2 . ASN A 1 158 ? -15.110 -0.105  6.404   1.00 52.24 ? 268 ASN A ND2 1 
ATOM   1121 N N   . VAL A 1 159 ? -12.107 0.636   6.671   1.00 37.18 ? 269 VAL A N   1 
ATOM   1122 C CA  . VAL A 1 159 ? -11.422 -0.645  6.629   1.00 33.44 ? 269 VAL A CA  1 
ATOM   1123 C C   . VAL A 1 159 ? -11.580 -1.445  7.904   1.00 30.84 ? 269 VAL A C   1 
ATOM   1124 O O   . VAL A 1 159 ? -11.681 -0.900  9.001   1.00 25.75 ? 269 VAL A O   1 
ATOM   1125 C CB  . VAL A 1 159 ? -9.915  -0.512  6.292   1.00 33.28 ? 269 VAL A CB  1 
ATOM   1126 C CG1 . VAL A 1 159 ? -9.764  0.091   4.934   1.00 36.33 ? 269 VAL A CG1 1 
ATOM   1127 C CG2 . VAL A 1 159 ? -9.173  0.336   7.331   1.00 29.22 ? 269 VAL A CG2 1 
ATOM   1128 N N   . LYS A 1 160 ? -11.611 -2.755  7.725   1.00 32.75 ? 270 LYS A N   1 
ATOM   1129 C CA  . LYS A 1 160 ? -11.730 -3.696  8.815   1.00 32.23 ? 270 LYS A CA  1 
ATOM   1130 C C   . LYS A 1 160 ? -10.432 -3.555  9.597   1.00 31.76 ? 270 LYS A C   1 
ATOM   1131 O O   . LYS A 1 160 ? -9.340  -3.699  9.034   1.00 33.61 ? 270 LYS A O   1 
ATOM   1132 C CB  . LYS A 1 160 ? -11.852 -5.104  8.230   1.00 36.03 ? 270 LYS A CB  1 
ATOM   1133 C CG  . LYS A 1 160 ? -12.122 -6.229  9.208   1.00 30.17 ? 270 LYS A CG  1 
ATOM   1134 C CD  . LYS A 1 160 ? -12.173 -7.548  8.446   1.00 30.73 ? 270 LYS A CD  1 
ATOM   1135 C CE  . LYS A 1 160 ? -12.504 -8.697  9.374   1.00 32.98 ? 270 LYS A CE  1 
ATOM   1136 N NZ  . LYS A 1 160 ? -11.546 -8.719  10.513  1.00 34.92 ? 270 LYS A NZ  1 
ATOM   1137 N N   . PRO A 1 161 ? -10.532 -3.289  10.902  1.00 29.24 ? 271 PRO A N   1 
ATOM   1138 C CA  . PRO A 1 161 ? -9.476  -3.093  11.895  1.00 33.35 ? 271 PRO A CA  1 
ATOM   1139 C C   . PRO A 1 161 ? -8.155  -3.863  11.764  1.00 40.62 ? 271 PRO A C   1 
ATOM   1140 O O   . PRO A 1 161 ? -7.069  -3.236  11.722  1.00 42.93 ? 271 PRO A O   1 
ATOM   1141 C CB  . PRO A 1 161 ? -10.187 -3.405  13.188  1.00 29.90 ? 271 PRO A CB  1 
ATOM   1142 C CG  . PRO A 1 161 ? -11.506 -2.800  12.943  1.00 32.84 ? 271 PRO A CG  1 
ATOM   1143 C CD  . PRO A 1 161 ? -11.850 -3.236  11.544  1.00 28.71 ? 271 PRO A CD  1 
ATOM   1144 N N   . ASP A 1 162 ? -8.215  -5.196  11.748  1.00 36.90 ? 272 ASP A N   1 
ATOM   1145 C CA  . ASP A 1 162 ? -6.983  -5.976  11.611  1.00 36.78 ? 272 ASP A CA  1 
ATOM   1146 C C   . ASP A 1 162 ? -6.910  -6.765  10.309  1.00 34.72 ? 272 ASP A C   1 
ATOM   1147 O O   . ASP A 1 162 ? -6.454  -7.915  10.282  1.00 36.04 ? 272 ASP A O   1 
ATOM   1148 C CB  . ASP A 1 162 ? -6.760  -6.888  12.828  1.00 38.08 ? 272 ASP A CB  1 
ATOM   1149 C CG  . ASP A 1 162 ? -5.854  -6.258  13.862  1.00 43.12 ? 272 ASP A CG  1 
ATOM   1150 O OD1 . ASP A 1 162 ? -6.273  -5.267  14.504  1.00 50.52 ? 272 ASP A OD1 1 
ATOM   1151 O OD2 . ASP A 1 162 ? -4.704  -6.729  14.011  1.00 45.82 ? 272 ASP A OD2 1 
ATOM   1152 N N   . LEU A 1 163 ? -7.294  -6.117  9.213   1.00 30.55 ? 273 LEU A N   1 
ATOM   1153 C CA  . LEU A 1 163 ? -7.281  -6.775  7.913   1.00 30.96 ? 273 LEU A CA  1 
ATOM   1154 C C   . LEU A 1 163 ? -5.904  -7.283  7.446   1.00 29.59 ? 273 LEU A C   1 
ATOM   1155 O O   . LEU A 1 163 ? -5.829  -8.230  6.669   1.00 34.80 ? 273 LEU A O   1 
ATOM   1156 C CB  . LEU A 1 163 ? -7.909  -5.883  6.839   1.00 30.14 ? 273 LEU A CB  1 
ATOM   1157 C CG  . LEU A 1 163 ? -8.318  -6.712  5.623   1.00 29.39 ? 273 LEU A CG  1 
ATOM   1158 C CD1 . LEU A 1 163 ? -9.384  -7.676  6.052   1.00 32.89 ? 273 LEU A CD1 1 
ATOM   1159 C CD2 . LEU A 1 163 ? -8.811  -5.862  4.495   1.00 36.68 ? 273 LEU A CD2 1 
ATOM   1160 N N   . PHE A 1 164 ? -4.822  -6.644  7.885   1.00 28.16 ? 274 PHE A N   1 
ATOM   1161 C CA  . PHE A 1 164 ? -3.472  -7.079  7.505   1.00 23.13 ? 274 PHE A CA  1 
ATOM   1162 C C   . PHE A 1 164 ? -3.230  -8.450  8.146   1.00 18.37 ? 274 PHE A C   1 
ATOM   1163 O O   . PHE A 1 164 ? -2.872  -9.397  7.474   1.00 18.01 ? 274 PHE A O   1 
ATOM   1164 C CB  . PHE A 1 164 ? -2.439  -6.073  8.021   1.00 16.27 ? 274 PHE A CB  1 
ATOM   1165 C CG  . PHE A 1 164 ? -1.042  -6.277  7.475   1.00 12.22 ? 274 PHE A CG  1 
ATOM   1166 C CD1 . PHE A 1 164 ? -0.778  -6.119  6.118   1.00 10.13 ? 274 PHE A CD1 1 
ATOM   1167 C CD2 . PHE A 1 164 ? 0.019   -6.551  8.329   1.00 6.00  ? 274 PHE A CD2 1 
ATOM   1168 C CE1 . PHE A 1 164 ? 0.520   -6.230  5.628   1.00 6.31  ? 274 PHE A CE1 1 
ATOM   1169 C CE2 . PHE A 1 164 ? 1.315   -6.665  7.848   1.00 8.63  ? 274 PHE A CE2 1 
ATOM   1170 C CZ  . PHE A 1 164 ? 1.569   -6.504  6.485   1.00 5.47  ? 274 PHE A CZ  1 
ATOM   1171 N N   . ALA A 1 165 ? -3.491  -8.536  9.443   1.00 15.00 ? 275 ALA A N   1 
ATOM   1172 C CA  . ALA A 1 165 ? -3.317  -9.762  10.197  1.00 22.25 ? 275 ALA A CA  1 
ATOM   1173 C C   . ALA A 1 165 ? -4.112  -10.900 9.558   1.00 24.35 ? 275 ALA A C   1 
ATOM   1174 O O   . ALA A 1 165 ? -3.579  -11.993 9.303   1.00 28.26 ? 275 ALA A O   1 
ATOM   1175 C CB  . ALA A 1 165 ? -3.762  -9.554  11.629  1.00 17.69 ? 275 ALA A CB  1 
ATOM   1176 N N   . ASP A 1 166 ? -5.379  -10.620 9.291   1.00 21.03 ? 276 ASP A N   1 
ATOM   1177 C CA  . ASP A 1 166 ? -6.287  -11.574 8.676   1.00 16.42 ? 276 ASP A CA  1 
ATOM   1178 C C   . ASP A 1 166 ? -5.703  -12.156 7.396   1.00 15.74 ? 276 ASP A C   1 
ATOM   1179 O O   . ASP A 1 166 ? -5.950  -13.314 7.060   1.00 18.85 ? 276 ASP A O   1 
ATOM   1180 C CB  . ASP A 1 166 ? -7.604  -10.857 8.342   1.00 18.05 ? 276 ASP A CB  1 
ATOM   1181 C CG  . ASP A 1 166 ? -8.520  -10.727 9.531   1.00 26.97 ? 276 ASP A CG  1 
ATOM   1182 O OD1 . ASP A 1 166 ? -8.137  -11.068 10.674  1.00 27.37 ? 276 ASP A OD1 1 
ATOM   1183 O OD2 . ASP A 1 166 ? -9.672  -10.319 9.315   1.00 35.26 ? 276 ASP A OD2 1 
ATOM   1184 N N   . VAL A 1 167 ? -4.952  -11.340 6.657   1.00 17.17 ? 277 VAL A N   1 
ATOM   1185 C CA  . VAL A 1 167 ? -4.393  -11.787 5.382   1.00 18.31 ? 277 VAL A CA  1 
ATOM   1186 C C   . VAL A 1 167 ? -3.232  -12.747 5.597   1.00 20.39 ? 277 VAL A C   1 
ATOM   1187 O O   . VAL A 1 167 ? -3.140  -13.759 4.900   1.00 21.68 ? 277 VAL A O   1 
ATOM   1188 C CB  . VAL A 1 167 ? -3.920  -10.596 4.507   1.00 16.15 ? 277 VAL A CB  1 
ATOM   1189 C CG1 . VAL A 1 167 ? -3.507  -11.084 3.129   1.00 17.13 ? 277 VAL A CG1 1 
ATOM   1190 C CG2 . VAL A 1 167 ? -5.008  -9.575  4.373   1.00 17.47 ? 277 VAL A CG2 1 
ATOM   1191 N N   . ILE A 1 168 ? -2.344  -12.428 6.541   1.00 16.98 ? 278 ILE A N   1 
ATOM   1192 C CA  . ILE A 1 168 ? -1.204  -13.301 6.812   1.00 23.23 ? 278 ILE A CA  1 
ATOM   1193 C C   . ILE A 1 168 ? -1.666  -14.694 7.275   1.00 21.91 ? 278 ILE A C   1 
ATOM   1194 O O   . ILE A 1 168 ? -1.132  -15.699 6.821   1.00 16.35 ? 278 ILE A O   1 
ATOM   1195 C CB  . ILE A 1 168 ? -0.262  -12.725 7.890   1.00 25.35 ? 278 ILE A CB  1 
ATOM   1196 C CG1 . ILE A 1 168 ? 0.454   -11.468 7.385   1.00 20.56 ? 278 ILE A CG1 1 
ATOM   1197 C CG2 . ILE A 1 168 ? 0.800   -13.779 8.264   1.00 28.64 ? 278 ILE A CG2 1 
ATOM   1198 C CD1 . ILE A 1 168 ? 1.375   -10.864 8.421   1.00 14.51 ? 278 ILE A CD1 1 
ATOM   1199 N N   . ASN A 1 169 ? -2.649  -14.720 8.179   1.00 23.04 ? 279 ASN A N   1 
ATOM   1200 C CA  . ASN A 1 169 ? -3.228  -15.952 8.721   1.00 27.26 ? 279 ASN A CA  1 
ATOM   1201 C C   . ASN A 1 169 ? -3.768  -16.900 7.635   1.00 30.02 ? 279 ASN A C   1 
ATOM   1202 O O   . ASN A 1 169 ? -3.961  -18.108 7.874   1.00 31.77 ? 279 ASN A O   1 
ATOM   1203 C CB  . ASN A 1 169 ? -4.351  -15.644 9.712   1.00 28.67 ? 279 ASN A CB  1 
ATOM   1204 C CG  . ASN A 1 169 ? -3.871  -14.866 10.936  1.00 30.41 ? 279 ASN A CG  1 
ATOM   1205 O OD1 . ASN A 1 169 ? -2.683  -14.848 11.266  1.00 28.35 ? 279 ASN A OD1 1 
ATOM   1206 N ND2 . ASN A 1 169 ? -4.813  -14.214 11.621  1.00 29.77 ? 279 ASN A ND2 1 
ATOM   1207 N N   . LYS A 1 170 ? -3.989  -16.378 6.433   1.00 26.58 ? 280 LYS A N   1 
ATOM   1208 C CA  . LYS A 1 170 ? -4.470  -17.235 5.354   1.00 25.97 ? 280 LYS A CA  1 
ATOM   1209 C C   . LYS A 1 170 ? -3.378  -18.246 4.952   1.00 22.69 ? 280 LYS A C   1 
ATOM   1210 O O   . LYS A 1 170 ? -3.678  -19.359 4.513   1.00 20.09 ? 280 LYS A O   1 
ATOM   1211 C CB  . LYS A 1 170 ? -4.903  -16.405 4.129   1.00 18.30 ? 280 LYS A CB  1 
ATOM   1212 C CG  . LYS A 1 170 ? -5.887  -15.254 4.423   1.00 23.12 ? 280 LYS A CG  1 
ATOM   1213 C CD  . LYS A 1 170 ? -6.615  -14.780 3.138   1.00 21.33 ? 280 LYS A CD  1 
ATOM   1214 C CE  . LYS A 1 170 ? -5.720  -14.910 1.894   1.00 17.62 ? 280 LYS A CE  1 
ATOM   1215 N NZ  . LYS A 1 170 ? -6.372  -14.534 0.640   1.00 20.30 ? 280 LYS A NZ  1 
ATOM   1216 N N   . PHE A 1 171 ? -2.117  -17.869 5.148   1.00 24.11 ? 281 PHE A N   1 
ATOM   1217 C CA  . PHE A 1 171 ? -0.991  -18.717 4.768   1.00 23.22 ? 281 PHE A CA  1 
ATOM   1218 C C   . PHE A 1 171 ? -0.136  -19.238 5.937   1.00 26.48 ? 281 PHE A C   1 
ATOM   1219 O O   . PHE A 1 171 ? 1.066   -19.466 5.772   1.00 21.65 ? 281 PHE A O   1 
ATOM   1220 C CB  . PHE A 1 171 ? -0.112  -17.957 3.771   1.00 19.52 ? 281 PHE A CB  1 
ATOM   1221 C CG  . PHE A 1 171 ? -0.875  -17.292 2.666   1.00 11.11 ? 281 PHE A CG  1 
ATOM   1222 C CD1 . PHE A 1 171 ? -1.217  -17.994 1.514   1.00 13.51 ? 281 PHE A CD1 1 
ATOM   1223 C CD2 . PHE A 1 171 ? -1.274  -15.965 2.791   1.00 14.07 ? 281 PHE A CD2 1 
ATOM   1224 C CE1 . PHE A 1 171 ? -1.959  -17.380 0.485   1.00 10.75 ? 281 PHE A CE1 1 
ATOM   1225 C CE2 . PHE A 1 171 ? -2.014  -15.334 1.783   1.00 11.47 ? 281 PHE A CE2 1 
ATOM   1226 C CZ  . PHE A 1 171 ? -2.357  -16.052 0.625   1.00 10.01 ? 281 PHE A CZ  1 
ATOM   1227 N N   . MET A 1 172 ? -0.778  -19.557 7.059   1.00 30.91 ? 282 MET A N   1 
ATOM   1228 C CA  . MET A 1 172 ? -0.054  -20.021 8.229   1.00 40.24 ? 282 MET A CA  1 
ATOM   1229 C C   . MET A 1 172 ? 0.596   -21.419 8.402   1.00 45.39 ? 282 MET A C   1 
ATOM   1230 O O   . MET A 1 172 ? 1.656   -21.504 9.061   1.00 52.04 ? 282 MET A O   1 
ATOM   1231 C CB  . MET A 1 172 ? -0.804  -19.631 9.502   1.00 44.20 ? 282 MET A CB  1 
ATOM   1232 C CG  . MET A 1 172 ? -0.671  -18.158 9.831   1.00 47.07 ? 282 MET A CG  1 
ATOM   1233 S SD  . MET A 1 172 ? 1.038   -17.602 9.736   1.00 56.57 ? 282 MET A SD  1 
ATOM   1234 C CE  . MET A 1 172 ? 1.336   -17.182 11.435  1.00 55.81 ? 282 MET A CE  1 
ATOM   1235 N N   . ALA A 1 173 ? 0.067   -22.493 7.809   1.00 39.57 ? 283 ALA A N   1 
ATOM   1236 C CA  . ALA A 1 173 ? 0.709   -23.802 8.046   1.00 35.69 ? 283 ALA A CA  1 
ATOM   1237 C C   . ALA A 1 173 ? 0.881   -24.711 6.847   1.00 36.46 ? 283 ALA A C   1 
ATOM   1238 O O   . ALA A 1 173 ? 1.446   -24.321 5.829   1.00 43.80 ? 283 ALA A O   1 
ATOM   1239 C CB  . ALA A 1 173 ? -0.011  -24.554 9.168   1.00 29.30 ? 283 ALA A CB  1 
HETATM 1240 O O   . HOH B 2 .   ? 2.926   -10.410 -5.297  1.00 17.46 ? 1   HOH A O   1 
HETATM 1241 O O   . HOH B 2 .   ? 8.971   -16.545 -6.683  1.00 21.25 ? 2   HOH A O   1 
HETATM 1242 O O   . HOH B 2 .   ? 12.346  -11.334 6.710   1.00 31.02 ? 3   HOH A O   1 
HETATM 1243 O O   . HOH B 2 .   ? 6.385   -9.918  3.565   1.00 18.96 ? 4   HOH A O   1 
HETATM 1244 O O   . HOH B 2 .   ? 4.502   -15.226 -1.380  1.00 12.58 ? 5   HOH A O   1 
HETATM 1245 O O   . HOH B 2 .   ? -11.862 6.240   -5.318  1.00 34.92 ? 6   HOH A O   1 
HETATM 1246 O O   . HOH B 2 .   ? -7.673  -15.339 8.331   1.00 15.02 ? 7   HOH A O   1 
HETATM 1247 O O   . HOH B 2 .   ? 11.081  6.385   -7.287  1.00 20.26 ? 8   HOH A O   1 
HETATM 1248 O O   . HOH B 2 .   ? 15.222  4.846   3.394   1.00 24.13 ? 9   HOH A O   1 
HETATM 1249 O O   . HOH B 2 .   ? -19.063 10.392  -3.255  1.00 38.63 ? 10  HOH A O   1 
HETATM 1250 O O   . HOH B 2 .   ? -6.802  -2.176  9.242   1.00 38.12 ? 11  HOH A O   1 
HETATM 1251 O O   . HOH B 2 .   ? 14.116  1.602   -12.580 1.00 46.43 ? 12  HOH A O   1 
HETATM 1252 O O   . HOH B 2 .   ? 11.063  9.504   -9.174  1.00 58.02 ? 13  HOH A O   1 
HETATM 1253 O O   . HOH B 2 .   ? 6.466   3.257   -11.575 1.00 37.56 ? 14  HOH A O   1 
HETATM 1254 O O   . HOH B 2 .   ? -8.118  -3.549  -13.376 1.00 20.28 ? 15  HOH A O   1 
HETATM 1255 O O   . HOH B 2 .   ? 0.601   -13.688 -10.659 1.00 54.08 ? 16  HOH A O   1 
HETATM 1256 O O   . HOH B 2 .   ? -15.210 -12.580 -1.828  1.00 34.92 ? 17  HOH A O   1 
HETATM 1257 O O   . HOH B 2 .   ? -10.652 -7.720  -8.800  1.00 26.93 ? 18  HOH A O   1 
HETATM 1258 O O   . HOH B 2 .   ? 12.235  -1.913  11.340  1.00 21.17 ? 19  HOH A O   1 
HETATM 1259 O O   . HOH B 2 .   ? -18.951 0.090   6.935   1.00 43.24 ? 20  HOH A O   1 
HETATM 1260 O O   . HOH B 2 .   ? -9.777  -13.373 -5.434  1.00 45.93 ? 21  HOH A O   1 
HETATM 1261 O O   . HOH B 2 .   ? 12.569  -8.075  -20.513 1.00 45.50 ? 22  HOH A O   1 
HETATM 1262 O O   . HOH B 2 .   ? -5.629  1.064   15.126  1.00 41.54 ? 23  HOH A O   1 
HETATM 1263 O O   . HOH B 2 .   ? 8.858   20.293  2.396   1.00 44.19 ? 24  HOH A O   1 
HETATM 1264 O O   . HOH B 2 .   ? -4.323  -10.964 -4.872  1.00 30.22 ? 25  HOH A O   1 
HETATM 1265 O O   . HOH B 2 .   ? 17.550  6.192   -7.927  1.00 19.65 ? 26  HOH A O   1 
HETATM 1266 O O   . HOH B 2 .   ? -6.779  -14.267 -2.680  1.00 22.51 ? 27  HOH A O   1 
HETATM 1267 O O   . HOH B 2 .   ? 4.641   24.206  1.487   1.00 58.92 ? 28  HOH A O   1 
HETATM 1268 O O   . HOH B 2 .   ? 1.342   -10.115 -7.499  1.00 25.90 ? 29  HOH A O   1 
HETATM 1269 O O   . HOH B 2 .   ? -1.743  4.417   9.812   1.00 15.34 ? 30  HOH A O   1 
HETATM 1270 O O   . HOH B 2 .   ? -3.712  -13.379 -5.848  1.00 14.46 ? 31  HOH A O   1 
HETATM 1271 O O   . HOH B 2 .   ? 12.739  5.211   10.378  1.00 19.86 ? 32  HOH A O   1 
HETATM 1272 O O   . HOH B 2 .   ? -4.580  -4.256  9.478   1.00 45.44 ? 33  HOH A O   1 
HETATM 1273 O O   . HOH B 2 .   ? 8.952   11.227  4.802   1.00 23.14 ? 34  HOH A O   1 
HETATM 1274 O O   . HOH B 2 .   ? -0.501  5.791   -9.130  1.00 35.97 ? 35  HOH A O   1 
HETATM 1275 O O   . HOH B 2 .   ? 15.490  10.902  -1.937  1.00 31.33 ? 36  HOH A O   1 
HETATM 1276 O O   . HOH B 2 .   ? 15.483  -10.701 -0.584  1.00 31.53 ? 37  HOH A O   1 
HETATM 1277 O O   . HOH B 2 .   ? 4.582   -14.284 9.835   1.00 38.68 ? 38  HOH A O   1 
HETATM 1278 O O   . HOH B 2 .   ? -1.139  -4.655  -13.585 1.00 13.70 ? 39  HOH A O   1 
HETATM 1279 O O   . HOH B 2 .   ? -8.985  -3.570  15.892  1.00 45.82 ? 40  HOH A O   1 
HETATM 1280 O O   . HOH B 2 .   ? -0.989  9.198   -8.310  1.00 54.36 ? 41  HOH A O   1 
HETATM 1281 O O   . HOH B 2 .   ? 0.612   -12.815 3.505   1.00 18.62 ? 42  HOH A O   1 
HETATM 1282 O O   . HOH B 2 .   ? -2.160  2.315   -12.557 1.00 47.10 ? 43  HOH A O   1 
HETATM 1283 O O   . HOH B 2 .   ? 15.355  0.755   5.564   1.00 53.28 ? 44  HOH A O   1 
HETATM 1284 O O   . HOH B 2 .   ? 0.996   -14.795 -13.243 1.00 43.53 ? 45  HOH A O   1 
HETATM 1285 O O   . HOH B 2 .   ? -8.027  -0.765  -13.945 1.00 23.71 ? 46  HOH A O   1 
# 
